data_6XUH
#
_entry.id   6XUH
#
_cell.length_a   96.110
_cell.length_b   96.110
_cell.length_c   271.450
_cell.angle_alpha   90.000
_cell.angle_beta   90.000
_cell.angle_gamma   90.000
#
_symmetry.space_group_name_H-M   'P 43'
#
loop_
_entity.id
_entity.type
_entity.pdbx_description
1 polymer 'Glucose-6-phosphate isomerase'
2 non-polymer '5-PHOSPHOARABINONIC ACID'
3 non-polymer '(2R,3R,4S)-5-((2-aminoethyl)amino)-2,3,4-trihydroxy-5-oxopentyl dihydrogen phosphate'
4 water water
#
_entity_poly.entity_id   1
_entity_poly.type   'polypeptide(L)'
_entity_poly.pdbx_seq_one_letter_code
;AALTRDPQFQKLQQWYREHRSELNLRRLFDANKDRFNHFSLTLNTNHGHILVDYSKNLVTEDVMRMLVDLAKSRGVEAAR
ERMFNGEKINYTEGRAVLHVALRNRSNTPILVDGKDVMPEVNKVLDKMKSFCQRVRSGDWKGYTGKTITDVINIGIGGSD
LGPLMVTEALKPYSSGGPRVWYVSNIDGTHIAKTLAQLNPESSLFIIASKTFTTQETITNAETAKEWFLQAAKDPSAVAK
HFVALSTNTTKVKEFGIDPQNMFEFWDWVGGRYSLWSAIGLSIALHVGFDNFEQLLSGAHWMDQHFRTTPLEKNAPVLLA
LLGIWYINCFGCETHAMLPYDQYLHRFAAYFQQGDMESNGKYITKSGTRVDHQTGPIVWGEPGTNGQHAFYQLIHQGTKM
IPCDFLIPVQTQHPIRKGLHHKILLANFLAQTEALMRGKSTEEARKELQAAGKSPEDLERLLPHKVFEGNRPTNSIVFTK
LTPFMLGALVAMYEHKIFVQGIIWDINSFDQWGVELGKQLAKKIEPELDGSAQVTSHDASTNGLINFIKQQREARV
;
_entity_poly.pdbx_strand_id   A,B,C,D
#
# COMPACT_ATOMS: atom_id res chain seq x y z
N ALA A 1 -28.10 26.44 40.29
CA ALA A 1 -28.30 24.99 40.04
C ALA A 1 -27.35 24.12 40.88
N ALA A 2 -27.80 22.91 41.23
CA ALA A 2 -27.04 21.95 42.03
C ALA A 2 -25.75 21.41 41.36
N LEU A 3 -25.75 21.33 40.03
CA LEU A 3 -24.59 20.82 39.28
C LEU A 3 -23.35 21.69 39.36
N THR A 4 -23.53 23.01 39.19
CA THR A 4 -22.40 23.97 39.27
C THR A 4 -21.78 24.00 40.67
N ARG A 5 -22.58 23.66 41.69
CA ARG A 5 -22.17 23.61 43.10
C ARG A 5 -21.39 22.33 43.48
N ASP A 6 -21.55 21.26 42.69
CA ASP A 6 -20.90 19.95 42.90
C ASP A 6 -19.37 20.02 42.88
N PRO A 7 -18.69 19.34 43.86
CA PRO A 7 -17.22 19.41 43.95
C PRO A 7 -16.49 18.68 42.82
N GLN A 8 -17.06 17.58 42.32
CA GLN A 8 -16.46 16.81 41.24
C GLN A 8 -16.57 17.48 39.87
N PHE A 9 -17.66 18.23 39.69
CA PHE A 9 -17.90 19.03 38.49
C PHE A 9 -16.86 20.13 38.38
N GLN A 10 -16.62 20.83 39.49
CA GLN A 10 -15.64 21.91 39.58
C GLN A 10 -14.21 21.41 39.39
N LYS A 11 -13.95 20.18 39.86
CA LYS A 11 -12.66 19.50 39.67
C LYS A 11 -12.42 19.19 38.18
N LEU A 12 -13.49 18.79 37.49
CA LEU A 12 -13.47 18.51 36.05
C LEU A 12 -13.28 19.77 35.21
N GLN A 13 -13.94 20.86 35.60
CA GLN A 13 -13.82 22.18 34.95
C GLN A 13 -12.44 22.78 35.11
N GLN A 14 -11.82 22.51 36.26
CA GLN A 14 -10.47 22.97 36.57
C GLN A 14 -9.39 22.24 35.78
N TRP A 15 -9.57 20.93 35.59
CA TRP A 15 -8.66 20.10 34.79
C TRP A 15 -8.69 20.51 33.31
N TYR A 16 -9.91 20.73 32.80
CA TYR A 16 -10.16 21.16 31.43
C TYR A 16 -9.51 22.50 31.12
N ARG A 17 -9.60 23.45 32.06
CA ARG A 17 -9.02 24.76 31.91
C ARG A 17 -7.48 24.79 31.92
N GLU A 18 -6.87 23.76 32.52
CA GLU A 18 -5.41 23.63 32.64
C GLU A 18 -4.76 22.73 31.57
N HIS A 19 -5.41 21.61 31.24
CA HIS A 19 -4.83 20.60 30.33
C HIS A 19 -5.60 20.40 29.01
N ARG A 20 -6.30 21.43 28.53
CA ARG A 20 -7.04 21.39 27.27
C ARG A 20 -6.12 21.18 26.05
N SER A 21 -5.03 21.96 26.02
CA SER A 21 -4.07 21.96 24.92
C SER A 21 -3.28 20.64 24.79
N GLU A 22 -3.11 19.93 25.92
CA GLU A 22 -2.44 18.62 25.92
C GLU A 22 -3.29 17.43 25.49
N LEU A 23 -4.56 17.67 25.20
CA LEU A 23 -5.48 16.63 24.67
C LEU A 23 -5.43 16.58 23.13
N ASN A 24 -4.47 15.84 22.59
CA ASN A 24 -4.30 15.65 21.16
C ASN A 24 -4.36 14.15 20.83
N LEU A 25 -5.29 13.80 19.96
CA LEU A 25 -5.56 12.41 19.60
C LEU A 25 -4.39 11.68 18.96
N ARG A 26 -3.71 12.32 17.99
CA ARG A 26 -2.53 11.71 17.35
C ARG A 26 -1.40 11.47 18.34
N ARG A 27 -1.18 12.44 19.23
CA ARG A 27 -0.19 12.36 20.31
C ARG A 27 -0.51 11.27 21.33
N LEU A 28 -1.79 11.04 21.60
CA LEU A 28 -2.25 10.06 22.59
C LEU A 28 -2.20 8.61 22.09
N PHE A 29 -2.52 8.39 20.82
CA PHE A 29 -2.54 7.05 20.24
C PHE A 29 -1.16 6.40 20.04
N ASP A 30 -0.13 7.22 19.80
CA ASP A 30 1.25 6.70 19.73
C ASP A 30 1.98 6.73 21.08
N ALA A 31 1.29 7.23 22.12
CA ALA A 31 1.77 7.25 23.50
C ALA A 31 1.26 6.03 24.27
N ASN A 32 -0.05 5.77 24.15
CA ASN A 32 -0.70 4.61 24.75
C ASN A 32 -1.03 3.63 23.62
N LYS A 33 -0.22 2.58 23.51
CA LYS A 33 -0.37 1.53 22.48
C LYS A 33 -1.66 0.73 22.61
N ASP A 34 -2.15 0.60 23.85
CA ASP A 34 -3.38 -0.12 24.17
C ASP A 34 -4.53 0.82 24.54
N ARG A 35 -4.61 1.96 23.84
CA ARG A 35 -5.66 2.97 24.09
C ARG A 35 -7.07 2.50 23.77
N PHE A 36 -7.18 1.70 22.71
CA PHE A 36 -8.44 1.10 22.27
C PHE A 36 -8.98 0.20 23.39
N ASN A 37 -8.13 -0.69 23.91
CA ASN A 37 -8.50 -1.59 25.00
C ASN A 37 -8.92 -0.83 26.27
N HIS A 38 -8.17 0.23 26.58
CA HIS A 38 -8.43 1.07 27.75
C HIS A 38 -9.68 1.96 27.58
N PHE A 39 -10.10 2.21 26.34
CA PHE A 39 -11.27 3.05 26.07
C PHE A 39 -12.24 2.43 25.05
N SER A 40 -12.78 1.25 25.38
CA SER A 40 -13.79 0.54 24.57
C SER A 40 -14.56 -0.50 25.38
N LEU A 41 -15.81 -0.76 24.98
CA LEU A 41 -16.67 -1.72 25.64
C LEU A 41 -17.21 -2.75 24.68
N THR A 42 -16.93 -4.01 24.97
CA THR A 42 -17.48 -5.13 24.23
C THR A 42 -18.65 -5.69 25.06
N LEU A 43 -19.84 -5.63 24.48
CA LEU A 43 -21.05 -6.13 25.09
C LEU A 43 -21.55 -7.34 24.31
N ASN A 44 -21.71 -8.49 24.99
CA ASN A 44 -22.29 -9.68 24.37
C ASN A 44 -23.72 -9.89 24.85
N THR A 45 -24.67 -9.70 23.95
CA THR A 45 -26.09 -9.80 24.26
C THR A 45 -26.63 -11.24 24.08
N ASN A 46 -25.78 -12.10 23.50
CA ASN A 46 -26.11 -13.49 23.07
C ASN A 46 -26.97 -13.54 21.83
N HIS A 47 -27.32 -12.36 21.30
CA HIS A 47 -28.08 -12.21 20.06
C HIS A 47 -27.34 -11.23 19.12
N GLY A 48 -26.07 -11.01 19.44
CA GLY A 48 -25.16 -10.17 18.69
C GLY A 48 -24.26 -9.41 19.64
N HIS A 49 -23.09 -8.99 19.15
CA HIS A 49 -22.17 -8.18 19.94
C HIS A 49 -22.27 -6.67 19.62
N ILE A 50 -21.99 -5.84 20.63
CA ILE A 50 -21.87 -4.38 20.46
C ILE A 50 -20.52 -3.91 20.97
N LEU A 51 -19.72 -3.33 20.07
CA LEU A 51 -18.49 -2.64 20.42
C LEU A 51 -18.76 -1.15 20.49
N VAL A 52 -18.59 -0.57 21.67
CA VAL A 52 -18.68 0.87 21.87
C VAL A 52 -17.25 1.38 22.03
N ASP A 53 -16.66 1.79 20.89
CA ASP A 53 -15.29 2.31 20.82
C ASP A 53 -15.33 3.82 21.02
N TYR A 54 -14.97 4.24 22.24
CA TYR A 54 -14.93 5.66 22.59
C TYR A 54 -13.50 6.17 22.70
N SER A 55 -12.55 5.49 22.08
CA SER A 55 -11.13 5.86 22.18
C SER A 55 -10.74 7.04 21.30
N LYS A 56 -11.54 7.31 20.26
CA LYS A 56 -11.33 8.49 19.41
C LYS A 56 -11.87 9.79 20.03
N ASN A 57 -12.09 9.80 21.35
CA ASN A 57 -12.59 10.96 22.09
C ASN A 57 -11.48 11.71 22.82
N LEU A 58 -11.77 12.95 23.20
CA LEU A 58 -10.79 13.82 23.85
C LEU A 58 -10.78 13.63 25.37
N VAL A 59 -10.41 12.41 25.76
CA VAL A 59 -10.32 11.99 27.16
C VAL A 59 -9.05 11.16 27.42
N THR A 60 -8.51 11.29 28.63
CA THR A 60 -7.41 10.43 29.13
C THR A 60 -7.94 9.58 30.29
N GLU A 61 -7.02 8.88 30.98
CA GLU A 61 -7.36 8.05 32.14
C GLU A 61 -8.00 8.89 33.27
N ASP A 62 -7.43 10.07 33.51
CA ASP A 62 -7.87 11.00 34.57
C ASP A 62 -9.26 11.58 34.33
N VAL A 63 -9.55 11.95 33.07
CA VAL A 63 -10.84 12.56 32.67
C VAL A 63 -11.99 11.58 32.91
N MET A 64 -11.84 10.32 32.48
CA MET A 64 -12.86 9.28 32.70
C MET A 64 -13.12 9.00 34.18
N ARG A 65 -12.04 9.03 34.96
CA ARG A 65 -12.11 8.89 36.43
C ARG A 65 -12.98 9.99 37.06
N MET A 66 -12.72 11.25 36.69
CA MET A 66 -13.50 12.40 37.16
C MET A 66 -14.94 12.41 36.70
N LEU A 67 -15.17 11.95 35.48
CA LEU A 67 -16.53 11.84 34.94
C LEU A 67 -17.35 10.78 35.66
N VAL A 68 -16.73 9.62 35.92
CA VAL A 68 -17.34 8.56 36.78
C VAL A 68 -17.63 9.09 38.19
N ASP A 69 -16.69 9.87 38.75
CA ASP A 69 -16.84 10.54 40.06
C ASP A 69 -18.04 11.48 40.12
N LEU A 70 -18.28 12.22 39.04
CA LEU A 70 -19.44 13.10 38.90
C LEU A 70 -20.76 12.32 38.87
N ALA A 71 -20.78 11.18 38.17
CA ALA A 71 -21.95 10.30 38.14
C ALA A 71 -22.36 9.79 39.53
N LYS A 72 -21.36 9.45 40.35
CA LYS A 72 -21.57 9.03 41.74
C LYS A 72 -22.04 10.22 42.58
N SER A 73 -21.33 11.34 42.46
CA SER A 73 -21.60 12.60 43.16
C SER A 73 -23.01 13.18 42.90
N ARG A 74 -23.52 13.00 41.68
CA ARG A 74 -24.87 13.47 41.33
C ARG A 74 -25.97 12.44 41.64
N GLY A 75 -25.55 11.23 42.00
CA GLY A 75 -26.46 10.17 42.45
C GLY A 75 -27.20 9.52 41.30
N VAL A 76 -26.46 9.06 40.30
CA VAL A 76 -27.01 8.42 39.10
C VAL A 76 -27.60 7.04 39.43
N GLU A 77 -26.85 6.24 40.19
CA GLU A 77 -27.29 4.90 40.59
C GLU A 77 -28.58 4.89 41.43
N ALA A 78 -28.66 5.83 42.36
CA ALA A 78 -29.84 6.01 43.21
C ALA A 78 -31.07 6.40 42.39
N ALA A 79 -30.89 7.36 41.48
CA ALA A 79 -31.93 7.82 40.56
C ALA A 79 -32.41 6.75 39.60
N ARG A 80 -31.47 5.94 39.11
CA ARG A 80 -31.76 4.79 38.25
C ARG A 80 -32.72 3.83 38.94
N GLU A 81 -32.39 3.48 40.20
CA GLU A 81 -33.20 2.58 41.01
C GLU A 81 -34.61 3.11 41.20
N ARG A 82 -34.73 4.40 41.50
CA ARG A 82 -36.04 5.08 41.61
C ARG A 82 -36.90 4.92 40.36
N MET A 83 -36.29 4.97 39.17
CA MET A 83 -37.00 4.74 37.89
C MET A 83 -37.47 3.29 37.74
N PHE A 84 -36.55 2.33 37.87
CA PHE A 84 -36.86 0.89 37.72
C PHE A 84 -37.78 0.34 38.81
N ASN A 85 -37.76 0.96 40.00
CA ASN A 85 -38.62 0.55 41.12
C ASN A 85 -40.05 1.07 41.02
N GLY A 86 -40.30 2.04 40.13
CA GLY A 86 -41.65 2.55 39.87
C GLY A 86 -42.02 3.82 40.60
N GLU A 87 -41.01 4.50 41.15
CA GLU A 87 -41.21 5.73 41.89
C GLU A 87 -41.53 6.90 40.95
N LYS A 88 -42.24 7.90 41.48
CA LYS A 88 -42.77 9.03 40.69
C LYS A 88 -41.69 10.11 40.41
N ILE A 89 -40.73 9.75 39.55
CA ILE A 89 -39.59 10.63 39.21
C ILE A 89 -39.93 11.74 38.19
N ASN A 90 -41.10 11.62 37.56
CA ASN A 90 -41.69 12.70 36.77
C ASN A 90 -42.53 13.50 37.75
N TYR A 91 -41.83 14.30 38.56
CA TYR A 91 -42.40 15.04 39.68
C TYR A 91 -43.41 16.11 39.28
N THR A 92 -43.13 16.78 38.16
CA THR A 92 -43.95 17.88 37.64
C THR A 92 -45.37 17.44 37.24
N GLU A 93 -45.51 16.19 36.77
CA GLU A 93 -46.79 15.65 36.33
C GLU A 93 -47.39 14.66 37.34
N GLY A 94 -46.55 14.23 38.28
CA GLY A 94 -46.91 13.26 39.31
C GLY A 94 -47.10 11.87 38.72
N ARG A 95 -46.10 11.42 37.97
CA ARG A 95 -46.16 10.16 37.23
C ARG A 95 -44.90 9.34 37.46
N ALA A 96 -45.02 8.01 37.36
CA ALA A 96 -43.86 7.14 37.27
C ALA A 96 -43.26 7.21 35.85
N VAL A 97 -42.09 6.62 35.64
CA VAL A 97 -41.44 6.60 34.33
C VAL A 97 -41.04 5.15 34.06
N LEU A 98 -41.92 4.43 33.36
CA LEU A 98 -41.75 3.00 33.24
C LEU A 98 -41.87 2.47 31.82
N HIS A 99 -41.01 2.96 30.93
CA HIS A 99 -40.92 2.36 29.61
C HIS A 99 -40.22 1.01 29.75
N VAL A 100 -39.31 0.93 30.74
CA VAL A 100 -38.59 -0.32 31.09
C VAL A 100 -39.52 -1.49 31.47
N ALA A 101 -40.65 -1.17 32.11
CA ALA A 101 -41.71 -2.15 32.48
C ALA A 101 -42.39 -2.76 31.27
N LEU A 102 -42.59 -1.97 30.21
CA LEU A 102 -43.29 -2.43 29.00
C LEU A 102 -42.57 -3.56 28.26
N ARG A 103 -41.25 -3.64 28.47
CA ARG A 103 -40.38 -4.63 27.86
C ARG A 103 -39.77 -5.62 28.89
N ASN A 104 -40.32 -5.64 30.11
CA ASN A 104 -39.79 -6.48 31.20
C ASN A 104 -40.19 -7.93 30.98
N ARG A 105 -39.28 -8.67 30.32
CA ARG A 105 -39.49 -10.07 29.90
C ARG A 105 -39.39 -11.05 31.08
N SER A 106 -38.60 -10.67 32.09
CA SER A 106 -38.44 -11.43 33.35
C SER A 106 -39.76 -11.54 34.12
N ASN A 107 -40.62 -10.55 33.90
CA ASN A 107 -41.93 -10.39 34.56
C ASN A 107 -41.83 -10.11 36.08
N THR A 108 -40.62 -9.72 36.53
CA THR A 108 -40.36 -9.29 37.90
C THR A 108 -41.25 -8.10 38.24
N PRO A 109 -41.90 -8.10 39.44
CA PRO A 109 -42.90 -7.06 39.72
C PRO A 109 -42.34 -5.64 39.86
N ILE A 110 -43.07 -4.70 39.27
CA ILE A 110 -42.78 -3.26 39.37
C ILE A 110 -44.06 -2.62 39.93
N LEU A 111 -43.91 -1.95 41.06
CA LEU A 111 -45.06 -1.47 41.84
C LEU A 111 -45.28 0.04 41.75
N VAL A 112 -46.44 0.39 41.20
CA VAL A 112 -46.92 1.77 41.08
C VAL A 112 -48.21 1.85 41.89
N ASP A 113 -48.17 2.70 42.91
CA ASP A 113 -49.27 2.89 43.88
C ASP A 113 -49.71 1.58 44.53
N GLY A 114 -48.69 0.82 44.96
CA GLY A 114 -48.87 -0.47 45.64
C GLY A 114 -49.38 -1.62 44.78
N LYS A 115 -49.42 -1.44 43.46
CA LYS A 115 -49.97 -2.44 42.55
C LYS A 115 -49.01 -2.76 41.42
N ASP A 116 -48.87 -4.05 41.11
CA ASP A 116 -47.99 -4.51 40.05
C ASP A 116 -48.62 -4.17 38.69
N VAL A 117 -47.82 -3.45 37.88
CA VAL A 117 -48.26 -2.99 36.57
C VAL A 117 -48.15 -4.09 35.51
N MET A 118 -47.24 -5.05 35.79
CA MET A 118 -46.91 -6.14 34.88
C MET A 118 -48.07 -6.98 34.34
N PRO A 119 -49.07 -7.37 35.17
CA PRO A 119 -50.18 -8.14 34.61
C PRO A 119 -50.98 -7.40 33.54
N GLU A 120 -51.11 -6.09 33.71
CA GLU A 120 -51.82 -5.25 32.74
C GLU A 120 -50.98 -5.02 31.47
N VAL A 121 -49.66 -4.90 31.65
CA VAL A 121 -48.70 -4.80 30.54
C VAL A 121 -48.79 -6.02 29.63
N ASN A 122 -48.70 -7.21 30.24
CA ASN A 122 -48.75 -8.50 29.53
C ASN A 122 -50.13 -8.80 28.90
N LYS A 123 -51.19 -8.27 29.51
CA LYS A 123 -52.54 -8.43 28.98
C LYS A 123 -52.73 -7.68 27.65
N VAL A 124 -52.24 -6.43 27.58
CA VAL A 124 -52.28 -5.64 26.33
C VAL A 124 -51.45 -6.32 25.24
N LEU A 125 -50.25 -6.80 25.60
CA LEU A 125 -49.40 -7.57 24.67
C LEU A 125 -50.08 -8.83 24.10
N ASP A 126 -50.82 -9.55 24.95
CA ASP A 126 -51.61 -10.72 24.53
C ASP A 126 -52.70 -10.32 23.54
N LYS A 127 -53.39 -9.21 23.83
CA LYS A 127 -54.40 -8.65 22.95
C LYS A 127 -53.78 -8.18 21.61
N MET A 128 -52.57 -7.62 21.69
CA MET A 128 -51.80 -7.23 20.51
C MET A 128 -51.47 -8.44 19.62
N LYS A 129 -50.88 -9.47 20.25
CA LYS A 129 -50.49 -10.73 19.60
C LYS A 129 -51.64 -11.39 18.84
N SER A 130 -52.79 -11.51 19.52
CA SER A 130 -53.98 -12.11 18.96
C SER A 130 -54.47 -11.32 17.76
N PHE A 131 -54.58 -10.00 17.94
CA PHE A 131 -54.99 -9.07 16.88
C PHE A 131 -54.09 -9.17 15.64
N CYS A 132 -52.77 -9.10 15.86
CA CYS A 132 -51.78 -9.25 14.78
C CYS A 132 -51.91 -10.57 14.00
N GLN A 133 -51.94 -11.69 14.74
CA GLN A 133 -52.15 -13.03 14.17
C GLN A 133 -53.43 -13.12 13.36
N ARG A 134 -54.51 -12.54 13.90
CA ARG A 134 -55.80 -12.45 13.19
C ARG A 134 -55.76 -11.62 11.89
N VAL A 135 -55.15 -10.43 11.95
CA VAL A 135 -55.01 -9.52 10.79
C VAL A 135 -54.03 -10.07 9.71
N ARG A 136 -52.82 -10.44 10.16
CA ARG A 136 -51.73 -10.94 9.27
C ARG A 136 -52.05 -12.23 8.50
N SER A 137 -52.81 -13.13 9.13
CA SER A 137 -53.25 -14.38 8.48
C SER A 137 -54.36 -14.16 7.43
N GLY A 138 -55.43 -13.50 7.86
CA GLY A 138 -56.61 -13.25 7.03
C GLY A 138 -57.90 -13.53 7.78
N ASP A 139 -57.76 -13.87 9.07
CA ASP A 139 -58.88 -14.18 9.96
C ASP A 139 -59.76 -12.94 10.20
N TRP A 140 -59.12 -11.79 10.42
CA TRP A 140 -59.79 -10.49 10.50
C TRP A 140 -60.08 -10.00 9.09
N LYS A 141 -61.36 -9.94 8.73
CA LYS A 141 -61.78 -9.52 7.40
C LYS A 141 -62.36 -8.10 7.41
N GLY A 142 -62.37 -7.48 6.23
CA GLY A 142 -62.99 -6.17 6.03
C GLY A 142 -64.50 -6.22 5.92
N TYR A 143 -65.11 -5.07 5.66
CA TYR A 143 -66.57 -4.97 5.55
C TYR A 143 -67.14 -5.71 4.34
N THR A 144 -66.30 -5.89 3.30
CA THR A 144 -66.64 -6.67 2.10
C THR A 144 -66.08 -8.08 2.17
N GLY A 145 -65.48 -8.41 3.32
CA GLY A 145 -64.86 -9.71 3.58
C GLY A 145 -63.48 -9.89 2.98
N LYS A 146 -62.77 -8.77 2.77
CA LYS A 146 -61.44 -8.78 2.16
C LYS A 146 -60.35 -8.66 3.22
N THR A 147 -59.23 -9.37 2.98
CA THR A 147 -58.08 -9.38 3.89
C THR A 147 -57.33 -8.03 3.86
N ILE A 148 -56.91 -7.57 5.03
CA ILE A 148 -56.19 -6.30 5.22
C ILE A 148 -54.83 -6.31 4.52
N THR A 149 -54.65 -5.43 3.54
CA THR A 149 -53.39 -5.26 2.78
C THR A 149 -52.62 -4.01 3.22
N ASP A 150 -53.36 -3.10 3.83
CA ASP A 150 -52.82 -1.80 4.24
C ASP A 150 -53.15 -1.45 5.68
N VAL A 151 -52.12 -1.09 6.44
CA VAL A 151 -52.23 -0.61 7.82
C VAL A 151 -51.80 0.86 7.86
N ILE A 152 -52.63 1.71 8.47
CA ILE A 152 -52.41 3.15 8.49
C ILE A 152 -52.41 3.65 9.91
N ASN A 153 -51.29 4.21 10.35
CA ASN A 153 -51.16 4.78 11.69
C ASN A 153 -51.39 6.29 11.60
N ILE A 154 -52.38 6.75 12.36
CA ILE A 154 -52.71 8.17 12.52
C ILE A 154 -52.31 8.58 13.92
N GLY A 155 -51.28 9.42 14.00
CA GLY A 155 -50.74 9.88 15.28
C GLY A 155 -49.60 10.83 14.97
N ILE A 156 -49.22 11.65 15.95
CA ILE A 156 -48.17 12.65 15.77
C ILE A 156 -47.18 12.58 16.95
N GLY A 157 -45.91 12.91 16.69
CA GLY A 157 -44.88 12.92 17.72
C GLY A 157 -44.49 11.55 18.22
N GLY A 158 -44.67 11.34 19.52
CA GLY A 158 -44.42 10.04 20.17
C GLY A 158 -45.39 8.97 19.72
N SER A 159 -46.59 9.39 19.33
CA SER A 159 -47.57 8.47 18.73
C SER A 159 -47.33 8.21 17.24
N ASP A 160 -46.12 8.51 16.75
CA ASP A 160 -45.77 8.41 15.32
C ASP A 160 -44.32 7.99 15.06
N LEU A 161 -43.38 8.72 15.61
CA LEU A 161 -41.96 8.63 15.19
C LEU A 161 -41.28 7.32 15.56
N GLY A 162 -41.62 6.78 16.74
CA GLY A 162 -41.19 5.45 17.18
C GLY A 162 -41.53 4.35 16.19
N PRO A 163 -42.82 4.12 15.93
CA PRO A 163 -43.18 3.03 15.01
C PRO A 163 -42.72 3.25 13.59
N LEU A 164 -42.68 4.52 13.15
CA LEU A 164 -42.20 4.90 11.83
C LEU A 164 -40.74 4.47 11.66
N MET A 165 -39.88 4.97 12.55
CA MET A 165 -38.46 4.62 12.56
C MET A 165 -38.22 3.10 12.61
N VAL A 166 -38.95 2.38 13.47
CA VAL A 166 -38.78 0.94 13.67
C VAL A 166 -39.24 0.11 12.46
N THR A 167 -40.39 0.45 11.89
CA THR A 167 -40.88 -0.25 10.67
C THR A 167 -39.96 0.00 9.46
N GLU A 168 -39.36 1.19 9.39
CA GLU A 168 -38.36 1.51 8.38
C GLU A 168 -37.06 0.75 8.59
N ALA A 169 -36.64 0.68 9.85
CA ALA A 169 -35.43 -0.06 10.25
C ALA A 169 -35.52 -1.57 10.08
N LEU A 170 -36.70 -2.15 10.33
CA LEU A 170 -36.89 -3.59 10.26
C LEU A 170 -37.66 -4.03 9.01
N LYS A 171 -37.62 -3.21 7.97
CA LYS A 171 -38.29 -3.48 6.69
C LYS A 171 -38.07 -4.90 6.10
N PRO A 172 -36.82 -5.47 6.14
CA PRO A 172 -36.72 -6.81 5.54
C PRO A 172 -37.37 -7.96 6.32
N TYR A 173 -37.87 -7.66 7.52
CA TYR A 173 -38.59 -8.63 8.38
C TYR A 173 -40.12 -8.53 8.22
N SER A 174 -40.57 -7.71 7.26
CA SER A 174 -41.99 -7.44 7.02
C SER A 174 -42.63 -8.32 5.95
N SER A 175 -41.96 -9.40 5.57
CA SER A 175 -42.49 -10.33 4.57
C SER A 175 -43.77 -10.99 5.08
N GLY A 176 -44.83 -10.92 4.28
CA GLY A 176 -46.17 -11.43 4.66
C GLY A 176 -46.92 -10.58 5.69
N GLY A 177 -46.46 -9.36 5.87
CA GLY A 177 -47.15 -8.34 6.65
C GLY A 177 -47.75 -7.29 5.73
N PRO A 178 -48.81 -6.59 6.19
CA PRO A 178 -49.39 -5.52 5.36
C PRO A 178 -48.46 -4.31 5.27
N ARG A 179 -48.64 -3.49 4.23
CA ARG A 179 -47.90 -2.24 4.07
C ARG A 179 -48.23 -1.30 5.23
N VAL A 180 -47.23 -0.58 5.75
CA VAL A 180 -47.48 0.43 6.78
C VAL A 180 -47.39 1.85 6.27
N TRP A 181 -48.37 2.67 6.65
CA TRP A 181 -48.46 4.08 6.27
C TRP A 181 -48.54 4.91 7.55
N TYR A 182 -47.90 6.07 7.53
CA TYR A 182 -47.82 6.93 8.70
C TYR A 182 -48.28 8.36 8.39
N VAL A 183 -49.48 8.68 8.87
CA VAL A 183 -50.09 10.00 8.74
C VAL A 183 -49.91 10.70 10.10
N SER A 184 -49.26 11.88 10.07
CA SER A 184 -48.96 12.59 11.31
C SER A 184 -49.32 14.08 11.27
N ASN A 185 -48.79 14.80 10.27
CA ASN A 185 -48.98 16.24 10.06
C ASN A 185 -50.47 16.61 9.95
N ILE A 186 -50.82 17.80 10.45
CA ILE A 186 -52.17 18.32 10.21
C ILE A 186 -52.37 18.64 8.73
N ASP A 187 -51.28 19.07 8.08
CA ASP A 187 -51.23 19.36 6.65
C ASP A 187 -51.99 18.29 5.90
N GLY A 188 -53.07 18.71 5.25
CA GLY A 188 -53.99 17.85 4.51
C GLY A 188 -53.35 17.02 3.41
N THR A 189 -52.16 17.45 2.98
CA THR A 189 -51.31 16.72 2.03
C THR A 189 -51.08 15.28 2.52
N HIS A 190 -50.63 15.15 3.78
CA HIS A 190 -50.27 13.86 4.39
C HIS A 190 -51.39 12.83 4.35
N ILE A 191 -52.56 13.22 4.86
CA ILE A 191 -53.74 12.36 4.89
C ILE A 191 -54.32 12.16 3.47
N ALA A 192 -54.36 13.22 2.65
CA ALA A 192 -54.90 13.15 1.29
C ALA A 192 -54.11 12.27 0.32
N LYS A 193 -52.79 12.44 0.30
CA LYS A 193 -51.93 11.64 -0.59
C LYS A 193 -51.88 10.17 -0.20
N THR A 194 -52.11 9.89 1.08
CA THR A 194 -52.22 8.50 1.59
C THR A 194 -53.53 7.85 1.11
N LEU A 195 -54.68 8.47 1.45
CA LEU A 195 -56.01 7.92 1.13
C LEU A 195 -56.24 7.66 -0.35
N ALA A 196 -55.57 8.48 -1.18
CA ALA A 196 -55.59 8.34 -2.64
C ALA A 196 -54.93 7.04 -3.13
N GLN A 197 -54.11 6.43 -2.28
CA GLN A 197 -53.42 5.18 -2.60
C GLN A 197 -54.06 3.92 -1.98
N LEU A 198 -54.98 4.13 -1.04
CA LEU A 198 -55.62 3.02 -0.32
C LEU A 198 -57.03 2.71 -0.85
N ASN A 199 -57.42 1.44 -0.67
CA ASN A 199 -58.77 0.93 -0.91
C ASN A 199 -59.43 0.71 0.47
N PRO A 200 -60.61 1.33 0.73
CA PRO A 200 -61.20 1.23 2.09
C PRO A 200 -61.67 -0.19 2.49
N GLU A 201 -61.84 -1.09 1.52
CA GLU A 201 -62.22 -2.49 1.73
C GLU A 201 -61.14 -3.31 2.43
N SER A 202 -59.87 -2.97 2.16
CA SER A 202 -58.71 -3.68 2.68
C SER A 202 -57.75 -2.79 3.50
N SER A 203 -58.27 -1.78 4.19
CA SER A 203 -57.45 -0.85 4.97
C SER A 203 -57.84 -0.78 6.45
N LEU A 204 -56.83 -0.87 7.32
CA LEU A 204 -57.01 -0.77 8.77
C LEU A 204 -56.38 0.51 9.30
N PHE A 205 -57.16 1.29 10.03
CA PHE A 205 -56.72 2.56 10.58
C PHE A 205 -56.47 2.44 12.07
N ILE A 206 -55.32 2.95 12.49
CA ILE A 206 -54.92 2.91 13.90
C ILE A 206 -54.82 4.35 14.41
N ILE A 207 -55.63 4.68 15.41
CA ILE A 207 -55.64 6.05 15.95
C ILE A 207 -54.81 6.05 17.22
N ALA A 208 -53.51 6.32 17.02
CA ALA A 208 -52.52 6.36 18.09
C ALA A 208 -52.54 7.73 18.74
N SER A 209 -53.04 7.77 19.97
CA SER A 209 -53.07 9.00 20.78
C SER A 209 -53.28 8.69 22.25
N LYS A 210 -52.27 9.03 23.08
CA LYS A 210 -52.28 8.86 24.53
C LYS A 210 -53.49 9.52 25.19
N THR A 211 -53.66 10.82 24.91
CA THR A 211 -54.76 11.63 25.45
C THR A 211 -56.05 11.48 24.67
N PHE A 212 -55.95 11.15 23.38
CA PHE A 212 -57.09 11.07 22.44
C PHE A 212 -57.86 12.41 22.30
N THR A 213 -57.11 13.53 22.45
CA THR A 213 -57.64 14.89 22.35
C THR A 213 -56.87 15.75 21.33
N THR A 214 -55.62 15.35 21.04
CA THR A 214 -54.69 16.07 20.16
C THR A 214 -55.32 16.41 18.80
N GLN A 215 -55.29 17.70 18.49
CA GLN A 215 -55.95 18.27 17.30
C GLN A 215 -55.57 17.58 15.98
N GLU A 216 -54.27 17.50 15.70
CA GLU A 216 -53.72 16.83 14.50
C GLU A 216 -54.27 15.42 14.29
N THR A 217 -54.13 14.56 15.31
CA THR A 217 -54.53 13.16 15.27
C THR A 217 -56.05 13.02 15.10
N ILE A 218 -56.81 13.73 15.94
CA ILE A 218 -58.28 13.68 15.91
C ILE A 218 -58.86 14.15 14.57
N THR A 219 -58.36 15.28 14.07
CA THR A 219 -58.79 15.82 12.75
C THR A 219 -58.47 14.84 11.61
N ASN A 220 -57.23 14.32 11.60
CA ASN A 220 -56.81 13.30 10.63
C ASN A 220 -57.64 12.02 10.71
N ALA A 221 -57.99 11.65 11.94
CA ALA A 221 -58.82 10.46 12.23
C ALA A 221 -60.26 10.65 11.75
N GLU A 222 -60.79 11.86 11.95
CA GLU A 222 -62.13 12.19 11.49
C GLU A 222 -62.24 12.23 9.96
N THR A 223 -61.18 12.71 9.29
CA THR A 223 -61.12 12.77 7.83
C THR A 223 -61.11 11.38 7.21
N ALA A 224 -60.28 10.50 7.78
CA ALA A 224 -60.18 9.11 7.35
C ALA A 224 -61.50 8.36 7.54
N LYS A 225 -62.14 8.59 8.69
CA LYS A 225 -63.45 8.00 9.02
C LYS A 225 -64.54 8.46 8.05
N GLU A 226 -64.51 9.74 7.70
CA GLU A 226 -65.41 10.34 6.72
C GLU A 226 -65.15 9.78 5.31
N TRP A 227 -63.86 9.62 4.96
CA TRP A 227 -63.43 9.02 3.69
C TRP A 227 -63.86 7.54 3.57
N PHE A 228 -63.74 6.81 4.68
CA PHE A 228 -64.14 5.40 4.75
C PHE A 228 -65.66 5.20 4.62
N LEU A 229 -66.43 5.97 5.39
CA LEU A 229 -67.90 5.93 5.39
C LEU A 229 -68.54 6.42 4.08
N GLN A 230 -67.77 7.18 3.29
CA GLN A 230 -68.19 7.64 1.96
C GLN A 230 -68.28 6.51 0.93
N ALA A 231 -67.57 5.42 1.19
CA ALA A 231 -67.55 4.23 0.33
C ALA A 231 -68.31 3.05 0.94
N ALA A 232 -68.25 2.93 2.27
CA ALA A 232 -68.90 1.85 3.02
C ALA A 232 -70.38 2.10 3.30
N LYS A 233 -70.71 3.32 3.74
CA LYS A 233 -72.08 3.76 4.07
C LYS A 233 -72.75 3.07 5.27
N ASP A 234 -71.96 2.34 6.05
CA ASP A 234 -72.44 1.56 7.19
C ASP A 234 -71.61 1.91 8.44
N PRO A 235 -72.24 2.46 9.52
CA PRO A 235 -71.49 2.83 10.75
C PRO A 235 -70.91 1.63 11.51
N SER A 236 -71.48 0.44 11.27
CA SER A 236 -71.06 -0.83 11.88
C SER A 236 -69.72 -1.35 11.37
N ALA A 237 -69.38 -0.95 10.14
CA ALA A 237 -68.12 -1.32 9.47
C ALA A 237 -66.86 -0.66 10.09
N VAL A 238 -67.07 0.45 10.82
CA VAL A 238 -66.01 1.18 11.54
C VAL A 238 -65.26 0.27 12.56
N ALA A 239 -65.99 -0.66 13.16
CA ALA A 239 -65.43 -1.65 14.10
C ALA A 239 -64.53 -2.71 13.42
N LYS A 240 -64.61 -2.78 12.09
CA LYS A 240 -63.77 -3.67 11.28
C LYS A 240 -62.50 -2.99 10.70
N HIS A 241 -62.52 -1.66 10.59
CA HIS A 241 -61.42 -0.90 9.95
C HIS A 241 -60.75 0.18 10.82
N PHE A 242 -61.18 0.32 12.07
CA PHE A 242 -60.65 1.32 12.98
C PHE A 242 -60.36 0.76 14.36
N VAL A 243 -59.13 0.99 14.84
CA VAL A 243 -58.69 0.62 16.18
C VAL A 243 -58.02 1.81 16.85
N ALA A 244 -57.96 1.81 18.19
CA ALA A 244 -57.36 2.92 18.93
C ALA A 244 -56.33 2.49 19.95
N LEU A 245 -55.29 3.31 20.11
CA LEU A 245 -54.26 3.12 21.11
C LEU A 245 -54.28 4.34 22.02
N SER A 246 -54.82 4.17 23.22
CA SER A 246 -55.03 5.29 24.15
C SER A 246 -55.03 4.89 25.62
N THR A 247 -54.97 5.92 26.46
CA THR A 247 -55.16 5.82 27.93
C THR A 247 -56.60 6.22 28.32
N ASN A 248 -57.21 7.07 27.49
CA ASN A 248 -58.56 7.59 27.71
C ASN A 248 -59.61 6.70 27.04
N THR A 249 -60.32 5.94 27.87
CA THR A 249 -61.38 5.03 27.44
C THR A 249 -62.65 5.75 26.97
N THR A 250 -63.01 6.84 27.67
CA THR A 250 -64.20 7.62 27.36
C THR A 250 -64.12 8.27 25.98
N LYS A 251 -63.00 8.94 25.70
CA LYS A 251 -62.76 9.62 24.42
C LYS A 251 -62.76 8.67 23.21
N VAL A 252 -62.24 7.46 23.39
CA VAL A 252 -62.20 6.40 22.35
C VAL A 252 -63.60 5.96 21.93
N LYS A 253 -64.44 5.63 22.92
CA LYS A 253 -65.85 5.24 22.69
C LYS A 253 -66.68 6.38 22.08
N GLU A 254 -66.43 7.61 22.55
CA GLU A 254 -67.04 8.83 22.03
C GLU A 254 -66.78 9.08 20.55
N PHE A 255 -65.58 8.69 20.09
CA PHE A 255 -65.17 8.83 18.70
C PHE A 255 -65.92 7.88 17.75
N GLY A 256 -66.36 6.73 18.27
CA GLY A 256 -67.13 5.73 17.49
C GLY A 256 -66.44 4.39 17.38
N ILE A 257 -65.31 4.28 18.08
CA ILE A 257 -64.49 3.08 18.07
C ILE A 257 -65.04 2.13 19.13
N ASP A 258 -65.28 0.88 18.71
CA ASP A 258 -65.67 -0.25 19.55
C ASP A 258 -64.74 -0.38 20.77
N PRO A 259 -65.28 -0.53 22.01
CA PRO A 259 -64.41 -0.63 23.20
C PRO A 259 -63.46 -1.85 23.23
N GLN A 260 -63.75 -2.86 22.41
CA GLN A 260 -62.92 -4.06 22.25
C GLN A 260 -61.84 -3.89 21.16
N ASN A 261 -61.86 -2.73 20.49
CA ASN A 261 -60.87 -2.34 19.49
C ASN A 261 -59.86 -1.35 20.07
N MET A 262 -59.78 -1.27 21.40
CA MET A 262 -58.83 -0.37 22.07
C MET A 262 -57.69 -1.11 22.76
N PHE A 263 -56.48 -0.62 22.51
CA PHE A 263 -55.27 -1.20 23.05
C PHE A 263 -54.68 -0.18 23.99
N GLU A 264 -54.81 -0.49 25.28
CA GLU A 264 -54.49 0.40 26.39
C GLU A 264 -53.00 0.57 26.64
N PHE A 265 -52.65 1.76 27.11
CA PHE A 265 -51.37 2.03 27.79
C PHE A 265 -51.60 3.03 28.93
N TRP A 266 -50.54 3.52 29.59
CA TRP A 266 -50.67 4.23 30.87
C TRP A 266 -49.92 5.55 30.85
N ASP A 267 -50.20 6.41 31.84
CA ASP A 267 -49.56 7.74 31.93
C ASP A 267 -48.06 7.72 32.20
N TRP A 268 -47.55 6.60 32.74
CA TRP A 268 -46.10 6.43 32.95
C TRP A 268 -45.38 5.94 31.67
N VAL A 269 -46.12 5.90 30.56
CA VAL A 269 -45.58 5.68 29.23
C VAL A 269 -45.55 7.05 28.52
N GLY A 270 -44.41 7.74 28.59
CA GLY A 270 -44.17 8.96 27.78
C GLY A 270 -44.18 8.69 26.29
N GLY A 271 -44.70 9.64 25.50
CA GLY A 271 -44.76 9.55 24.04
C GLY A 271 -43.43 9.12 23.40
N ARG A 272 -42.37 9.87 23.71
CA ARG A 272 -41.04 9.58 23.18
C ARG A 272 -40.37 8.31 23.72
N TYR A 273 -41.15 7.53 24.50
CA TYR A 273 -40.74 6.23 25.02
C TYR A 273 -41.89 5.20 24.87
N SER A 274 -42.81 5.47 23.95
CA SER A 274 -44.04 4.69 23.82
C SER A 274 -44.04 3.58 22.76
N LEU A 275 -43.04 3.55 21.88
CA LEU A 275 -43.00 2.55 20.80
C LEU A 275 -43.13 1.12 21.34
N TRP A 276 -42.60 0.90 22.55
CA TRP A 276 -42.60 -0.40 23.24
C TRP A 276 -43.99 -0.86 23.69
N SER A 277 -44.87 0.11 23.99
CA SER A 277 -46.26 -0.10 24.44
C SER A 277 -47.21 -0.49 23.32
N ALA A 278 -48.49 -0.13 23.46
CA ALA A 278 -49.51 -0.41 22.44
C ALA A 278 -49.29 0.43 21.18
N ILE A 279 -48.58 1.56 21.35
CA ILE A 279 -48.18 2.44 20.23
C ILE A 279 -47.45 1.67 19.12
N GLY A 280 -46.76 0.59 19.50
CA GLY A 280 -46.01 -0.24 18.58
C GLY A 280 -46.83 -1.30 17.89
N LEU A 281 -48.16 -1.14 17.88
CA LEU A 281 -49.04 -2.12 17.22
C LEU A 281 -48.78 -2.18 15.71
N SER A 282 -48.49 -1.02 15.11
CA SER A 282 -48.12 -0.92 13.69
C SER A 282 -46.84 -1.71 13.37
N ILE A 283 -45.86 -1.70 14.29
CA ILE A 283 -44.61 -2.47 14.17
C ILE A 283 -44.93 -3.96 14.19
N ALA A 284 -45.68 -4.37 15.22
CA ALA A 284 -46.11 -5.76 15.42
C ALA A 284 -46.99 -6.29 14.28
N LEU A 285 -47.75 -5.41 13.63
CA LEU A 285 -48.54 -5.80 12.46
C LEU A 285 -47.67 -5.99 11.21
N HIS A 286 -46.60 -5.19 11.11
CA HIS A 286 -45.74 -5.13 9.93
C HIS A 286 -44.77 -6.31 9.88
N VAL A 287 -44.02 -6.50 10.97
CA VAL A 287 -43.00 -7.55 11.04
C VAL A 287 -43.40 -8.77 11.90
N GLY A 288 -44.59 -8.73 12.51
CA GLY A 288 -45.11 -9.83 13.35
C GLY A 288 -44.83 -9.61 14.82
N PHE A 289 -45.63 -10.26 15.67
CA PHE A 289 -45.48 -10.13 17.12
C PHE A 289 -44.20 -10.79 17.67
N ASP A 290 -43.72 -11.81 16.96
CA ASP A 290 -42.48 -12.50 17.32
C ASP A 290 -41.28 -11.55 17.26
N ASN A 291 -41.20 -10.79 16.18
CA ASN A 291 -40.15 -9.77 16.00
C ASN A 291 -40.34 -8.60 16.93
N PHE A 292 -41.59 -8.26 17.24
CA PHE A 292 -41.88 -7.23 18.23
C PHE A 292 -41.47 -7.66 19.65
N GLU A 293 -41.65 -8.95 19.97
CA GLU A 293 -41.13 -9.53 21.23
C GLU A 293 -39.61 -9.44 21.31
N GLN A 294 -38.96 -9.77 20.19
CA GLN A 294 -37.51 -9.67 20.06
C GLN A 294 -36.98 -8.26 20.27
N LEU A 295 -37.73 -7.28 19.74
CA LEU A 295 -37.46 -5.86 19.94
C LEU A 295 -37.46 -5.47 21.41
N LEU A 296 -38.50 -5.92 22.13
CA LEU A 296 -38.64 -5.65 23.57
C LEU A 296 -37.60 -6.37 24.40
N SER A 297 -37.26 -7.59 23.96
CA SER A 297 -36.23 -8.43 24.62
C SER A 297 -34.85 -7.81 24.54
N GLY A 298 -34.56 -7.18 23.39
CA GLY A 298 -33.29 -6.47 23.18
C GLY A 298 -33.16 -5.25 24.09
N ALA A 299 -34.27 -4.53 24.24
CA ALA A 299 -34.32 -3.38 25.13
C ALA A 299 -34.14 -3.83 26.57
N HIS A 300 -34.84 -4.92 26.92
CA HIS A 300 -34.73 -5.56 28.23
C HIS A 300 -33.30 -5.91 28.61
N TRP A 301 -32.57 -6.56 27.69
CA TRP A 301 -31.14 -6.82 27.87
C TRP A 301 -30.35 -5.55 28.22
N MET A 302 -30.61 -4.47 27.47
CA MET A 302 -29.93 -3.19 27.71
C MET A 302 -30.32 -2.52 29.04
N ASP A 303 -31.61 -2.62 29.41
CA ASP A 303 -32.08 -2.16 30.72
C ASP A 303 -31.33 -2.89 31.84
N GLN A 304 -31.23 -4.21 31.71
CA GLN A 304 -30.53 -5.05 32.67
C GLN A 304 -29.02 -4.72 32.72
N HIS A 305 -28.45 -4.45 31.54
CA HIS A 305 -27.05 -4.05 31.45
C HIS A 305 -26.81 -2.73 32.17
N PHE A 306 -27.69 -1.76 31.92
CA PHE A 306 -27.64 -0.43 32.55
C PHE A 306 -27.77 -0.52 34.07
N ARG A 307 -28.71 -1.36 34.55
CA ARG A 307 -28.98 -1.50 35.98
C ARG A 307 -27.90 -2.22 36.79
N THR A 308 -27.27 -3.24 36.20
CA THR A 308 -26.33 -4.13 36.94
C THR A 308 -24.84 -3.82 36.74
N THR A 309 -24.47 -3.15 35.64
CA THR A 309 -23.05 -2.89 35.33
C THR A 309 -22.46 -1.69 36.11
N PRO A 310 -21.26 -1.85 36.74
CA PRO A 310 -20.58 -0.69 37.35
C PRO A 310 -20.37 0.46 36.36
N LEU A 311 -20.57 1.68 36.87
CA LEU A 311 -20.58 2.93 36.08
C LEU A 311 -19.43 3.12 35.09
N GLU A 312 -18.20 2.73 35.49
CA GLU A 312 -17.01 2.86 34.62
C GLU A 312 -16.98 1.91 33.40
N LYS A 313 -17.85 0.90 33.40
CA LYS A 313 -17.99 -0.06 32.29
C LYS A 313 -19.41 -0.13 31.71
N ASN A 314 -20.27 0.77 32.17
CA ASN A 314 -21.68 0.83 31.77
C ASN A 314 -21.83 1.64 30.46
N ALA A 315 -22.49 1.05 29.46
CA ALA A 315 -22.57 1.65 28.12
C ALA A 315 -23.33 3.00 28.05
N PRO A 316 -24.64 3.05 28.43
CA PRO A 316 -25.33 4.34 28.39
C PRO A 316 -24.73 5.39 29.31
N VAL A 317 -24.15 4.92 30.43
CA VAL A 317 -23.49 5.81 31.40
C VAL A 317 -22.26 6.50 30.79
N LEU A 318 -21.37 5.73 30.17
CA LEU A 318 -20.18 6.29 29.54
C LEU A 318 -20.49 7.23 28.37
N LEU A 319 -21.48 6.87 27.54
CA LEU A 319 -21.91 7.72 26.41
C LEU A 319 -22.49 9.04 26.86
N ALA A 320 -23.25 8.98 27.96
CA ALA A 320 -23.85 10.15 28.60
C ALA A 320 -22.78 11.08 29.16
N LEU A 321 -21.76 10.50 29.77
CA LEU A 321 -20.72 11.26 30.45
C LEU A 321 -19.78 11.95 29.48
N LEU A 322 -19.55 11.33 28.33
CA LEU A 322 -18.78 11.95 27.24
C LEU A 322 -19.54 13.18 26.72
N GLY A 323 -20.86 13.08 26.63
CA GLY A 323 -21.75 14.20 26.30
C GLY A 323 -21.62 15.40 27.24
N ILE A 324 -21.67 15.14 28.55
CA ILE A 324 -21.51 16.14 29.63
C ILE A 324 -20.16 16.87 29.47
N TRP A 325 -19.12 16.08 29.20
CA TRP A 325 -17.75 16.57 28.99
C TRP A 325 -17.59 17.57 27.82
N TYR A 326 -18.38 17.39 26.75
CA TYR A 326 -18.33 18.26 25.58
C TYR A 326 -19.29 19.46 25.67
N ILE A 327 -20.46 19.23 26.29
CA ILE A 327 -21.48 20.26 26.50
C ILE A 327 -21.07 21.27 27.57
N ASN A 328 -20.77 20.78 28.78
CA ASN A 328 -20.50 21.65 29.94
C ASN A 328 -19.05 22.11 30.10
N CYS A 329 -18.14 21.53 29.33
CA CYS A 329 -16.74 21.99 29.32
C CYS A 329 -16.32 22.58 27.97
N PHE A 330 -16.38 21.78 26.90
CA PHE A 330 -16.03 22.24 25.52
C PHE A 330 -17.03 23.26 24.93
N GLY A 331 -18.28 23.24 25.40
CA GLY A 331 -19.31 24.18 24.97
C GLY A 331 -20.14 23.78 23.75
N CYS A 332 -19.97 22.53 23.28
CA CYS A 332 -20.66 21.99 22.11
C CYS A 332 -22.17 22.03 22.25
N GLU A 333 -22.80 22.76 21.33
CA GLU A 333 -24.25 22.89 21.22
C GLU A 333 -24.89 21.67 20.59
N THR A 334 -24.14 20.93 19.78
CA THR A 334 -24.72 19.86 18.96
C THR A 334 -24.13 18.49 19.24
N HIS A 335 -24.85 17.47 18.78
CA HIS A 335 -24.42 16.09 18.84
C HIS A 335 -24.96 15.37 17.62
N ALA A 336 -24.07 14.81 16.82
CA ALA A 336 -24.43 14.19 15.54
C ALA A 336 -24.50 12.69 15.66
N MET A 337 -25.59 12.14 15.15
CA MET A 337 -25.79 10.71 15.10
C MET A 337 -25.84 10.29 13.64
N LEU A 338 -24.82 9.53 13.25
CA LEU A 338 -24.57 9.17 11.85
C LEU A 338 -24.57 7.64 11.64
N PRO A 339 -25.74 7.05 11.39
CA PRO A 339 -25.77 5.62 11.13
C PRO A 339 -25.39 5.28 9.70
N TYR A 340 -24.50 4.32 9.55
CA TYR A 340 -24.06 3.86 8.24
C TYR A 340 -24.97 2.71 7.80
N ASP A 341 -26.24 3.06 7.65
CA ASP A 341 -27.31 2.10 7.41
C ASP A 341 -28.53 2.83 6.88
N GLN A 342 -29.00 2.39 5.71
CA GLN A 342 -30.12 3.01 5.00
C GLN A 342 -31.48 2.66 5.64
N TYR A 343 -31.54 1.55 6.39
CA TYR A 343 -32.76 1.23 7.13
C TYR A 343 -32.93 2.17 8.32
N LEU A 344 -31.81 2.67 8.83
CA LEU A 344 -31.80 3.64 9.93
C LEU A 344 -31.84 5.12 9.47
N HIS A 345 -32.52 5.42 8.37
CA HIS A 345 -32.62 6.84 7.93
C HIS A 345 -33.39 7.76 8.89
N ARG A 346 -34.35 7.19 9.62
CA ARG A 346 -35.09 7.98 10.61
C ARG A 346 -34.57 7.87 12.06
N PHE A 347 -33.48 7.13 12.26
CA PHE A 347 -32.87 6.93 13.59
C PHE A 347 -32.42 8.24 14.24
N ALA A 348 -31.68 9.06 13.50
CA ALA A 348 -31.23 10.37 13.99
C ALA A 348 -32.40 11.31 14.35
N ALA A 349 -33.44 11.26 13.52
CA ALA A 349 -34.66 12.01 13.70
C ALA A 349 -35.45 11.57 14.94
N TYR A 350 -35.45 10.27 15.21
CA TYR A 350 -36.16 9.75 16.38
C TYR A 350 -35.50 10.27 17.66
N PHE A 351 -34.18 10.26 17.70
CA PHE A 351 -33.47 10.75 18.87
C PHE A 351 -33.33 12.23 18.92
N GLN A 352 -33.72 12.91 17.84
CA GLN A 352 -33.87 14.34 17.83
C GLN A 352 -35.08 14.68 18.70
N GLN A 353 -36.13 13.87 18.60
CA GLN A 353 -37.28 13.96 19.51
C GLN A 353 -36.88 13.46 20.91
N GLY A 354 -36.42 12.20 20.98
CA GLY A 354 -36.03 11.55 22.24
C GLY A 354 -35.14 12.37 23.18
N ASP A 355 -34.02 12.87 22.66
CA ASP A 355 -33.03 13.62 23.43
C ASP A 355 -33.52 15.06 23.72
N MET A 356 -33.77 15.82 22.66
CA MET A 356 -34.17 17.24 22.75
C MET A 356 -35.49 17.48 23.50
N GLU A 357 -36.47 16.61 23.35
CA GLU A 357 -37.73 16.76 24.08
C GLU A 357 -37.61 16.44 25.59
N SER A 358 -36.58 15.66 25.95
CA SER A 358 -36.27 15.23 27.31
C SER A 358 -35.36 16.23 28.05
N ASN A 359 -34.20 16.53 27.44
CA ASN A 359 -33.16 17.34 28.08
C ASN A 359 -33.12 18.80 27.64
N GLY A 360 -34.10 19.21 26.82
CA GLY A 360 -34.30 20.62 26.47
C GLY A 360 -35.05 21.35 27.54
N LYS A 361 -34.34 21.59 28.66
CA LYS A 361 -34.94 22.13 29.90
C LYS A 361 -34.01 23.19 30.50
N TYR A 362 -34.55 24.01 31.40
CA TYR A 362 -33.75 25.05 32.10
C TYR A 362 -34.04 25.20 33.60
N ILE A 363 -35.06 24.48 34.10
CA ILE A 363 -35.49 24.49 35.51
C ILE A 363 -35.10 23.17 36.21
N THR A 364 -34.47 23.27 37.39
CA THR A 364 -34.05 22.08 38.19
C THR A 364 -35.22 21.39 38.93
N LYS A 365 -34.88 20.33 39.68
CA LYS A 365 -35.82 19.57 40.52
C LYS A 365 -36.44 20.42 41.62
N SER A 366 -35.63 21.34 42.17
CA SER A 366 -36.08 22.31 43.18
C SER A 366 -36.99 23.40 42.61
N GLY A 367 -36.63 23.92 41.42
CA GLY A 367 -37.38 25.00 40.79
C GLY A 367 -36.52 26.16 40.33
N THR A 368 -35.24 26.15 40.70
CA THR A 368 -34.27 27.19 40.32
C THR A 368 -33.77 27.01 38.88
N ARG A 369 -33.53 28.14 38.20
CA ARG A 369 -32.96 28.17 36.85
C ARG A 369 -31.53 27.64 36.83
N VAL A 370 -31.17 26.96 35.74
CA VAL A 370 -29.81 26.44 35.57
C VAL A 370 -28.83 27.54 35.15
N ASP A 371 -27.63 27.47 35.70
CA ASP A 371 -26.54 28.37 35.34
C ASP A 371 -25.45 27.65 34.51
N HIS A 372 -25.88 26.61 33.79
CA HIS A 372 -25.03 25.74 32.96
C HIS A 372 -25.83 25.27 31.74
N GLN A 373 -25.14 24.68 30.75
CA GLN A 373 -25.81 24.13 29.55
C GLN A 373 -26.49 22.79 29.81
N THR A 374 -27.71 22.62 29.26
CA THR A 374 -28.42 21.34 29.30
C THR A 374 -28.28 20.58 27.96
N GLY A 375 -29.38 19.96 27.49
CA GLY A 375 -29.37 19.07 26.32
C GLY A 375 -28.93 19.69 25.01
N PRO A 376 -28.25 18.90 24.15
CA PRO A 376 -27.77 19.42 22.87
C PRO A 376 -28.80 19.37 21.75
N ILE A 377 -28.44 19.95 20.61
CA ILE A 377 -29.23 19.84 19.40
C ILE A 377 -28.77 18.56 18.71
N VAL A 378 -29.69 17.62 18.54
CA VAL A 378 -29.36 16.32 17.97
C VAL A 378 -29.83 16.28 16.52
N TRP A 379 -28.92 15.87 15.63
CA TRP A 379 -29.19 15.84 14.19
C TRP A 379 -28.30 14.80 13.52
N GLY A 380 -28.58 14.51 12.26
CA GLY A 380 -27.77 13.60 11.48
C GLY A 380 -28.54 13.01 10.31
N GLU A 381 -27.78 12.40 9.39
CA GLU A 381 -28.29 11.68 8.24
C GLU A 381 -27.41 10.43 8.06
N PRO A 382 -27.94 9.37 7.41
CA PRO A 382 -27.11 8.19 7.23
C PRO A 382 -25.88 8.37 6.34
N GLY A 383 -24.81 7.61 6.65
CA GLY A 383 -23.63 7.48 5.80
C GLY A 383 -23.93 6.49 4.65
N THR A 384 -23.24 6.60 3.51
CA THR A 384 -22.13 7.53 3.26
C THR A 384 -22.53 8.93 2.80
N ASN A 385 -23.81 9.09 2.41
CA ASN A 385 -24.35 10.36 1.86
C ASN A 385 -23.84 11.64 2.50
N GLY A 386 -23.77 11.66 3.83
CA GLY A 386 -23.29 12.82 4.59
C GLY A 386 -21.86 13.25 4.27
N GLN A 387 -21.00 12.31 3.88
CA GLN A 387 -19.61 12.57 3.49
C GLN A 387 -19.46 13.55 2.33
N HIS A 388 -20.43 13.50 1.43
CA HIS A 388 -20.53 14.35 0.24
C HIS A 388 -21.25 15.69 0.51
N ALA A 389 -21.53 15.99 1.78
CA ALA A 389 -22.36 17.13 2.17
C ALA A 389 -21.85 17.83 3.45
N PHE A 390 -22.64 17.75 4.54
CA PHE A 390 -22.32 18.40 5.82
C PHE A 390 -21.02 18.00 6.54
N TYR A 391 -20.42 16.88 6.13
CA TYR A 391 -19.13 16.44 6.70
C TYR A 391 -18.00 17.47 6.44
N GLN A 392 -18.20 18.31 5.42
CA GLN A 392 -17.36 19.47 5.12
C GLN A 392 -17.20 20.42 6.31
N LEU A 393 -18.30 20.73 6.98
CA LEU A 393 -18.28 21.56 8.19
C LEU A 393 -17.72 20.79 9.40
N ILE A 394 -17.83 19.46 9.37
CA ILE A 394 -17.29 18.62 10.45
C ILE A 394 -15.75 18.57 10.35
N HIS A 395 -15.25 18.39 9.12
CA HIS A 395 -13.82 18.34 8.82
C HIS A 395 -13.09 19.69 8.81
N GLN A 396 -13.74 20.74 8.28
CA GLN A 396 -13.09 22.03 8.03
C GLN A 396 -13.86 23.28 8.50
N GLY A 397 -14.97 23.08 9.20
CA GLY A 397 -15.74 24.19 9.81
C GLY A 397 -15.07 24.82 11.00
N THR A 398 -15.79 25.67 11.72
CA THR A 398 -15.23 26.36 12.90
C THR A 398 -15.92 25.94 14.21
N LYS A 399 -16.73 24.89 14.13
CA LYS A 399 -17.53 24.41 15.26
C LYS A 399 -17.22 22.95 15.54
N MET A 400 -17.15 22.62 16.82
CA MET A 400 -16.90 21.26 17.28
C MET A 400 -18.23 20.50 17.38
N ILE A 401 -18.26 19.36 16.70
CA ILE A 401 -19.42 18.46 16.68
C ILE A 401 -18.96 17.02 17.04
N PRO A 402 -19.32 16.54 18.27
CA PRO A 402 -19.02 15.15 18.61
C PRO A 402 -19.96 14.27 17.84
N CYS A 403 -19.43 13.25 17.17
CA CYS A 403 -20.24 12.39 16.32
C CYS A 403 -20.32 10.98 16.87
N ASP A 404 -21.48 10.35 16.68
CA ASP A 404 -21.69 8.93 16.90
C ASP A 404 -21.87 8.23 15.55
N PHE A 405 -20.84 7.49 15.15
CA PHE A 405 -20.87 6.63 13.96
C PHE A 405 -21.35 5.24 14.39
N LEU A 406 -22.34 4.71 13.67
CA LEU A 406 -22.94 3.41 13.96
C LEU A 406 -23.03 2.55 12.68
N ILE A 407 -22.76 1.24 12.78
CA ILE A 407 -22.79 0.33 11.60
C ILE A 407 -22.97 -1.14 11.97
N PRO A 408 -23.90 -1.86 11.29
CA PRO A 408 -23.89 -3.31 11.49
C PRO A 408 -22.75 -3.97 10.70
N VAL A 409 -22.17 -5.04 11.26
CA VAL A 409 -21.11 -5.82 10.61
C VAL A 409 -21.71 -6.63 9.48
N GLN A 410 -22.88 -7.21 9.71
CA GLN A 410 -23.62 -8.01 8.72
C GLN A 410 -24.77 -7.18 8.12
N THR A 411 -24.92 -7.29 6.81
CA THR A 411 -25.92 -6.53 6.07
C THR A 411 -27.10 -7.40 5.71
N GLN A 412 -28.28 -6.78 5.62
CA GLN A 412 -29.49 -7.50 5.26
C GLN A 412 -29.51 -7.87 3.77
N HIS A 413 -28.69 -7.17 3.00
CA HIS A 413 -28.58 -7.37 1.54
C HIS A 413 -27.10 -7.47 1.13
N PRO A 414 -26.52 -8.70 1.20
CA PRO A 414 -25.11 -8.90 0.87
C PRO A 414 -24.91 -9.14 -0.62
N ILE A 415 -25.44 -8.22 -1.42
CA ILE A 415 -25.38 -8.27 -2.90
C ILE A 415 -23.94 -8.10 -3.38
N ARG A 416 -23.68 -8.61 -4.59
CA ARG A 416 -22.35 -8.61 -5.25
C ARG A 416 -21.28 -9.28 -4.37
N LYS A 417 -21.66 -10.39 -3.73
CA LYS A 417 -20.79 -11.13 -2.78
C LYS A 417 -20.17 -10.23 -1.68
N GLY A 418 -21.01 -9.36 -1.12
CA GLY A 418 -20.62 -8.44 -0.06
C GLY A 418 -19.80 -7.23 -0.44
N LEU A 419 -19.82 -6.87 -1.73
CA LEU A 419 -19.02 -5.74 -2.23
C LEU A 419 -19.48 -4.38 -1.68
N HIS A 420 -20.79 -4.14 -1.72
CA HIS A 420 -21.37 -2.87 -1.25
C HIS A 420 -21.11 -2.63 0.24
N HIS A 421 -21.29 -3.67 1.06
CA HIS A 421 -21.08 -3.53 2.50
C HIS A 421 -19.60 -3.35 2.88
N LYS A 422 -18.71 -3.98 2.11
CA LYS A 422 -17.26 -3.83 2.25
C LYS A 422 -16.83 -2.37 2.08
N ILE A 423 -17.35 -1.71 1.04
CA ILE A 423 -17.07 -0.28 0.82
C ILE A 423 -17.67 0.59 1.95
N LEU A 424 -18.91 0.26 2.35
CA LEU A 424 -19.62 0.96 3.44
C LEU A 424 -18.83 0.89 4.75
N LEU A 425 -18.32 -0.31 5.05
CA LEU A 425 -17.48 -0.54 6.21
C LEU A 425 -16.17 0.23 6.11
N ALA A 426 -15.55 0.19 4.94
CA ALA A 426 -14.28 0.89 4.68
C ALA A 426 -14.44 2.41 4.88
N ASN A 427 -15.55 2.95 4.39
CA ASN A 427 -15.85 4.36 4.51
C ASN A 427 -16.10 4.77 5.97
N PHE A 428 -16.86 3.92 6.70
CA PHE A 428 -17.16 4.08 8.13
C PHE A 428 -15.88 4.26 8.95
N LEU A 429 -14.91 3.39 8.67
CA LEU A 429 -13.62 3.33 9.37
C LEU A 429 -12.74 4.51 9.00
N ALA A 430 -12.57 4.75 7.70
CA ALA A 430 -11.70 5.82 7.17
C ALA A 430 -12.09 7.22 7.62
N GLN A 431 -13.40 7.46 7.79
CA GLN A 431 -13.90 8.78 8.16
C GLN A 431 -13.60 9.16 9.60
N THR A 432 -13.85 8.22 10.53
CA THR A 432 -13.56 8.41 11.97
C THR A 432 -12.06 8.64 12.21
N GLU A 433 -11.26 7.89 11.46
CA GLU A 433 -9.79 8.00 11.44
C GLU A 433 -9.31 9.38 10.97
N ALA A 434 -9.81 9.82 9.79
CA ALA A 434 -9.49 11.13 9.22
C ALA A 434 -9.82 12.32 10.14
N LEU A 435 -10.95 12.23 10.84
CA LEU A 435 -11.38 13.24 11.80
C LEU A 435 -10.44 13.34 12.97
N MET A 436 -9.87 12.19 13.36
CA MET A 436 -8.92 12.07 14.45
C MET A 436 -7.56 12.63 14.04
N ARG A 437 -6.92 12.05 13.03
CA ARG A 437 -5.57 12.45 12.61
C ARG A 437 -5.49 13.75 11.78
N GLY A 438 -6.23 13.82 10.68
CA GLY A 438 -6.24 15.00 9.80
C GLY A 438 -5.14 14.95 8.75
N LYS A 439 -4.75 16.14 8.28
CA LYS A 439 -3.69 16.31 7.28
C LYS A 439 -2.94 17.63 7.56
N SER A 440 -1.66 17.49 7.91
CA SER A 440 -0.81 18.63 8.29
C SER A 440 -0.40 19.49 7.09
N THR A 441 0.24 20.62 7.38
CA THR A 441 0.74 21.54 6.36
C THR A 441 1.80 20.88 5.48
N GLU A 442 2.66 20.05 6.10
CA GLU A 442 3.71 19.30 5.40
C GLU A 442 3.17 18.13 4.55
N GLU A 443 2.17 17.41 5.10
CA GLU A 443 1.53 16.28 4.41
C GLU A 443 0.78 16.71 3.14
N ALA A 444 0.14 17.88 3.21
CA ALA A 444 -0.56 18.50 2.08
C ALA A 444 0.40 19.01 0.99
N ARG A 445 1.55 19.52 1.41
CA ARG A 445 2.59 20.05 0.52
C ARG A 445 3.23 18.95 -0.34
N LYS A 446 3.53 17.82 0.29
CA LYS A 446 4.12 16.64 -0.36
C LYS A 446 3.17 16.01 -1.40
N GLU A 447 1.87 16.04 -1.13
CA GLU A 447 0.84 15.50 -2.03
C GLU A 447 0.65 16.34 -3.30
N LEU A 448 0.70 17.67 -3.14
CA LEU A 448 0.54 18.63 -4.24
C LEU A 448 1.76 18.66 -5.18
N GLN A 449 2.93 18.34 -4.63
CA GLN A 449 4.20 18.28 -5.37
C GLN A 449 4.28 17.06 -6.30
N ALA A 450 3.80 15.91 -5.81
CA ALA A 450 3.77 14.65 -6.57
C ALA A 450 2.77 14.66 -7.74
N ALA A 451 1.69 15.43 -7.59
CA ALA A 451 0.67 15.59 -8.64
C ALA A 451 1.12 16.53 -9.77
N GLY A 452 1.84 17.58 -9.40
CA GLY A 452 2.40 18.55 -10.35
C GLY A 452 1.83 19.95 -10.19
N LYS A 453 2.50 20.76 -9.37
CA LYS A 453 2.11 22.15 -9.11
C LYS A 453 3.31 23.09 -8.91
N SER A 454 3.25 24.26 -9.55
CA SER A 454 4.26 25.33 -9.45
C SER A 454 4.32 25.95 -8.05
N PRO A 455 5.51 26.41 -7.58
CA PRO A 455 5.65 27.00 -6.22
C PRO A 455 4.74 28.20 -5.90
N GLU A 456 4.27 28.90 -6.94
CA GLU A 456 3.36 30.06 -6.81
C GLU A 456 1.88 29.67 -6.62
N ASP A 457 1.47 28.60 -7.31
CA ASP A 457 0.10 28.06 -7.27
C ASP A 457 -0.09 27.10 -6.09
N LEU A 458 0.95 26.33 -5.78
CA LEU A 458 0.97 25.36 -4.67
C LEU A 458 0.80 26.02 -3.31
N GLU A 459 1.49 27.13 -3.08
CA GLU A 459 1.49 27.81 -1.78
C GLU A 459 0.15 28.53 -1.49
N ARG A 460 -0.48 29.06 -2.55
CA ARG A 460 -1.80 29.69 -2.43
C ARG A 460 -2.92 28.69 -2.11
N LEU A 461 -2.82 27.50 -2.69
CA LEU A 461 -3.77 26.39 -2.53
C LEU A 461 -3.54 25.55 -1.26
N LEU A 462 -2.30 25.54 -0.76
CA LEU A 462 -1.87 24.77 0.42
C LEU A 462 -2.74 24.84 1.69
N PRO A 463 -3.04 26.05 2.24
CA PRO A 463 -3.83 26.05 3.49
C PRO A 463 -5.27 25.54 3.34
N HIS A 464 -5.83 25.66 2.14
CA HIS A 464 -7.18 25.21 1.82
C HIS A 464 -7.36 23.69 1.82
N LYS A 465 -6.27 22.96 1.56
CA LYS A 465 -6.28 21.48 1.56
C LYS A 465 -5.77 20.82 2.87
N VAL A 466 -5.65 21.64 3.92
CA VAL A 466 -5.13 21.23 5.24
C VAL A 466 -6.27 20.96 6.23
N PHE A 467 -6.19 19.80 6.88
CA PHE A 467 -7.19 19.33 7.83
C PHE A 467 -6.60 19.29 9.24
N GLU A 468 -7.14 20.14 10.10
CA GLU A 468 -6.63 20.29 11.47
C GLU A 468 -6.72 19.00 12.31
N GLY A 469 -7.75 18.21 12.06
CA GLY A 469 -7.98 16.94 12.77
C GLY A 469 -8.50 17.19 14.16
N ASN A 470 -8.27 16.20 15.04
CA ASN A 470 -8.57 16.26 16.49
C ASN A 470 -10.06 16.47 16.77
N ARG A 471 -10.88 15.77 16.00
CA ARG A 471 -12.33 15.82 16.12
C ARG A 471 -12.87 14.47 16.66
N PRO A 472 -13.63 14.50 17.78
CA PRO A 472 -13.99 13.27 18.48
C PRO A 472 -15.10 12.45 17.84
N THR A 473 -14.93 11.13 17.86
CA THR A 473 -15.97 10.19 17.43
C THR A 473 -16.18 9.00 18.39
N ASN A 474 -17.41 8.50 18.41
CA ASN A 474 -17.77 7.23 19.00
C ASN A 474 -18.07 6.32 17.82
N SER A 475 -17.50 5.12 17.84
CA SER A 475 -17.80 4.11 16.83
C SER A 475 -18.52 2.96 17.48
N ILE A 476 -19.83 2.91 17.25
CA ILE A 476 -20.71 1.85 17.76
C ILE A 476 -20.97 0.81 16.66
N VAL A 477 -20.29 -0.34 16.77
CA VAL A 477 -20.41 -1.43 15.81
C VAL A 477 -21.15 -2.59 16.46
N PHE A 478 -22.14 -3.11 15.73
CA PHE A 478 -22.98 -4.21 16.18
C PHE A 478 -23.02 -5.31 15.12
N THR A 479 -23.38 -6.54 15.52
CA THR A 479 -23.25 -7.69 14.62
C THR A 479 -24.16 -7.57 13.42
N LYS A 480 -25.45 -7.31 13.68
CA LYS A 480 -26.46 -7.23 12.63
C LYS A 480 -27.58 -6.38 13.17
N LEU A 481 -28.25 -5.63 12.28
CA LEU A 481 -29.45 -4.90 12.70
C LEU A 481 -30.69 -5.78 12.60
N THR A 482 -30.98 -6.46 13.71
CA THR A 482 -32.10 -7.39 13.88
C THR A 482 -33.10 -6.73 14.84
N PRO A 483 -34.35 -7.24 14.96
CA PRO A 483 -35.27 -6.62 15.91
C PRO A 483 -34.69 -6.46 17.31
N PHE A 484 -34.01 -7.50 17.80
CA PHE A 484 -33.37 -7.54 19.12
C PHE A 484 -32.31 -6.44 19.26
N MET A 485 -31.36 -6.42 18.32
CA MET A 485 -30.27 -5.45 18.36
C MET A 485 -30.77 -4.00 18.32
N LEU A 486 -31.78 -3.72 17.50
CA LEU A 486 -32.39 -2.39 17.44
C LEU A 486 -32.96 -1.99 18.81
N GLY A 487 -33.71 -2.90 19.44
CA GLY A 487 -34.22 -2.72 20.80
C GLY A 487 -33.15 -2.32 21.79
N ALA A 488 -32.01 -3.02 21.75
CA ALA A 488 -30.86 -2.74 22.63
C ALA A 488 -30.25 -1.38 22.35
N LEU A 489 -30.12 -1.05 21.05
CA LEU A 489 -29.56 0.24 20.62
C LEU A 489 -30.44 1.43 20.99
N VAL A 490 -31.75 1.33 20.74
CA VAL A 490 -32.71 2.38 21.15
C VAL A 490 -32.71 2.59 22.67
N ALA A 491 -32.78 1.49 23.43
CA ALA A 491 -32.76 1.53 24.91
C ALA A 491 -31.46 2.10 25.47
N MET A 492 -30.34 1.79 24.80
CA MET A 492 -29.01 2.34 25.16
C MET A 492 -29.04 3.85 25.16
N TYR A 493 -29.60 4.45 24.10
CA TYR A 493 -29.71 5.89 24.02
C TYR A 493 -30.75 6.47 24.97
N GLU A 494 -31.87 5.75 25.15
CA GLU A 494 -32.88 6.14 26.16
C GLU A 494 -32.28 6.40 27.54
N HIS A 495 -31.43 5.48 28.00
CA HIS A 495 -30.76 5.63 29.31
C HIS A 495 -29.62 6.62 29.28
N LYS A 496 -28.99 6.78 28.12
CA LYS A 496 -27.96 7.82 27.90
C LYS A 496 -28.56 9.20 28.21
N ILE A 497 -29.75 9.44 27.66
CA ILE A 497 -30.56 10.64 27.91
C ILE A 497 -30.86 10.77 29.42
N PHE A 498 -31.36 9.69 30.01
CA PHE A 498 -31.71 9.61 31.44
C PHE A 498 -30.57 10.03 32.37
N VAL A 499 -29.38 9.47 32.14
CA VAL A 499 -28.19 9.76 32.96
C VAL A 499 -27.82 11.24 32.87
N GLN A 500 -27.84 11.78 31.66
CA GLN A 500 -27.56 13.20 31.41
C GLN A 500 -28.47 14.15 32.18
N GLY A 501 -29.77 13.85 32.18
CA GLY A 501 -30.78 14.67 32.86
C GLY A 501 -30.67 14.65 34.38
N ILE A 502 -30.15 13.54 34.92
CA ILE A 502 -29.94 13.39 36.36
C ILE A 502 -28.75 14.26 36.81
N ILE A 503 -27.66 14.22 36.05
CA ILE A 503 -26.48 15.09 36.26
C ILE A 503 -26.86 16.59 36.18
N TRP A 504 -27.73 16.93 35.23
CA TRP A 504 -28.21 18.32 35.05
C TRP A 504 -29.29 18.74 36.05
N ASP A 505 -29.79 17.75 36.81
CA ASP A 505 -30.84 17.94 37.84
C ASP A 505 -32.21 18.37 37.28
N ILE A 506 -32.43 18.06 36.00
CA ILE A 506 -33.68 18.37 35.30
C ILE A 506 -34.63 17.19 35.19
N ASN A 507 -35.89 17.46 34.89
CA ASN A 507 -36.90 16.43 34.64
C ASN A 507 -36.85 16.05 33.17
N SER A 508 -36.28 14.89 32.87
CA SER A 508 -36.18 14.34 31.51
C SER A 508 -37.48 13.78 30.97
N PHE A 509 -38.57 13.94 31.72
CA PHE A 509 -39.81 13.24 31.39
C PHE A 509 -41.06 14.11 31.30
N ASP A 510 -40.87 15.42 31.51
CA ASP A 510 -41.94 16.42 31.25
C ASP A 510 -41.78 17.06 29.87
N GLN A 511 -42.85 17.65 29.34
CA GLN A 511 -42.79 18.28 28.02
C GLN A 511 -43.68 19.51 27.94
N TRP A 512 -43.36 20.51 28.76
CA TRP A 512 -44.18 21.73 28.87
C TRP A 512 -44.29 22.62 27.62
N GLY A 513 -43.30 22.51 26.72
CA GLY A 513 -43.29 23.17 25.45
C GLY A 513 -44.28 22.61 24.45
N VAL A 514 -44.38 21.27 24.43
CA VAL A 514 -45.33 20.59 23.54
C VAL A 514 -46.74 20.67 24.12
N GLU A 515 -46.83 20.74 25.45
CA GLU A 515 -48.10 20.94 26.17
C GLU A 515 -48.67 22.34 25.86
N LEU A 516 -47.76 23.33 25.75
CA LEU A 516 -48.07 24.69 25.36
C LEU A 516 -48.56 24.76 23.91
N GLY A 517 -47.87 24.04 23.02
CA GLY A 517 -48.22 23.96 21.60
C GLY A 517 -49.60 23.46 21.29
N LYS A 518 -50.11 22.56 22.14
CA LYS A 518 -51.46 21.98 21.99
C LYS A 518 -52.61 22.94 22.32
N GLN A 519 -52.28 24.05 22.98
CA GLN A 519 -53.27 25.09 23.33
C GLN A 519 -53.21 26.38 22.46
N LEU A 520 -52.04 26.64 21.87
CA LEU A 520 -51.74 27.91 21.15
C LEU A 520 -52.58 28.26 19.93
N ALA A 521 -52.84 27.26 19.09
CA ALA A 521 -53.57 27.45 17.82
C ALA A 521 -55.07 27.45 17.99
N LYS A 522 -55.56 27.84 19.17
CA LYS A 522 -57.00 28.04 19.47
C LYS A 522 -57.36 29.52 19.60
N LYS A 523 -56.39 30.35 19.96
CA LYS A 523 -56.51 31.81 19.97
C LYS A 523 -56.52 32.41 18.54
N ILE A 524 -55.61 31.92 17.68
CA ILE A 524 -55.47 32.38 16.29
C ILE A 524 -56.51 31.77 15.32
N GLU A 525 -56.94 30.55 15.60
CA GLU A 525 -57.87 29.78 14.76
C GLU A 525 -59.15 30.50 14.29
N PRO A 526 -59.88 31.21 15.20
CA PRO A 526 -61.10 31.88 14.70
C PRO A 526 -60.82 33.18 13.92
N GLU A 527 -59.68 33.83 14.23
CA GLU A 527 -59.27 35.08 13.59
C GLU A 527 -58.84 34.91 12.13
N LEU A 528 -58.68 33.66 11.67
CA LEU A 528 -58.36 33.37 10.28
C LEU A 528 -59.54 33.39 9.31
N ASP A 529 -60.72 33.07 9.81
CA ASP A 529 -61.96 33.04 9.01
C ASP A 529 -62.37 34.45 8.60
N GLY A 530 -62.78 34.60 7.34
CA GLY A 530 -63.21 35.88 6.79
C GLY A 530 -62.13 36.63 6.02
N SER A 531 -62.45 37.87 5.65
CA SER A 531 -61.52 38.74 4.93
C SER A 531 -61.19 40.03 5.72
N ALA A 532 -61.79 40.17 6.90
CA ALA A 532 -61.57 41.32 7.80
C ALA A 532 -60.15 41.36 8.38
N GLN A 533 -59.60 42.57 8.50
CA GLN A 533 -58.25 42.78 9.06
C GLN A 533 -58.17 42.42 10.54
N VAL A 534 -57.03 41.88 10.96
CA VAL A 534 -56.82 41.44 12.35
C VAL A 534 -55.83 42.42 13.02
N THR A 535 -56.19 42.88 14.22
CA THR A 535 -55.32 43.78 15.02
C THR A 535 -55.23 43.37 16.50
N SER A 536 -55.89 42.25 16.83
CA SER A 536 -55.93 41.68 18.19
C SER A 536 -54.59 41.15 18.73
N HIS A 537 -53.65 40.86 17.82
CA HIS A 537 -52.30 40.39 18.19
C HIS A 537 -51.22 41.47 18.03
N ASP A 538 -49.95 41.06 18.07
CA ASP A 538 -48.80 41.95 17.87
C ASP A 538 -48.64 42.30 16.38
N ALA A 539 -47.80 43.30 16.07
CA ALA A 539 -47.59 43.77 14.69
C ALA A 539 -47.21 42.68 13.67
N SER A 540 -46.32 41.78 14.07
CA SER A 540 -45.89 40.64 13.24
C SER A 540 -47.02 39.67 12.91
N THR A 541 -47.66 39.12 13.95
CA THR A 541 -48.76 38.16 13.81
C THR A 541 -49.91 38.75 12.99
N ASN A 542 -50.33 39.98 13.33
CA ASN A 542 -51.37 40.73 12.59
C ASN A 542 -51.08 40.82 11.09
N GLY A 543 -49.86 41.28 10.77
CA GLY A 543 -49.43 41.45 9.39
C GLY A 543 -49.41 40.17 8.61
N LEU A 544 -48.99 39.09 9.29
CA LEU A 544 -48.91 37.75 8.71
C LEU A 544 -50.28 37.22 8.31
N ILE A 545 -51.23 37.35 9.24
CA ILE A 545 -52.64 36.93 9.02
C ILE A 545 -53.28 37.71 7.86
N ASN A 546 -53.08 39.03 7.83
CA ASN A 546 -53.61 39.90 6.75
C ASN A 546 -53.01 39.58 5.38
N PHE A 547 -51.75 39.14 5.37
CA PHE A 547 -51.13 38.66 4.13
C PHE A 547 -51.77 37.36 3.64
N ILE A 548 -51.96 36.41 4.57
CA ILE A 548 -52.62 35.13 4.34
C ILE A 548 -54.05 35.34 3.79
N LYS A 549 -54.82 36.21 4.45
CA LYS A 549 -56.19 36.52 4.05
C LYS A 549 -56.26 37.13 2.65
N GLN A 550 -55.24 37.94 2.32
CA GLN A 550 -55.10 38.58 1.00
C GLN A 550 -54.80 37.56 -0.09
N GLN A 551 -53.80 36.71 0.15
CA GLN A 551 -53.32 35.72 -0.83
C GLN A 551 -54.21 34.48 -1.00
N ARG A 552 -55.20 34.36 -0.10
CA ARG A 552 -56.15 33.25 -0.03
C ARG A 552 -56.83 32.85 -1.34
N GLU A 553 -57.32 33.83 -2.11
CA GLU A 553 -58.06 33.56 -3.37
C GLU A 553 -57.27 33.89 -4.64
N ALA A 554 -56.05 34.40 -4.46
CA ALA A 554 -55.18 34.84 -5.57
C ALA A 554 -54.81 33.72 -6.57
N ARG A 555 -55.07 33.99 -7.84
CA ARG A 555 -54.87 33.01 -8.90
C ARG A 555 -53.40 32.96 -9.33
N VAL A 556 -52.79 31.77 -9.21
CA VAL A 556 -51.36 31.54 -9.56
C VAL A 556 -51.12 30.23 -10.30
N ALA B 1 -7.90 37.08 10.11
CA ALA B 1 -8.94 37.19 9.05
C ALA B 1 -9.33 38.64 8.78
N ALA B 2 -9.73 38.92 7.53
CA ALA B 2 -10.14 40.26 7.08
C ALA B 2 -11.43 40.79 7.74
N LEU B 3 -12.35 39.89 8.14
CA LEU B 3 -13.62 40.28 8.76
C LEU B 3 -13.49 40.92 10.12
N THR B 4 -12.67 40.33 10.99
CA THR B 4 -12.43 40.85 12.35
C THR B 4 -11.75 42.23 12.31
N ARG B 5 -10.99 42.49 11.23
CA ARG B 5 -10.27 43.75 10.99
C ARG B 5 -11.17 44.90 10.48
N ASP B 6 -12.32 44.55 9.88
CA ASP B 6 -13.30 45.50 9.33
C ASP B 6 -13.86 46.48 10.36
N PRO B 7 -13.96 47.79 10.01
CA PRO B 7 -14.43 48.81 10.96
C PRO B 7 -15.91 48.71 11.30
N GLN B 8 -16.72 48.31 10.33
CA GLN B 8 -18.18 48.19 10.53
C GLN B 8 -18.57 46.97 11.37
N PHE B 9 -17.77 45.91 11.25
CA PHE B 9 -17.91 44.69 12.04
C PHE B 9 -17.65 44.98 13.51
N GLN B 10 -16.57 45.70 13.79
CA GLN B 10 -16.18 46.11 15.14
C GLN B 10 -17.18 47.07 15.76
N LYS B 11 -17.79 47.90 14.94
CA LYS B 11 -18.87 48.82 15.34
C LYS B 11 -20.13 48.04 15.78
N LEU B 12 -20.43 46.98 15.04
CA LEU B 12 -21.55 46.07 15.32
C LEU B 12 -21.33 45.25 16.59
N GLN B 13 -20.10 44.79 16.79
CA GLN B 13 -19.70 44.03 18.00
C GLN B 13 -19.74 44.88 19.26
N GLN B 14 -19.41 46.16 19.10
CA GLN B 14 -19.42 47.13 20.18
C GLN B 14 -20.84 47.50 20.61
N TRP B 15 -21.76 47.63 19.65
CA TRP B 15 -23.18 47.91 19.91
C TRP B 15 -23.85 46.74 20.65
N TYR B 16 -23.55 45.52 20.19
CA TYR B 16 -24.05 44.28 20.77
C TYR B 16 -23.62 44.12 22.23
N ARG B 17 -22.36 44.43 22.51
CA ARG B 17 -21.81 44.35 23.86
C ARG B 17 -22.38 45.38 24.85
N GLU B 18 -22.92 46.49 24.33
CA GLU B 18 -23.50 47.57 25.13
C GLU B 18 -25.03 47.52 25.27
N HIS B 19 -25.72 47.17 24.18
CA HIS B 19 -27.20 47.20 24.14
C HIS B 19 -27.87 45.83 23.93
N ARG B 20 -27.22 44.76 24.37
CA ARG B 20 -27.77 43.40 24.31
C ARG B 20 -29.03 43.25 25.17
N SER B 21 -28.95 43.76 26.40
CA SER B 21 -30.05 43.70 27.38
C SER B 21 -31.30 44.48 26.99
N GLU B 22 -31.13 45.53 26.19
CA GLU B 22 -32.24 46.37 25.70
C GLU B 22 -32.98 45.77 24.49
N LEU B 23 -32.51 44.63 23.97
CA LEU B 23 -33.17 43.93 22.87
C LEU B 23 -34.22 42.93 23.36
N ASN B 24 -35.44 43.42 23.60
CA ASN B 24 -36.55 42.59 24.06
C ASN B 24 -37.71 42.75 23.08
N LEU B 25 -38.14 41.63 22.52
CA LEU B 25 -39.18 41.59 21.48
C LEU B 25 -40.54 42.11 21.94
N ARG B 26 -40.99 41.70 23.14
CA ARG B 26 -42.26 42.19 23.68
C ARG B 26 -42.25 43.69 23.92
N ARG B 27 -41.13 44.19 24.45
CA ARG B 27 -40.89 45.62 24.68
C ARG B 27 -40.84 46.44 23.39
N LEU B 28 -40.31 45.85 22.32
CA LEU B 28 -40.15 46.51 21.02
C LEU B 28 -41.44 46.60 20.22
N PHE B 29 -42.26 45.55 20.25
CA PHE B 29 -43.51 45.49 19.49
C PHE B 29 -44.62 46.44 19.99
N ASP B 30 -44.65 46.72 21.29
CA ASP B 30 -45.59 47.72 21.84
C ASP B 30 -45.01 49.14 21.89
N ALA B 31 -43.74 49.27 21.48
CA ALA B 31 -43.04 50.56 21.35
C ALA B 31 -43.16 51.10 19.93
N ASN B 32 -42.88 50.24 18.95
CA ASN B 32 -43.01 50.55 17.53
C ASN B 32 -44.23 49.80 17.00
N LYS B 33 -45.33 50.55 16.83
CA LYS B 33 -46.62 50.01 16.35
C LYS B 33 -46.56 49.49 14.91
N ASP B 34 -45.66 50.08 14.11
CA ASP B 34 -45.46 49.69 12.70
C ASP B 34 -44.12 48.94 12.51
N ARG B 35 -43.77 48.08 13.47
CA ARG B 35 -42.53 47.30 13.42
C ARG B 35 -42.52 46.27 12.29
N PHE B 36 -43.69 45.68 12.02
CA PHE B 36 -43.87 44.73 10.92
C PHE B 36 -43.53 45.41 9.59
N ASN B 37 -44.11 46.58 9.36
CA ASN B 37 -43.86 47.36 8.14
C ASN B 37 -42.39 47.75 7.99
N HIS B 38 -41.78 48.16 9.09
CA HIS B 38 -40.38 48.56 9.13
C HIS B 38 -39.41 47.37 9.00
N PHE B 39 -39.88 46.15 9.31
CA PHE B 39 -39.04 44.96 9.21
C PHE B 39 -39.70 43.78 8.48
N SER B 40 -40.08 44.00 7.21
CA SER B 40 -40.66 42.97 6.33
C SER B 40 -40.53 43.34 4.85
N LEU B 41 -40.49 42.32 3.99
CA LEU B 41 -40.37 42.50 2.56
C LEU B 41 -41.46 41.79 1.80
N THR B 42 -42.23 42.53 1.01
CA THR B 42 -43.21 41.96 0.11
C THR B 42 -42.61 41.92 -1.29
N LEU B 43 -42.45 40.71 -1.83
CA LEU B 43 -41.91 40.48 -3.15
C LEU B 43 -43.00 39.94 -4.06
N ASN B 44 -43.23 40.63 -5.18
CA ASN B 44 -44.21 40.18 -6.18
C ASN B 44 -43.48 39.64 -7.41
N THR B 45 -43.58 38.33 -7.60
CA THR B 45 -42.90 37.64 -8.68
C THR B 45 -43.76 37.57 -9.95
N ASN B 46 -45.04 37.98 -9.82
CA ASN B 46 -46.12 37.85 -10.83
C ASN B 46 -46.60 36.43 -11.04
N HIS B 47 -46.03 35.50 -10.26
CA HIS B 47 -46.41 34.09 -10.24
C HIS B 47 -46.65 33.64 -8.79
N GLY B 48 -46.79 34.64 -7.92
CA GLY B 48 -47.08 34.49 -6.50
C GLY B 48 -46.32 35.54 -5.71
N HIS B 49 -46.80 35.84 -4.51
CA HIS B 49 -46.10 36.76 -3.61
C HIS B 49 -45.27 36.03 -2.54
N ILE B 50 -44.19 36.68 -2.11
CA ILE B 50 -43.39 36.22 -0.96
C ILE B 50 -43.29 37.34 0.07
N LEU B 51 -43.81 37.07 1.28
CA LEU B 51 -43.63 37.94 2.43
C LEU B 51 -42.48 37.38 3.29
N VAL B 52 -41.42 38.17 3.41
CA VAL B 52 -40.30 37.84 4.28
C VAL B 52 -40.40 38.71 5.51
N ASP B 53 -41.08 38.21 6.54
CA ASP B 53 -41.31 38.89 7.81
C ASP B 53 -40.18 38.57 8.77
N TYR B 54 -39.26 39.52 8.90
CA TYR B 54 -38.12 39.38 9.80
C TYR B 54 -38.25 40.26 11.04
N SER B 55 -39.48 40.65 11.37
CA SER B 55 -39.73 41.56 12.51
C SER B 55 -39.65 40.88 13.87
N LYS B 56 -39.82 39.55 13.89
CA LYS B 56 -39.67 38.78 15.12
C LYS B 56 -38.20 38.48 15.48
N ASN B 57 -37.27 39.23 14.90
CA ASN B 57 -35.83 39.10 15.15
C ASN B 57 -35.30 40.11 16.17
N LEU B 58 -34.13 39.83 16.72
CA LEU B 58 -33.51 40.68 17.74
C LEU B 58 -32.67 41.80 17.11
N VAL B 59 -33.36 42.67 16.38
CA VAL B 59 -32.78 43.82 15.69
C VAL B 59 -33.66 45.08 15.85
N THR B 60 -33.00 46.24 15.87
CA THR B 60 -33.67 47.55 15.80
C THR B 60 -33.30 48.25 14.49
N GLU B 61 -33.68 49.52 14.36
CA GLU B 61 -33.34 50.33 13.17
C GLU B 61 -31.81 50.46 12.98
N ASP B 62 -31.10 50.68 14.09
CA ASP B 62 -29.65 50.87 14.12
C ASP B 62 -28.87 49.61 13.71
N VAL B 63 -29.31 48.45 14.20
CA VAL B 63 -28.66 47.15 13.94
C VAL B 63 -28.70 46.82 12.44
N MET B 64 -29.87 46.97 11.81
CA MET B 64 -30.02 46.72 10.35
C MET B 64 -29.15 47.66 9.51
N ARG B 65 -29.04 48.92 9.96
CA ARG B 65 -28.18 49.93 9.34
C ARG B 65 -26.70 49.49 9.33
N MET B 66 -26.21 49.06 10.50
CA MET B 66 -24.84 48.55 10.67
C MET B 66 -24.56 47.27 9.91
N LEU B 67 -25.57 46.39 9.83
CA LEU B 67 -25.44 45.14 9.08
C LEU B 67 -25.36 45.40 7.56
N VAL B 68 -26.20 46.31 7.06
CA VAL B 68 -26.12 46.80 5.66
C VAL B 68 -24.74 47.44 5.38
N ASP B 69 -24.24 48.24 6.35
CA ASP B 69 -22.91 48.86 6.28
C ASP B 69 -21.77 47.84 6.15
N LEU B 70 -21.88 46.72 6.87
CA LEU B 70 -20.93 45.60 6.79
C LEU B 70 -20.95 44.93 5.41
N ALA B 71 -22.14 44.76 4.85
CA ALA B 71 -22.29 44.20 3.49
C ALA B 71 -21.56 45.04 2.43
N LYS B 72 -21.65 46.38 2.56
CA LYS B 72 -20.95 47.31 1.68
C LYS B 72 -19.45 47.25 1.93
N SER B 73 -19.08 47.32 3.20
CA SER B 73 -17.68 47.27 3.68
C SER B 73 -16.91 46.00 3.27
N ARG B 74 -17.61 44.86 3.21
CA ARG B 74 -17.01 43.60 2.80
C ARG B 74 -17.06 43.36 1.28
N GLY B 75 -17.79 44.24 0.59
CA GLY B 75 -17.84 44.24 -0.88
C GLY B 75 -18.70 43.15 -1.45
N VAL B 76 -19.95 43.09 -0.96
CA VAL B 76 -20.93 42.07 -1.37
C VAL B 76 -21.41 42.31 -2.81
N GLU B 77 -21.72 43.57 -3.14
CA GLU B 77 -22.19 43.94 -4.48
C GLU B 77 -21.15 43.68 -5.58
N ALA B 78 -19.89 44.00 -5.27
CA ALA B 78 -18.78 43.76 -6.19
C ALA B 78 -18.57 42.27 -6.43
N ALA B 79 -18.60 41.47 -5.36
CA ALA B 79 -18.48 40.01 -5.40
C ALA B 79 -19.61 39.33 -6.16
N ARG B 80 -20.83 39.86 -5.96
CA ARG B 80 -22.03 39.40 -6.68
C ARG B 80 -21.84 39.53 -8.19
N GLU B 81 -21.40 40.72 -8.61
CA GLU B 81 -21.15 41.01 -10.03
C GLU B 81 -20.14 40.06 -10.62
N ARG B 82 -19.04 39.83 -9.90
CA ARG B 82 -18.00 38.84 -10.30
C ARG B 82 -18.58 37.45 -10.57
N MET B 83 -19.56 37.01 -9.76
CA MET B 83 -20.25 35.72 -9.96
C MET B 83 -21.11 35.72 -11.23
N PHE B 84 -22.02 36.69 -11.35
CA PHE B 84 -22.95 36.79 -12.49
C PHE B 84 -22.23 37.12 -13.83
N ASN B 85 -21.07 37.77 -13.77
CA ASN B 85 -20.27 38.08 -14.94
C ASN B 85 -19.44 36.92 -15.49
N GLY B 86 -19.29 35.87 -14.68
CA GLY B 86 -18.59 34.63 -15.10
C GLY B 86 -17.12 34.55 -14.67
N GLU B 87 -16.72 35.42 -13.73
CA GLU B 87 -15.37 35.42 -13.22
C GLU B 87 -15.08 34.20 -12.31
N LYS B 88 -13.81 33.81 -12.25
CA LYS B 88 -13.37 32.62 -11.50
C LYS B 88 -13.29 32.83 -9.99
N ILE B 89 -14.45 32.98 -9.35
CA ILE B 89 -14.57 33.23 -7.91
C ILE B 89 -14.35 31.99 -7.02
N ASN B 90 -14.37 30.81 -7.64
CA ASN B 90 -13.94 29.57 -7.02
C ASN B 90 -12.45 29.47 -7.33
N TYR B 91 -11.68 30.27 -6.58
CA TYR B 91 -10.25 30.47 -6.80
C TYR B 91 -9.40 29.23 -6.59
N THR B 92 -9.78 28.44 -5.58
CA THR B 92 -9.06 27.23 -5.19
C THR B 92 -9.06 26.14 -6.28
N GLU B 93 -10.12 26.08 -7.07
CA GLU B 93 -10.27 25.07 -8.15
C GLU B 93 -10.04 25.67 -9.54
N GLY B 94 -10.04 27.02 -9.59
CA GLY B 94 -9.89 27.77 -10.84
C GLY B 94 -11.11 27.62 -11.73
N ARG B 95 -12.29 27.88 -11.15
CA ARG B 95 -13.58 27.69 -11.82
C ARG B 95 -14.46 28.92 -11.65
N ALA B 96 -15.33 29.14 -12.63
CA ALA B 96 -16.43 30.09 -12.48
C ALA B 96 -17.54 29.48 -11.58
N VAL B 97 -18.51 30.27 -11.18
CA VAL B 97 -19.63 29.80 -10.36
C VAL B 97 -20.91 30.29 -11.01
N LEU B 98 -21.49 29.43 -11.85
CA LEU B 98 -22.59 29.88 -12.71
C LEU B 98 -23.80 28.96 -12.70
N HIS B 99 -24.37 28.76 -11.51
CA HIS B 99 -25.65 28.07 -11.44
C HIS B 99 -26.73 29.02 -11.97
N VAL B 100 -26.50 30.33 -11.77
CA VAL B 100 -27.38 31.40 -12.29
C VAL B 100 -27.55 31.37 -13.83
N ALA B 101 -26.49 30.99 -14.55
CA ALA B 101 -26.49 30.80 -16.01
C ALA B 101 -27.41 29.69 -16.48
N LEU B 102 -27.49 28.61 -15.71
CA LEU B 102 -28.29 27.43 -16.09
C LEU B 102 -29.79 27.72 -16.17
N ARG B 103 -30.22 28.75 -15.45
CA ARG B 103 -31.61 29.20 -15.38
C ARG B 103 -31.83 30.59 -16.02
N ASN B 104 -30.86 31.07 -16.78
CA ASN B 104 -30.91 32.43 -17.37
C ASN B 104 -31.87 32.44 -18.56
N ARG B 105 -33.12 32.81 -18.27
CA ARG B 105 -34.23 32.78 -19.24
C ARG B 105 -34.15 33.94 -20.24
N SER B 106 -33.56 35.07 -19.81
CA SER B 106 -33.30 36.26 -20.65
C SER B 106 -32.37 35.93 -21.82
N ASN B 107 -31.52 34.92 -21.60
CA ASN B 107 -30.48 34.47 -22.53
C ASN B 107 -29.36 35.50 -22.77
N THR B 108 -29.28 36.49 -21.87
CA THR B 108 -28.22 37.49 -21.85
C THR B 108 -26.86 36.80 -21.70
N PRO B 109 -25.85 37.20 -22.52
CA PRO B 109 -24.59 36.45 -22.54
C PRO B 109 -23.79 36.51 -21.24
N ILE B 110 -23.24 35.35 -20.86
CA ILE B 110 -22.34 35.19 -19.72
C ILE B 110 -21.07 34.54 -20.29
N LEU B 111 -19.93 35.22 -20.08
CA LEU B 111 -18.69 34.83 -20.71
C LEU B 111 -17.68 34.16 -19.81
N VAL B 112 -17.36 32.93 -20.17
CA VAL B 112 -16.33 32.11 -19.53
C VAL B 112 -15.28 31.84 -20.59
N ASP B 113 -14.04 32.28 -20.30
CA ASP B 113 -12.89 32.24 -21.22
C ASP B 113 -13.23 32.86 -22.60
N GLY B 114 -13.88 34.04 -22.54
CA GLY B 114 -14.28 34.82 -23.69
C GLY B 114 -15.37 34.23 -24.60
N LYS B 115 -16.04 33.19 -24.10
CA LYS B 115 -17.08 32.50 -24.87
C LYS B 115 -18.38 32.40 -24.08
N ASP B 116 -19.49 32.64 -24.76
CA ASP B 116 -20.82 32.54 -24.17
C ASP B 116 -21.20 31.10 -23.88
N VAL B 117 -21.54 30.87 -22.62
CA VAL B 117 -21.92 29.54 -22.12
C VAL B 117 -23.37 29.20 -22.46
N MET B 118 -24.17 30.26 -22.65
CA MET B 118 -25.61 30.17 -22.90
C MET B 118 -26.08 29.26 -24.04
N PRO B 119 -25.40 29.29 -25.21
CA PRO B 119 -25.83 28.38 -26.30
C PRO B 119 -25.72 26.90 -25.94
N GLU B 120 -24.69 26.57 -25.16
CA GLU B 120 -24.49 25.19 -24.71
C GLU B 120 -25.48 24.79 -23.60
N VAL B 121 -25.81 25.74 -22.74
CA VAL B 121 -26.82 25.59 -21.68
C VAL B 121 -28.18 25.26 -22.30
N ASN B 122 -28.61 26.08 -23.27
CA ASN B 122 -29.90 25.92 -23.96
C ASN B 122 -29.97 24.66 -24.85
N LYS B 123 -28.81 24.22 -25.37
CA LYS B 123 -28.72 23.00 -26.17
C LYS B 123 -29.01 21.74 -25.32
N VAL B 124 -28.43 21.67 -24.11
CA VAL B 124 -28.67 20.56 -23.19
C VAL B 124 -30.16 20.54 -22.77
N LEU B 125 -30.71 21.71 -22.46
CA LEU B 125 -32.15 21.85 -22.14
C LEU B 125 -33.07 21.36 -23.27
N ASP B 126 -32.72 21.66 -24.52
CA ASP B 126 -33.46 21.18 -25.70
C ASP B 126 -33.40 19.65 -25.79
N LYS B 127 -32.21 19.09 -25.56
CA LYS B 127 -32.00 17.64 -25.52
C LYS B 127 -32.79 17.00 -24.38
N MET B 128 -32.84 17.70 -23.23
CA MET B 128 -33.63 17.27 -22.08
C MET B 128 -35.14 17.22 -22.42
N LYS B 129 -35.65 18.34 -22.96
CA LYS B 129 -37.05 18.50 -23.39
C LYS B 129 -37.52 17.39 -24.32
N SER B 130 -36.72 17.14 -25.36
CA SER B 130 -37.00 16.13 -26.37
C SER B 130 -37.06 14.74 -25.74
N PHE B 131 -36.03 14.43 -24.94
CA PHE B 131 -35.93 13.15 -24.22
C PHE B 131 -37.14 12.92 -23.30
N CYS B 132 -37.48 13.92 -22.48
CA CYS B 132 -38.66 13.88 -21.61
C CYS B 132 -39.96 13.63 -22.35
N GLN B 133 -40.23 14.43 -23.38
CA GLN B 133 -41.40 14.29 -24.26
C GLN B 133 -41.48 12.89 -24.88
N ARG B 134 -40.34 12.38 -25.34
CA ARG B 134 -40.22 11.02 -25.87
C ARG B 134 -40.52 9.92 -24.84
N VAL B 135 -39.93 10.02 -23.64
CA VAL B 135 -40.14 9.05 -22.55
C VAL B 135 -41.57 9.12 -21.94
N ARG B 136 -42.02 10.34 -21.57
CA ARG B 136 -43.33 10.58 -20.93
C ARG B 136 -44.54 10.19 -21.78
N SER B 137 -44.45 10.38 -23.10
CA SER B 137 -45.51 10.00 -24.04
C SER B 137 -45.60 8.48 -24.26
N GLY B 138 -44.47 7.87 -24.62
CA GLY B 138 -44.38 6.46 -24.94
C GLY B 138 -43.56 6.20 -26.20
N ASP B 139 -43.03 7.28 -26.77
CA ASP B 139 -42.21 7.25 -28.00
C ASP B 139 -40.90 6.47 -27.77
N TRP B 140 -40.25 6.73 -26.63
CA TRP B 140 -39.08 5.98 -26.19
C TRP B 140 -39.54 4.67 -25.55
N LYS B 141 -39.23 3.57 -26.23
CA LYS B 141 -39.66 2.23 -25.79
C LYS B 141 -38.50 1.45 -25.17
N GLY B 142 -38.85 0.46 -24.36
CA GLY B 142 -37.88 -0.47 -23.77
C GLY B 142 -37.39 -1.52 -24.75
N TYR B 143 -36.56 -2.43 -24.26
CA TYR B 143 -36.00 -3.51 -25.08
C TYR B 143 -37.07 -4.52 -25.57
N THR B 144 -38.18 -4.62 -24.82
CA THR B 144 -39.33 -5.45 -25.19
C THR B 144 -40.44 -4.61 -25.82
N GLY B 145 -40.14 -3.33 -26.05
CA GLY B 145 -41.07 -2.38 -26.65
C GLY B 145 -42.11 -1.82 -25.69
N LYS B 146 -41.79 -1.81 -24.39
CA LYS B 146 -42.71 -1.33 -23.36
C LYS B 146 -42.37 0.09 -22.91
N THR B 147 -43.41 0.88 -22.62
CA THR B 147 -43.29 2.27 -22.17
C THR B 147 -42.71 2.35 -20.76
N ILE B 148 -41.79 3.31 -20.55
CA ILE B 148 -41.11 3.53 -19.26
C ILE B 148 -42.11 3.98 -18.18
N THR B 149 -42.23 3.16 -17.12
CA THR B 149 -43.10 3.43 -15.96
C THR B 149 -42.30 3.89 -14.74
N ASP B 150 -41.00 3.56 -14.77
CA ASP B 150 -40.09 3.83 -13.66
C ASP B 150 -38.80 4.49 -14.10
N VAL B 151 -38.48 5.60 -13.44
CA VAL B 151 -37.23 6.35 -13.63
C VAL B 151 -36.41 6.24 -12.34
N ILE B 152 -35.13 5.86 -12.49
CA ILE B 152 -34.26 5.61 -11.33
C ILE B 152 -33.00 6.45 -11.47
N ASN B 153 -32.79 7.34 -10.50
CA ASN B 153 -31.60 8.18 -10.46
C ASN B 153 -30.58 7.55 -9.53
N ILE B 154 -29.39 7.29 -10.10
CA ILE B 154 -28.23 6.77 -9.37
C ILE B 154 -27.20 7.88 -9.28
N GLY B 155 -27.02 8.39 -8.07
CA GLY B 155 -26.09 9.50 -7.82
C GLY B 155 -26.09 9.78 -6.33
N ILE B 156 -25.07 10.47 -5.85
CA ILE B 156 -24.94 10.77 -4.43
C ILE B 156 -24.59 12.24 -4.22
N GLY B 157 -24.99 12.82 -3.10
CA GLY B 157 -24.71 14.23 -2.76
C GLY B 157 -25.50 15.21 -3.63
N GLY B 158 -24.74 16.05 -4.33
CA GLY B 158 -25.27 17.03 -5.28
C GLY B 158 -25.90 16.38 -6.49
N SER B 159 -25.41 15.19 -6.85
CA SER B 159 -26.02 14.39 -7.93
C SER B 159 -27.25 13.59 -7.46
N ASP B 160 -27.83 13.98 -6.31
CA ASP B 160 -28.95 13.26 -5.70
C ASP B 160 -29.97 14.15 -4.99
N LEU B 161 -29.49 14.98 -4.06
CA LEU B 161 -30.37 15.63 -3.08
C LEU B 161 -31.27 16.69 -3.66
N GLY B 162 -30.75 17.44 -4.64
CA GLY B 162 -31.51 18.42 -5.41
C GLY B 162 -32.74 17.82 -6.07
N PRO B 163 -32.55 16.83 -7.00
CA PRO B 163 -33.71 16.27 -7.68
C PRO B 163 -34.68 15.52 -6.76
N LEU B 164 -34.14 14.89 -5.71
CA LEU B 164 -34.92 14.19 -4.70
C LEU B 164 -35.88 15.16 -4.01
N MET B 165 -35.31 16.21 -3.39
CA MET B 165 -36.09 17.25 -2.74
C MET B 165 -37.15 17.89 -3.66
N VAL B 166 -36.78 18.19 -4.90
CA VAL B 166 -37.69 18.87 -5.87
C VAL B 166 -38.84 17.95 -6.32
N THR B 167 -38.52 16.70 -6.66
CA THR B 167 -39.57 15.73 -7.04
C THR B 167 -40.55 15.43 -5.89
N GLU B 168 -40.04 15.44 -4.66
CA GLU B 168 -40.86 15.28 -3.47
C GLU B 168 -41.73 16.52 -3.22
N ALA B 169 -41.14 17.70 -3.40
CA ALA B 169 -41.85 18.97 -3.27
C ALA B 169 -42.93 19.24 -4.32
N LEU B 170 -42.68 18.79 -5.56
CA LEU B 170 -43.60 19.03 -6.66
C LEU B 170 -44.40 17.78 -7.06
N LYS B 171 -44.55 16.85 -6.12
CA LYS B 171 -45.29 15.60 -6.33
C LYS B 171 -46.69 15.74 -6.97
N PRO B 172 -47.51 16.77 -6.58
CA PRO B 172 -48.83 16.82 -7.25
C PRO B 172 -48.82 17.26 -8.73
N TYR B 173 -47.66 17.66 -9.23
CA TYR B 173 -47.45 18.04 -10.65
C TYR B 173 -46.91 16.90 -11.50
N SER B 174 -46.81 15.70 -10.90
CA SER B 174 -46.24 14.53 -11.54
C SER B 174 -47.26 13.61 -12.21
N SER B 175 -48.48 14.11 -12.41
CA SER B 175 -49.53 13.35 -13.09
C SER B 175 -49.12 13.06 -14.54
N GLY B 176 -49.20 11.78 -14.91
CA GLY B 176 -48.77 11.31 -16.24
C GLY B 176 -47.26 11.24 -16.46
N GLY B 177 -46.52 11.31 -15.35
CA GLY B 177 -45.08 11.11 -15.35
C GLY B 177 -44.74 9.76 -14.71
N PRO B 178 -43.56 9.19 -15.06
CA PRO B 178 -43.16 7.93 -14.42
C PRO B 178 -42.79 8.14 -12.94
N ARG B 179 -42.83 7.07 -12.15
CA ARG B 179 -42.40 7.09 -10.76
C ARG B 179 -40.89 7.42 -10.72
N VAL B 180 -40.47 8.22 -9.74
CA VAL B 180 -39.05 8.48 -9.54
C VAL B 180 -38.48 7.78 -8.31
N TRP B 181 -37.31 7.17 -8.50
CA TRP B 181 -36.58 6.44 -7.45
C TRP B 181 -35.19 7.04 -7.34
N TYR B 182 -34.69 7.12 -6.11
CA TYR B 182 -33.39 7.74 -5.85
C TYR B 182 -32.47 6.81 -5.05
N VAL B 183 -31.48 6.26 -5.76
CA VAL B 183 -30.46 5.38 -5.19
C VAL B 183 -29.19 6.22 -5.02
N SER B 184 -28.69 6.30 -3.80
CA SER B 184 -27.54 7.16 -3.50
C SER B 184 -26.44 6.47 -2.68
N ASN B 185 -26.82 5.92 -1.53
CA ASN B 185 -25.92 5.24 -0.59
C ASN B 185 -25.15 4.08 -1.23
N ILE B 186 -23.91 3.86 -0.80
CA ILE B 186 -23.20 2.64 -1.21
C ILE B 186 -23.86 1.39 -0.63
N ASP B 187 -24.41 1.54 0.58
CA ASP B 187 -25.18 0.52 1.29
C ASP B 187 -26.08 -0.19 0.30
N GLY B 188 -25.80 -1.48 0.11
CA GLY B 188 -26.51 -2.34 -0.85
C GLY B 188 -28.00 -2.44 -0.64
N THR B 189 -28.45 -2.08 0.56
CA THR B 189 -29.88 -1.93 0.91
C THR B 189 -30.59 -1.04 -0.12
N HIS B 190 -30.05 0.15 -0.33
CA HIS B 190 -30.64 1.18 -1.21
C HIS B 190 -30.92 0.68 -2.63
N ILE B 191 -29.88 0.14 -3.27
CA ILE B 191 -29.98 -0.40 -4.62
C ILE B 191 -30.82 -1.69 -4.65
N ALA B 192 -30.62 -2.58 -3.67
CA ALA B 192 -31.33 -3.86 -3.61
C ALA B 192 -32.85 -3.75 -3.38
N LYS B 193 -33.26 -2.92 -2.42
CA LYS B 193 -34.68 -2.74 -2.13
C LYS B 193 -35.43 -2.02 -3.27
N THR B 194 -34.71 -1.21 -4.05
CA THR B 194 -35.24 -0.55 -5.23
C THR B 194 -35.49 -1.57 -6.37
N LEU B 195 -34.43 -2.28 -6.78
CA LEU B 195 -34.47 -3.22 -7.91
C LEU B 195 -35.51 -4.33 -7.73
N ALA B 196 -35.76 -4.70 -6.47
CA ALA B 196 -36.78 -5.67 -6.08
C ALA B 196 -38.21 -5.20 -6.41
N GLN B 197 -38.37 -3.89 -6.59
CA GLN B 197 -39.69 -3.31 -6.92
C GLN B 197 -39.86 -2.97 -8.41
N LEU B 198 -38.77 -2.98 -9.17
CA LEU B 198 -38.79 -2.60 -10.58
C LEU B 198 -38.79 -3.79 -11.53
N ASN B 199 -39.34 -3.56 -12.72
CA ASN B 199 -39.31 -4.49 -13.86
C ASN B 199 -38.31 -3.90 -14.90
N PRO B 200 -37.28 -4.69 -15.31
CA PRO B 200 -36.25 -4.12 -16.20
C PRO B 200 -36.73 -3.74 -17.62
N GLU B 201 -37.89 -4.27 -18.02
CA GLU B 201 -38.53 -3.96 -19.31
C GLU B 201 -39.04 -2.52 -19.43
N SER B 202 -39.48 -1.97 -18.29
CA SER B 202 -40.07 -0.63 -18.20
C SER B 202 -39.33 0.31 -17.24
N SER B 203 -38.01 0.15 -17.09
CA SER B 203 -37.21 0.96 -16.17
C SER B 203 -36.05 1.71 -16.86
N LEU B 204 -35.95 3.01 -16.58
CA LEU B 204 -34.89 3.85 -17.10
C LEU B 204 -33.94 4.28 -15.97
N PHE B 205 -32.64 4.05 -16.17
CA PHE B 205 -31.63 4.36 -15.19
C PHE B 205 -30.85 5.59 -15.60
N ILE B 206 -30.68 6.51 -14.66
CA ILE B 206 -29.96 7.76 -14.88
C ILE B 206 -28.72 7.79 -13.99
N ILE B 207 -27.54 7.83 -14.60
CA ILE B 207 -26.30 7.81 -13.84
C ILE B 207 -25.80 9.23 -13.72
N ALA B 208 -26.24 9.87 -12.65
CA ALA B 208 -25.92 11.26 -12.33
C ALA B 208 -24.59 11.30 -11.60
N SER B 209 -23.57 11.82 -12.30
CA SER B 209 -22.24 12.01 -11.73
C SER B 209 -21.42 12.98 -12.55
N LYS B 210 -21.05 14.11 -11.94
CA LYS B 210 -20.22 15.18 -12.54
C LYS B 210 -18.89 14.64 -13.06
N THR B 211 -18.15 13.96 -12.17
CA THR B 211 -16.85 13.38 -12.47
C THR B 211 -16.94 12.02 -13.17
N PHE B 212 -18.03 11.30 -12.93
CA PHE B 212 -18.24 9.91 -13.39
C PHE B 212 -17.17 8.92 -12.89
N THR B 213 -16.62 9.20 -11.70
CA THR B 213 -15.57 8.38 -11.06
C THR B 213 -15.95 7.92 -9.64
N THR B 214 -16.88 8.65 -9.02
CA THR B 214 -17.36 8.43 -7.65
C THR B 214 -17.74 6.98 -7.37
N GLN B 215 -17.09 6.40 -6.36
CA GLN B 215 -17.22 4.99 -6.00
C GLN B 215 -18.68 4.53 -5.80
N GLU B 216 -19.41 5.22 -4.92
CA GLU B 216 -20.83 4.98 -4.64
C GLU B 216 -21.71 4.86 -5.90
N THR B 217 -21.65 5.91 -6.74
CA THR B 217 -22.45 6.03 -7.95
C THR B 217 -22.09 4.94 -8.98
N ILE B 218 -20.78 4.79 -9.26
CA ILE B 218 -20.28 3.82 -10.23
C ILE B 218 -20.60 2.38 -9.83
N THR B 219 -20.37 2.03 -8.56
CA THR B 219 -20.69 0.69 -8.03
C THR B 219 -22.19 0.39 -8.12
N ASN B 220 -23.02 1.36 -7.68
CA ASN B 220 -24.49 1.25 -7.79
C ASN B 220 -24.97 1.14 -9.24
N ALA B 221 -24.27 1.86 -10.14
CA ALA B 221 -24.54 1.83 -11.58
C ALA B 221 -24.18 0.49 -12.22
N GLU B 222 -23.05 -0.07 -11.78
CA GLU B 222 -22.62 -1.38 -12.25
C GLU B 222 -23.54 -2.52 -11.79
N THR B 223 -24.05 -2.40 -10.56
CA THR B 223 -24.99 -3.38 -9.99
C THR B 223 -26.31 -3.40 -10.76
N ALA B 224 -26.84 -2.21 -11.02
CA ALA B 224 -28.07 -2.04 -11.78
C ALA B 224 -27.94 -2.58 -13.22
N LYS B 225 -26.78 -2.28 -13.85
CA LYS B 225 -26.45 -2.75 -15.19
C LYS B 225 -26.36 -4.27 -15.25
N GLU B 226 -25.76 -4.87 -14.22
CA GLU B 226 -25.67 -6.31 -14.06
C GLU B 226 -27.04 -6.94 -13.82
N TRP B 227 -27.86 -6.28 -13.01
CA TRP B 227 -29.25 -6.69 -12.74
C TRP B 227 -30.12 -6.65 -13.99
N PHE B 228 -29.93 -5.59 -14.79
CA PHE B 228 -30.66 -5.40 -16.05
C PHE B 228 -30.30 -6.45 -17.11
N LEU B 229 -28.99 -6.65 -17.32
CA LEU B 229 -28.46 -7.61 -18.30
C LEU B 229 -28.72 -9.08 -17.93
N GLN B 230 -29.03 -9.34 -16.65
CA GLN B 230 -29.43 -10.67 -16.17
C GLN B 230 -30.79 -11.12 -16.69
N ALA B 231 -31.62 -10.15 -17.08
CA ALA B 231 -32.96 -10.41 -17.61
C ALA B 231 -33.04 -10.15 -19.13
N ALA B 232 -32.28 -9.15 -19.60
CA ALA B 232 -32.26 -8.75 -21.01
C ALA B 232 -31.33 -9.62 -21.88
N LYS B 233 -30.13 -9.88 -21.37
CA LYS B 233 -29.10 -10.70 -22.05
C LYS B 233 -28.51 -10.10 -23.34
N ASP B 234 -28.79 -8.83 -23.61
CA ASP B 234 -28.38 -8.14 -24.83
C ASP B 234 -27.66 -6.82 -24.45
N PRO B 235 -26.36 -6.66 -24.80
CA PRO B 235 -25.61 -5.41 -24.48
C PRO B 235 -26.13 -4.16 -25.18
N SER B 236 -26.85 -4.38 -26.31
CA SER B 236 -27.44 -3.30 -27.12
C SER B 236 -28.65 -2.63 -26.47
N ALA B 237 -29.32 -3.35 -25.57
CA ALA B 237 -30.48 -2.87 -24.82
C ALA B 237 -30.13 -1.82 -23.75
N VAL B 238 -28.85 -1.76 -23.35
CA VAL B 238 -28.33 -0.77 -22.39
C VAL B 238 -28.54 0.69 -22.88
N ALA B 239 -28.48 0.90 -24.19
CA ALA B 239 -28.74 2.20 -24.83
C ALA B 239 -30.22 2.64 -24.76
N LYS B 240 -31.09 1.68 -24.43
CA LYS B 240 -32.53 1.93 -24.24
C LYS B 240 -32.94 2.18 -22.78
N HIS B 241 -32.14 1.71 -21.82
CA HIS B 241 -32.48 1.78 -20.39
C HIS B 241 -31.47 2.52 -19.50
N PHE B 242 -30.40 3.06 -20.10
CA PHE B 242 -29.36 3.76 -19.35
C PHE B 242 -28.95 5.07 -20.01
N VAL B 243 -28.97 6.14 -19.22
CA VAL B 243 -28.53 7.48 -19.65
C VAL B 243 -27.57 8.05 -18.59
N ALA B 244 -26.74 9.01 -18.99
CA ALA B 244 -25.76 9.61 -18.08
C ALA B 244 -25.82 11.14 -18.05
N LEU B 245 -25.55 11.70 -16.87
CA LEU B 245 -25.45 13.13 -16.68
C LEU B 245 -24.05 13.39 -16.15
N SER B 246 -23.17 13.93 -17.00
CA SER B 246 -21.77 14.11 -16.67
C SER B 246 -21.07 15.25 -17.42
N THR B 247 -19.88 15.59 -16.94
CA THR B 247 -18.93 16.49 -17.61
C THR B 247 -17.84 15.69 -18.37
N ASN B 248 -17.58 14.48 -17.89
CA ASN B 248 -16.57 13.59 -18.45
C ASN B 248 -17.15 12.67 -19.54
N THR B 249 -16.85 13.00 -20.79
CA THR B 249 -17.33 12.25 -21.96
C THR B 249 -16.65 10.88 -22.11
N THR B 250 -15.35 10.82 -21.80
CA THR B 250 -14.58 9.58 -21.93
C THR B 250 -15.07 8.50 -20.96
N LYS B 251 -15.23 8.87 -19.69
CA LYS B 251 -15.72 7.95 -18.64
C LYS B 251 -17.12 7.38 -18.91
N VAL B 252 -18.01 8.19 -19.48
CA VAL B 252 -19.38 7.79 -19.86
C VAL B 252 -19.39 6.69 -20.93
N LYS B 253 -18.64 6.91 -22.01
CA LYS B 253 -18.49 5.93 -23.10
C LYS B 253 -17.81 4.65 -22.62
N GLU B 254 -16.80 4.79 -21.76
CA GLU B 254 -16.08 3.67 -21.13
C GLU B 254 -16.99 2.76 -20.30
N PHE B 255 -18.01 3.35 -19.66
CA PHE B 255 -18.99 2.61 -18.87
C PHE B 255 -19.92 1.73 -19.71
N GLY B 256 -20.17 2.13 -20.95
CA GLY B 256 -21.02 1.36 -21.89
C GLY B 256 -22.26 2.12 -22.34
N ILE B 257 -22.32 3.38 -21.93
CA ILE B 257 -23.43 4.27 -22.25
C ILE B 257 -23.16 4.91 -23.61
N ASP B 258 -24.15 4.81 -24.49
CA ASP B 258 -24.20 5.45 -25.81
C ASP B 258 -23.88 6.96 -25.69
N PRO B 259 -22.96 7.50 -26.54
CA PRO B 259 -22.60 8.94 -26.42
C PRO B 259 -23.75 9.93 -26.68
N GLN B 260 -24.83 9.46 -27.32
CA GLN B 260 -26.06 10.24 -27.56
C GLN B 260 -27.07 10.15 -26.38
N ASN B 261 -26.73 9.33 -25.38
CA ASN B 261 -27.50 9.17 -24.15
C ASN B 261 -26.86 9.96 -23.01
N MET B 262 -25.97 10.90 -23.33
CA MET B 262 -25.35 11.75 -22.31
C MET B 262 -25.83 13.20 -22.33
N PHE B 263 -26.15 13.69 -21.14
CA PHE B 263 -26.67 15.03 -20.95
C PHE B 263 -25.61 15.79 -20.17
N GLU B 264 -24.95 16.70 -20.89
CA GLU B 264 -23.78 17.41 -20.43
C GLU B 264 -24.08 18.54 -19.45
N PHE B 265 -23.12 18.77 -18.55
CA PHE B 265 -23.00 19.98 -17.76
C PHE B 265 -21.51 20.35 -17.60
N TRP B 266 -21.18 21.38 -16.80
CA TRP B 266 -19.83 21.97 -16.81
C TRP B 266 -19.25 22.09 -15.41
N ASP B 267 -17.95 22.37 -15.31
CA ASP B 267 -17.26 22.46 -14.02
C ASP B 267 -17.68 23.64 -13.15
N TRP B 268 -18.26 24.67 -13.75
CA TRP B 268 -18.81 25.82 -13.01
C TRP B 268 -20.24 25.55 -12.48
N VAL B 269 -20.68 24.30 -12.62
CA VAL B 269 -21.90 23.78 -12.00
C VAL B 269 -21.45 22.92 -10.81
N GLY B 270 -21.37 23.51 -9.61
CA GLY B 270 -21.15 22.74 -8.37
C GLY B 270 -22.31 21.79 -8.07
N GLY B 271 -21.99 20.62 -7.49
CA GLY B 271 -22.97 19.60 -7.13
C GLY B 271 -24.16 20.17 -6.36
N ARG B 272 -23.87 20.88 -5.26
CA ARG B 272 -24.93 21.46 -4.41
C ARG B 272 -25.69 22.63 -5.05
N TYR B 273 -25.40 22.89 -6.33
CA TYR B 273 -26.10 23.90 -7.14
C TYR B 273 -26.43 23.34 -8.54
N SER B 274 -26.48 22.00 -8.65
CA SER B 274 -26.61 21.34 -9.94
C SER B 274 -28.02 20.91 -10.35
N LEU B 275 -29.00 20.97 -9.44
CA LEU B 275 -30.37 20.55 -9.76
C LEU B 275 -30.93 21.23 -11.02
N TRP B 276 -30.50 22.48 -11.22
CA TRP B 276 -30.90 23.34 -12.36
C TRP B 276 -30.40 22.85 -13.72
N SER B 277 -29.22 22.20 -13.70
CA SER B 277 -28.52 21.66 -14.88
C SER B 277 -29.14 20.36 -15.40
N ALA B 278 -28.32 19.52 -16.02
CA ALA B 278 -28.76 18.21 -16.53
C ALA B 278 -29.10 17.24 -15.39
N ILE B 279 -28.54 17.51 -14.21
CA ILE B 279 -28.81 16.76 -12.99
C ILE B 279 -30.33 16.68 -12.68
N GLY B 280 -31.06 17.72 -13.11
CA GLY B 280 -32.49 17.80 -12.90
C GLY B 280 -33.32 17.08 -13.93
N LEU B 281 -32.70 16.16 -14.68
CA LEU B 281 -33.42 15.39 -15.70
C LEU B 281 -34.55 14.52 -15.09
N SER B 282 -34.28 13.98 -13.89
CA SER B 282 -35.27 13.22 -13.12
C SER B 282 -36.50 14.06 -12.75
N ILE B 283 -36.27 15.34 -12.41
CA ILE B 283 -37.35 16.32 -12.11
C ILE B 283 -38.20 16.55 -13.37
N ALA B 284 -37.51 16.88 -14.47
CA ALA B 284 -38.14 17.12 -15.78
C ALA B 284 -38.88 15.89 -16.32
N LEU B 285 -38.41 14.70 -15.98
CA LEU B 285 -39.11 13.46 -16.38
C LEU B 285 -40.38 13.24 -15.55
N HIS B 286 -40.34 13.65 -14.27
CA HIS B 286 -41.40 13.39 -13.31
C HIS B 286 -42.58 14.34 -13.48
N VAL B 287 -42.30 15.64 -13.49
CA VAL B 287 -43.33 16.67 -13.59
C VAL B 287 -43.43 17.34 -15.00
N GLY B 288 -42.55 16.94 -15.92
CA GLY B 288 -42.52 17.51 -17.29
C GLY B 288 -41.55 18.66 -17.45
N PHE B 289 -41.13 18.89 -18.68
CA PHE B 289 -40.18 19.97 -18.98
C PHE B 289 -40.76 21.38 -18.80
N ASP B 290 -42.07 21.51 -18.98
CA ASP B 290 -42.77 22.80 -18.80
C ASP B 290 -42.67 23.28 -17.35
N ASN B 291 -42.89 22.35 -16.41
CA ASN B 291 -42.75 22.63 -14.98
C ASN B 291 -41.30 22.80 -14.57
N PHE B 292 -40.40 22.09 -15.23
CA PHE B 292 -38.96 22.29 -15.03
C PHE B 292 -38.48 23.67 -15.52
N GLU B 293 -39.06 24.14 -16.63
CA GLU B 293 -38.83 25.52 -17.10
C GLU B 293 -39.30 26.54 -16.10
N GLN B 294 -40.49 26.32 -15.55
CA GLN B 294 -41.08 27.15 -14.50
C GLN B 294 -40.21 27.22 -13.25
N LEU B 295 -39.61 26.09 -12.88
CA LEU B 295 -38.66 25.99 -11.77
C LEU B 295 -37.45 26.90 -11.99
N LEU B 296 -36.89 26.84 -13.20
CA LEU B 296 -35.72 27.66 -13.57
C LEU B 296 -36.07 29.13 -13.68
N SER B 297 -37.29 29.40 -14.16
CA SER B 297 -37.82 30.78 -14.29
C SER B 297 -37.99 31.45 -12.95
N GLY B 298 -38.41 30.68 -11.96
CA GLY B 298 -38.57 31.16 -10.58
C GLY B 298 -37.24 31.52 -9.95
N ALA B 299 -36.24 30.69 -10.21
CA ALA B 299 -34.89 30.93 -9.72
C ALA B 299 -34.32 32.18 -10.40
N HIS B 300 -34.55 32.28 -11.71
CA HIS B 300 -34.17 33.44 -12.52
C HIS B 300 -34.72 34.74 -11.96
N TRP B 301 -36.02 34.78 -11.64
CA TRP B 301 -36.62 35.93 -10.97
C TRP B 301 -35.87 36.33 -9.71
N MET B 302 -35.53 35.34 -8.87
CA MET B 302 -34.81 35.57 -7.63
C MET B 302 -33.36 36.03 -7.83
N ASP B 303 -32.68 35.48 -8.85
CA ASP B 303 -31.35 35.95 -9.25
C ASP B 303 -31.39 37.41 -9.64
N GLN B 304 -32.39 37.76 -10.46
CA GLN B 304 -32.59 39.13 -10.90
C GLN B 304 -32.94 40.07 -9.74
N HIS B 305 -33.75 39.56 -8.80
CA HIS B 305 -34.09 40.31 -7.59
C HIS B 305 -32.85 40.59 -6.76
N PHE B 306 -32.02 39.56 -6.56
CA PHE B 306 -30.75 39.65 -5.82
C PHE B 306 -29.78 40.65 -6.46
N ARG B 307 -29.67 40.60 -7.79
CA ARG B 307 -28.73 41.43 -8.55
C ARG B 307 -29.10 42.92 -8.63
N THR B 308 -30.40 43.22 -8.73
CA THR B 308 -30.88 44.60 -8.99
C THR B 308 -31.39 45.35 -7.76
N THR B 309 -31.79 44.65 -6.69
CA THR B 309 -32.38 45.31 -5.50
C THR B 309 -31.30 45.89 -4.56
N PRO B 310 -31.45 47.17 -4.11
CA PRO B 310 -30.59 47.71 -3.04
C PRO B 310 -30.54 46.83 -1.79
N LEU B 311 -29.33 46.70 -1.23
CA LEU B 311 -29.02 45.80 -0.11
C LEU B 311 -30.00 45.81 1.08
N GLU B 312 -30.46 46.99 1.47
CA GLU B 312 -31.39 47.17 2.61
C GLU B 312 -32.82 46.64 2.34
N LYS B 313 -33.16 46.35 1.09
CA LYS B 313 -34.46 45.78 0.70
C LYS B 313 -34.33 44.44 -0.06
N ASN B 314 -33.10 43.92 -0.13
CA ASN B 314 -32.77 42.70 -0.87
C ASN B 314 -33.04 41.46 0.02
N ALA B 315 -33.81 40.50 -0.49
CA ALA B 315 -34.23 39.33 0.31
C ALA B 315 -33.11 38.40 0.78
N PRO B 316 -32.30 37.80 -0.15
CA PRO B 316 -31.22 36.93 0.32
C PRO B 316 -30.18 37.69 1.16
N VAL B 317 -30.00 38.96 0.84
CA VAL B 317 -29.05 39.84 1.56
C VAL B 317 -29.46 40.03 3.03
N LEU B 318 -30.72 40.40 3.26
CA LEU B 318 -31.23 40.58 4.62
C LEU B 318 -31.22 39.30 5.45
N LEU B 319 -31.60 38.17 4.85
CA LEU B 319 -31.61 36.86 5.52
C LEU B 319 -30.20 36.41 5.91
N ALA B 320 -29.24 36.70 5.04
CA ALA B 320 -27.83 36.41 5.26
C ALA B 320 -27.27 37.23 6.40
N LEU B 321 -27.67 38.50 6.46
CA LEU B 321 -27.13 39.43 7.44
C LEU B 321 -27.65 39.19 8.83
N LEU B 322 -28.91 38.73 8.93
CA LEU B 322 -29.48 38.30 10.20
C LEU B 322 -28.70 37.08 10.75
N GLY B 323 -28.32 36.17 9.84
CA GLY B 323 -27.44 35.03 10.16
C GLY B 323 -26.11 35.43 10.78
N ILE B 324 -25.42 36.39 10.14
CA ILE B 324 -24.13 36.94 10.60
C ILE B 324 -24.26 37.53 12.01
N TRP B 325 -25.36 38.25 12.22
CA TRP B 325 -25.71 38.87 13.51
C TRP B 325 -25.86 37.88 14.69
N TYR B 326 -26.35 36.68 14.40
CA TYR B 326 -26.55 35.64 15.42
C TYR B 326 -25.33 34.74 15.61
N ILE B 327 -24.63 34.46 14.51
CA ILE B 327 -23.41 33.63 14.50
C ILE B 327 -22.21 34.37 15.11
N ASN B 328 -21.89 35.55 14.57
CA ASN B 328 -20.67 36.29 14.96
C ASN B 328 -20.83 37.24 16.15
N CYS B 329 -22.06 37.46 16.60
CA CYS B 329 -22.31 38.24 17.82
C CYS B 329 -22.95 37.40 18.93
N PHE B 330 -24.14 36.84 18.69
CA PHE B 330 -24.84 35.99 19.67
C PHE B 330 -24.17 34.63 19.94
N GLY B 331 -23.40 34.13 18.98
CA GLY B 331 -22.66 32.88 19.09
C GLY B 331 -23.38 31.60 18.68
N CYS B 332 -24.56 31.75 18.07
CA CYS B 332 -25.42 30.64 17.62
C CYS B 332 -24.70 29.71 16.65
N GLU B 333 -24.59 28.45 17.07
CA GLU B 333 -24.01 27.37 16.29
C GLU B 333 -24.98 26.85 15.24
N THR B 334 -26.28 27.00 15.46
CA THR B 334 -27.30 26.35 14.61
C THR B 334 -28.24 27.33 13.95
N HIS B 335 -28.92 26.84 12.91
CA HIS B 335 -29.97 27.55 12.23
C HIS B 335 -31.01 26.53 11.77
N ALA B 336 -32.24 26.72 12.24
CA ALA B 336 -33.32 25.80 11.96
C ALA B 336 -34.20 26.26 10.83
N MET B 337 -34.48 25.35 9.91
CA MET B 337 -35.36 25.60 8.78
C MET B 337 -36.56 24.67 8.93
N LEU B 338 -37.72 25.30 9.17
CA LEU B 338 -38.95 24.59 9.56
C LEU B 338 -40.11 24.88 8.57
N PRO B 339 -40.19 24.10 7.47
CA PRO B 339 -41.28 24.32 6.54
C PRO B 339 -42.58 23.67 7.01
N TYR B 340 -43.66 24.44 6.98
CA TYR B 340 -44.97 23.96 7.36
C TYR B 340 -45.65 23.38 6.13
N ASP B 341 -45.02 22.36 5.58
CA ASP B 341 -45.42 21.77 4.31
C ASP B 341 -44.81 20.38 4.22
N GLN B 342 -45.67 19.40 3.99
CA GLN B 342 -45.29 17.98 3.94
C GLN B 342 -44.56 17.60 2.65
N TYR B 343 -44.78 18.38 1.59
CA TYR B 343 -44.05 18.18 0.34
C TYR B 343 -42.59 18.63 0.50
N LEU B 344 -42.36 19.59 1.39
CA LEU B 344 -41.04 20.08 1.70
C LEU B 344 -40.32 19.33 2.86
N HIS B 345 -40.56 18.02 3.00
CA HIS B 345 -39.86 17.23 4.05
C HIS B 345 -38.33 17.14 3.86
N ARG B 346 -37.87 17.17 2.61
CA ARG B 346 -36.43 17.15 2.35
C ARG B 346 -35.76 18.53 2.15
N PHE B 347 -36.55 19.60 2.28
CA PHE B 347 -36.07 20.98 2.11
C PHE B 347 -34.96 21.35 3.09
N ALA B 348 -35.18 21.08 4.38
CA ALA B 348 -34.17 21.34 5.42
C ALA B 348 -32.86 20.54 5.20
N ALA B 349 -33.03 19.29 4.75
CA ALA B 349 -31.93 18.39 4.44
C ALA B 349 -31.12 18.86 3.23
N TYR B 350 -31.81 19.43 2.23
CA TYR B 350 -31.12 19.93 1.05
C TYR B 350 -30.21 21.09 1.42
N PHE B 351 -30.72 22.01 2.25
CA PHE B 351 -29.91 23.14 2.66
C PHE B 351 -28.95 22.83 3.78
N GLN B 352 -29.06 21.64 4.34
CA GLN B 352 -28.06 21.12 5.26
C GLN B 352 -26.79 20.83 4.44
N GLN B 353 -26.98 20.30 3.22
CA GLN B 353 -25.89 20.16 2.26
C GLN B 353 -25.49 21.51 1.70
N GLY B 354 -26.44 22.23 1.09
CA GLY B 354 -26.20 23.55 0.50
C GLY B 354 -25.42 24.56 1.33
N ASP B 355 -25.85 24.79 2.56
CA ASP B 355 -25.25 25.78 3.48
C ASP B 355 -23.93 25.23 4.06
N MET B 356 -24.02 24.11 4.78
CA MET B 356 -22.87 23.51 5.47
C MET B 356 -21.71 23.09 4.57
N GLU B 357 -22.01 22.59 3.37
CA GLU B 357 -20.93 22.22 2.44
C GLU B 357 -20.23 23.44 1.80
N SER B 358 -20.91 24.58 1.81
CA SER B 358 -20.43 25.86 1.27
C SER B 358 -19.65 26.68 2.32
N ASN B 359 -20.29 26.93 3.46
CA ASN B 359 -19.77 27.85 4.49
C ASN B 359 -19.10 27.13 5.68
N GLY B 360 -18.97 25.81 5.61
CA GLY B 360 -18.20 25.03 6.57
C GLY B 360 -16.71 25.08 6.25
N LYS B 361 -16.11 26.24 6.51
CA LYS B 361 -14.72 26.55 6.11
C LYS B 361 -14.00 27.29 7.23
N TYR B 362 -12.67 27.33 7.19
CA TYR B 362 -11.86 28.04 8.20
C TYR B 362 -10.68 28.87 7.64
N ILE B 363 -10.43 28.73 6.33
CA ILE B 363 -9.34 29.42 5.62
C ILE B 363 -9.92 30.53 4.70
N THR B 364 -9.34 31.75 4.80
CA THR B 364 -9.77 32.91 3.96
C THR B 364 -9.30 32.86 2.50
N LYS B 365 -9.65 33.89 1.73
CA LYS B 365 -9.24 34.07 0.33
C LYS B 365 -7.72 34.21 0.19
N SER B 366 -7.10 34.87 1.16
CA SER B 366 -5.64 35.02 1.25
C SER B 366 -4.92 33.71 1.62
N GLY B 367 -5.47 32.97 2.58
CA GLY B 367 -4.88 31.73 3.07
C GLY B 367 -4.75 31.65 4.59
N THR B 368 -5.04 32.76 5.27
CA THR B 368 -4.99 32.84 6.74
C THR B 368 -6.21 32.20 7.39
N ARG B 369 -6.00 31.58 8.56
CA ARG B 369 -7.08 31.01 9.37
C ARG B 369 -8.00 32.08 9.91
N VAL B 370 -9.29 31.76 10.02
CA VAL B 370 -10.27 32.69 10.58
C VAL B 370 -10.21 32.72 12.10
N ASP B 371 -10.37 33.92 12.64
CA ASP B 371 -10.45 34.15 14.07
C ASP B 371 -11.88 34.51 14.52
N HIS B 372 -12.86 34.01 13.76
CA HIS B 372 -14.30 34.23 13.97
C HIS B 372 -15.07 32.98 13.53
N GLN B 373 -16.37 32.91 13.87
CA GLN B 373 -17.22 31.79 13.46
C GLN B 373 -17.67 31.89 11.99
N THR B 374 -17.65 30.74 11.28
CA THR B 374 -18.20 30.66 9.93
C THR B 374 -19.63 30.05 9.91
N GLY B 375 -19.91 29.16 8.94
CA GLY B 375 -21.26 28.62 8.70
C GLY B 375 -21.87 27.85 9.85
N PRO B 376 -23.21 27.93 10.02
CA PRO B 376 -23.86 27.20 11.10
C PRO B 376 -24.21 25.75 10.76
N ILE B 377 -24.71 25.03 11.75
CA ILE B 377 -25.26 23.71 11.55
C ILE B 377 -26.71 23.90 11.17
N VAL B 378 -27.07 23.43 9.99
CA VAL B 378 -28.42 23.62 9.46
C VAL B 378 -29.19 22.32 9.61
N TRP B 379 -30.39 22.41 10.19
CA TRP B 379 -31.23 21.24 10.46
C TRP B 379 -32.69 21.67 10.51
N GLY B 380 -33.60 20.69 10.55
CA GLY B 380 -35.03 20.94 10.70
C GLY B 380 -35.87 19.81 10.16
N GLU B 381 -37.16 19.85 10.52
CA GLU B 381 -38.18 18.91 10.08
C GLU B 381 -39.47 19.70 9.84
N PRO B 382 -40.37 19.21 8.98
CA PRO B 382 -41.57 19.98 8.73
C PRO B 382 -42.52 20.12 9.94
N GLY B 383 -43.24 21.24 9.98
CA GLY B 383 -44.33 21.46 10.94
C GLY B 383 -45.60 20.77 10.43
N THR B 384 -46.54 20.39 11.32
CA THR B 384 -46.50 20.71 12.77
C THR B 384 -45.73 19.72 13.64
N ASN B 385 -45.38 18.55 13.07
CA ASN B 385 -44.68 17.46 13.78
C ASN B 385 -43.62 17.89 14.78
N GLY B 386 -42.78 18.84 14.41
CA GLY B 386 -41.72 19.36 15.28
C GLY B 386 -42.18 19.95 16.61
N GLN B 387 -43.38 20.52 16.62
CA GLN B 387 -44.01 21.10 17.84
C GLN B 387 -44.17 20.11 18.99
N HIS B 388 -44.39 18.86 18.62
CA HIS B 388 -44.57 17.73 19.53
C HIS B 388 -43.25 17.06 19.90
N ALA B 389 -42.12 17.66 19.52
CA ALA B 389 -40.79 17.06 19.65
C ALA B 389 -39.70 18.07 20.06
N PHE B 390 -38.76 18.34 19.14
CA PHE B 390 -37.61 19.23 19.37
C PHE B 390 -37.91 20.70 19.70
N TYR B 391 -39.16 21.15 19.46
CA TYR B 391 -39.56 22.53 19.79
C TYR B 391 -39.46 22.80 21.30
N GLN B 392 -39.48 21.73 22.11
CA GLN B 392 -39.24 21.75 23.56
C GLN B 392 -37.90 22.40 23.91
N LEU B 393 -36.84 22.03 23.19
CA LEU B 393 -35.51 22.64 23.41
C LEU B 393 -35.44 24.07 22.82
N ILE B 394 -36.31 24.36 21.83
CA ILE B 394 -36.37 25.70 21.24
C ILE B 394 -37.06 26.67 22.23
N HIS B 395 -38.17 26.22 22.82
CA HIS B 395 -38.95 26.98 23.80
C HIS B 395 -38.36 27.05 25.21
N GLN B 396 -37.75 25.96 25.70
CA GLN B 396 -37.31 25.84 27.09
C GLN B 396 -35.88 25.32 27.33
N GLY B 397 -35.12 25.10 26.25
CA GLY B 397 -33.72 24.68 26.33
C GLY B 397 -32.79 25.78 26.81
N THR B 398 -31.48 25.55 26.70
CA THR B 398 -30.47 26.56 27.11
C THR B 398 -29.64 27.08 25.92
N LYS B 399 -30.13 26.79 24.72
CA LYS B 399 -29.45 27.15 23.47
C LYS B 399 -30.35 28.03 22.61
N MET B 400 -29.72 29.04 22.02
CA MET B 400 -30.41 29.95 21.11
C MET B 400 -30.36 29.40 19.69
N ILE B 401 -31.54 29.23 19.11
CA ILE B 401 -31.70 28.70 17.73
C ILE B 401 -32.60 29.66 16.92
N PRO B 402 -32.01 30.40 15.97
CA PRO B 402 -32.83 31.25 15.09
C PRO B 402 -33.54 30.33 14.11
N CYS B 403 -34.84 30.52 13.97
CA CYS B 403 -35.65 29.64 13.11
C CYS B 403 -36.18 30.36 11.89
N ASP B 404 -36.25 29.65 10.77
CA ASP B 404 -36.98 30.05 9.58
C ASP B 404 -38.24 29.20 9.41
N PHE B 405 -39.38 29.83 9.68
CA PHE B 405 -40.70 29.25 9.46
C PHE B 405 -41.16 29.60 8.05
N LEU B 406 -41.60 28.59 7.28
CA LEU B 406 -42.04 28.77 5.89
C LEU B 406 -43.39 28.09 5.66
N ILE B 407 -44.31 28.71 4.91
CA ILE B 407 -45.64 28.12 4.63
C ILE B 407 -46.32 28.69 3.37
N PRO B 408 -46.86 27.82 2.49
CA PRO B 408 -47.69 28.40 1.42
C PRO B 408 -49.09 28.77 1.95
N VAL B 409 -49.65 29.85 1.41
CA VAL B 409 -50.99 30.33 1.77
C VAL B 409 -52.03 29.38 1.20
N GLN B 410 -51.82 28.94 -0.04
CA GLN B 410 -52.70 28.01 -0.75
C GLN B 410 -52.10 26.60 -0.72
N THR B 411 -52.96 25.62 -0.46
CA THR B 411 -52.53 24.22 -0.32
C THR B 411 -52.89 23.45 -1.59
N GLN B 412 -52.07 22.44 -1.89
CA GLN B 412 -52.29 21.59 -3.06
C GLN B 412 -53.50 20.66 -2.83
N HIS B 413 -53.83 20.44 -1.55
CA HIS B 413 -54.92 19.57 -1.14
C HIS B 413 -55.84 20.27 -0.12
N PRO B 414 -56.83 21.04 -0.61
CA PRO B 414 -57.72 21.81 0.28
C PRO B 414 -58.92 20.97 0.75
N ILE B 415 -58.60 19.80 1.32
CA ILE B 415 -59.60 18.83 1.79
C ILE B 415 -60.36 19.38 2.99
N ARG B 416 -61.57 18.85 3.20
CA ARG B 416 -62.52 19.26 4.27
C ARG B 416 -62.82 20.76 4.21
N LYS B 417 -63.01 21.28 2.99
CA LYS B 417 -63.24 22.72 2.71
C LYS B 417 -62.19 23.65 3.37
N GLY B 418 -60.92 23.24 3.24
CA GLY B 418 -59.78 23.99 3.79
C GLY B 418 -59.56 23.92 5.28
N LEU B 419 -60.12 22.91 5.94
CA LEU B 419 -60.00 22.78 7.41
C LEU B 419 -58.58 22.45 7.87
N HIS B 420 -57.93 21.50 7.18
CA HIS B 420 -56.57 21.09 7.52
C HIS B 420 -55.55 22.22 7.37
N HIS B 421 -55.66 22.97 6.28
CA HIS B 421 -54.73 24.08 6.03
C HIS B 421 -54.93 25.25 6.99
N LYS B 422 -56.19 25.48 7.38
CA LYS B 422 -56.56 26.49 8.37
C LYS B 422 -55.85 26.24 9.71
N ILE B 423 -55.86 24.98 10.16
CA ILE B 423 -55.16 24.59 11.40
C ILE B 423 -53.64 24.73 11.24
N LEU B 424 -53.13 24.29 10.09
CA LEU B 424 -51.70 24.39 9.76
C LEU B 424 -51.22 25.83 9.79
N LEU B 425 -52.01 26.72 9.19
CA LEU B 425 -51.73 28.15 9.21
C LEU B 425 -51.79 28.72 10.63
N ALA B 426 -52.82 28.32 11.37
CA ALA B 426 -53.00 28.76 12.77
C ALA B 426 -51.82 28.37 13.64
N ASN B 427 -51.34 27.13 13.46
CA ASN B 427 -50.20 26.62 14.21
C ASN B 427 -48.91 27.34 13.86
N PHE B 428 -48.72 27.60 12.54
CA PHE B 428 -47.58 28.36 12.00
C PHE B 428 -47.45 29.71 12.68
N LEU B 429 -48.58 30.40 12.79
CA LEU B 429 -48.67 31.75 13.36
C LEU B 429 -48.45 31.74 14.87
N ALA B 430 -49.19 30.87 15.57
CA ALA B 430 -49.15 30.76 17.04
C ALA B 430 -47.77 30.41 17.60
N GLN B 431 -47.02 29.60 16.86
CA GLN B 431 -45.70 29.14 17.34
C GLN B 431 -44.64 30.22 17.31
N THR B 432 -44.58 30.98 16.20
CA THR B 432 -43.64 32.12 16.05
C THR B 432 -43.92 33.20 17.09
N GLU B 433 -45.20 33.44 17.35
CA GLU B 433 -45.70 34.34 18.38
C GLU B 433 -45.29 33.93 19.79
N ALA B 434 -45.55 32.68 20.15
CA ALA B 434 -45.16 32.10 21.46
C ALA B 434 -43.66 32.18 21.76
N LEU B 435 -42.84 31.96 20.74
CA LEU B 435 -41.38 32.06 20.85
C LEU B 435 -40.94 33.48 21.15
N MET B 436 -41.68 34.43 20.59
CA MET B 436 -41.45 35.86 20.76
C MET B 436 -41.86 36.34 22.15
N ARG B 437 -43.16 36.21 22.46
CA ARG B 437 -43.70 36.70 23.75
C ARG B 437 -43.40 35.81 24.96
N GLY B 438 -43.76 34.53 24.89
CA GLY B 438 -43.56 33.60 26.01
C GLY B 438 -44.70 33.60 27.00
N LYS B 439 -44.38 33.19 28.22
CA LYS B 439 -45.34 33.12 29.34
C LYS B 439 -44.62 33.45 30.65
N SER B 440 -44.99 34.59 31.26
CA SER B 440 -44.37 35.07 32.50
C SER B 440 -44.81 34.26 33.71
N THR B 441 -44.17 34.54 34.86
CA THR B 441 -44.48 33.88 36.12
C THR B 441 -45.92 34.16 36.56
N GLU B 442 -46.39 35.40 36.33
CA GLU B 442 -47.77 35.80 36.66
C GLU B 442 -48.81 35.23 35.70
N GLU B 443 -48.50 35.17 34.42
CA GLU B 443 -49.38 34.62 33.38
C GLU B 443 -49.62 33.12 33.56
N ALA B 444 -48.58 32.41 34.00
CA ALA B 444 -48.64 30.96 34.29
C ALA B 444 -49.43 30.65 35.56
N ARG B 445 -49.33 31.53 36.55
CA ARG B 445 -50.02 31.41 37.84
C ARG B 445 -51.54 31.55 37.70
N LYS B 446 -51.96 32.54 36.90
CA LYS B 446 -53.37 32.82 36.60
C LYS B 446 -54.04 31.66 35.83
N GLU B 447 -53.30 31.01 34.94
CA GLU B 447 -53.81 29.90 34.14
C GLU B 447 -54.01 28.62 34.95
N LEU B 448 -53.09 28.36 35.89
CA LEU B 448 -53.16 27.19 36.79
C LEU B 448 -54.27 27.30 37.84
N GLN B 449 -54.60 28.52 38.21
CA GLN B 449 -55.67 28.82 39.18
C GLN B 449 -57.07 28.59 38.60
N ALA B 450 -57.27 28.98 37.34
CA ALA B 450 -58.54 28.81 36.62
C ALA B 450 -58.88 27.36 36.29
N ALA B 451 -57.83 26.53 36.11
CA ALA B 451 -57.99 25.10 35.84
C ALA B 451 -58.32 24.30 37.10
N GLY B 452 -57.74 24.69 38.24
CA GLY B 452 -58.00 24.06 39.53
C GLY B 452 -56.78 23.39 40.13
N LYS B 453 -56.02 24.15 40.94
CA LYS B 453 -54.81 23.66 41.62
C LYS B 453 -54.62 24.29 43.01
N SER B 454 -54.28 23.45 43.99
CA SER B 454 -54.00 23.86 45.38
C SER B 454 -52.71 24.69 45.49
N PRO B 455 -52.66 25.66 46.46
CA PRO B 455 -51.47 26.53 46.62
C PRO B 455 -50.12 25.82 46.82
N GLU B 456 -50.15 24.58 47.31
CA GLU B 456 -48.95 23.76 47.54
C GLU B 456 -48.42 23.05 46.27
N ASP B 457 -49.36 22.61 45.43
CA ASP B 457 -49.07 21.92 44.16
C ASP B 457 -48.79 22.91 43.02
N LEU B 458 -49.53 24.03 43.04
CA LEU B 458 -49.42 25.10 42.04
C LEU B 458 -48.04 25.76 42.04
N GLU B 459 -47.51 26.05 43.23
CA GLU B 459 -46.24 26.77 43.37
C GLU B 459 -45.02 25.91 42.99
N ARG B 460 -45.10 24.60 43.24
CA ARG B 460 -44.05 23.65 42.86
C ARG B 460 -43.96 23.46 41.33
N LEU B 461 -45.14 23.44 40.69
CA LEU B 461 -45.30 23.27 39.24
C LEU B 461 -45.08 24.57 38.42
N LEU B 462 -45.32 25.72 39.06
CA LEU B 462 -45.22 27.06 38.45
C LEU B 462 -43.96 27.38 37.61
N PRO B 463 -42.72 27.22 38.15
CA PRO B 463 -41.56 27.62 37.31
C PRO B 463 -41.34 26.73 36.08
N HIS B 464 -41.79 25.48 36.15
CA HIS B 464 -41.68 24.51 35.06
C HIS B 464 -42.57 24.81 33.84
N LYS B 465 -43.67 25.53 34.07
CA LYS B 465 -44.61 25.93 33.01
C LYS B 465 -44.42 27.40 32.50
N VAL B 466 -43.26 27.98 32.85
CA VAL B 466 -42.89 29.35 32.50
C VAL B 466 -41.96 29.38 31.28
N PHE B 467 -42.33 30.23 30.32
CA PHE B 467 -41.61 30.39 29.06
C PHE B 467 -40.97 31.76 28.99
N GLU B 468 -39.63 31.77 28.95
CA GLU B 468 -38.86 33.01 28.92
C GLU B 468 -39.14 33.89 27.69
N GLY B 469 -39.42 33.25 26.55
CA GLY B 469 -39.69 33.94 25.29
C GLY B 469 -38.42 34.51 24.69
N ASN B 470 -38.59 35.55 23.86
CA ASN B 470 -37.50 36.34 23.27
C ASN B 470 -36.59 35.49 22.38
N ARG B 471 -37.23 34.62 21.60
CA ARG B 471 -36.56 33.73 20.65
C ARG B 471 -36.89 34.14 19.20
N PRO B 472 -35.86 34.41 18.37
CA PRO B 472 -36.10 35.01 17.04
C PRO B 472 -36.63 34.06 15.97
N THR B 473 -37.56 34.56 15.16
CA THR B 473 -38.02 33.84 13.96
C THR B 473 -38.12 34.71 12.70
N ASN B 474 -37.98 34.06 11.55
CA ASN B 474 -38.29 34.60 10.25
C ASN B 474 -39.51 33.84 9.79
N SER B 475 -40.54 34.57 9.35
CA SER B 475 -41.71 33.95 8.75
C SER B 475 -41.78 34.27 7.27
N ILE B 476 -41.46 33.26 6.47
CA ILE B 476 -41.50 33.33 5.00
C ILE B 476 -42.80 32.71 4.49
N VAL B 477 -43.73 33.57 4.07
CA VAL B 477 -45.02 33.15 3.56
C VAL B 477 -45.09 33.42 2.06
N PHE B 478 -45.52 32.41 1.30
CA PHE B 478 -45.62 32.46 -0.14
C PHE B 478 -47.02 32.02 -0.59
N THR B 479 -47.41 32.41 -1.80
CA THR B 479 -48.81 32.23 -2.22
C THR B 479 -49.15 30.77 -2.33
N LYS B 480 -48.34 30.02 -3.06
CA LYS B 480 -48.55 28.60 -3.31
C LYS B 480 -47.21 27.98 -3.61
N LEU B 481 -47.02 26.72 -3.25
CA LEU B 481 -45.79 26.02 -3.62
C LEU B 481 -45.95 25.36 -5.00
N THR B 482 -45.57 26.15 -6.01
CA THR B 482 -45.63 25.79 -7.45
C THR B 482 -44.20 25.58 -7.92
N PRO B 483 -43.98 24.98 -9.12
CA PRO B 483 -42.59 24.85 -9.59
C PRO B 483 -41.81 26.17 -9.55
N PHE B 484 -42.46 27.26 -10.00
CA PHE B 484 -41.87 28.61 -10.04
C PHE B 484 -41.46 29.09 -8.64
N MET B 485 -42.42 29.04 -7.72
CA MET B 485 -42.18 29.51 -6.35
C MET B 485 -41.06 28.75 -5.65
N LEU B 486 -41.00 27.43 -5.85
CA LEU B 486 -39.93 26.61 -5.29
C LEU B 486 -38.56 27.07 -5.82
N GLY B 487 -38.47 27.26 -7.14
CA GLY B 487 -37.27 27.81 -7.79
C GLY B 487 -36.78 29.10 -7.15
N ALA B 488 -37.71 30.02 -6.90
CA ALA B 488 -37.43 31.31 -6.25
C ALA B 488 -36.94 31.14 -4.82
N LEU B 489 -37.59 30.23 -4.08
CA LEU B 489 -37.25 29.94 -2.70
C LEU B 489 -35.87 29.27 -2.55
N VAL B 490 -35.59 28.27 -3.39
CA VAL B 490 -34.27 27.61 -3.41
C VAL B 490 -33.15 28.61 -3.76
N ALA B 491 -33.36 29.40 -4.81
CA ALA B 491 -32.40 30.43 -5.26
C ALA B 491 -32.17 31.51 -4.22
N MET B 492 -33.23 31.89 -3.49
CA MET B 492 -33.15 32.85 -2.38
C MET B 492 -32.15 32.40 -1.34
N TYR B 493 -32.21 31.12 -0.94
CA TYR B 493 -31.27 30.58 0.02
C TYR B 493 -29.88 30.38 -0.56
N GLU B 494 -29.80 29.98 -1.82
CA GLU B 494 -28.52 29.90 -2.54
C GLU B 494 -27.68 31.18 -2.41
N HIS B 495 -28.32 32.33 -2.65
CA HIS B 495 -27.64 33.63 -2.54
C HIS B 495 -27.45 34.08 -1.10
N LYS B 496 -28.34 33.66 -0.22
CA LYS B 496 -28.20 33.88 1.24
C LYS B 496 -26.86 33.30 1.72
N ILE B 497 -26.59 32.05 1.29
CA ILE B 497 -25.32 31.36 1.53
C ILE B 497 -24.14 32.15 0.95
N PHE B 498 -24.28 32.55 -0.33
CA PHE B 498 -23.28 33.33 -1.07
C PHE B 498 -22.84 34.61 -0.36
N VAL B 499 -23.82 35.40 0.10
CA VAL B 499 -23.56 36.67 0.80
C VAL B 499 -22.79 36.43 2.09
N GLN B 500 -23.21 35.42 2.86
CA GLN B 500 -22.54 35.01 4.11
C GLN B 500 -21.06 34.67 3.93
N GLY B 501 -20.76 33.90 2.89
CA GLY B 501 -19.39 33.48 2.59
C GLY B 501 -18.46 34.60 2.15
N ILE B 502 -19.04 35.64 1.54
CA ILE B 502 -18.31 36.83 1.10
C ILE B 502 -17.90 37.67 2.32
N ILE B 503 -18.85 37.88 3.24
CA ILE B 503 -18.60 38.55 4.53
C ILE B 503 -17.52 37.83 5.36
N TRP B 504 -17.56 36.48 5.35
CA TRP B 504 -16.58 35.65 6.07
C TRP B 504 -15.24 35.51 5.35
N ASP B 505 -15.20 35.99 4.10
CA ASP B 505 -14.00 35.95 3.22
C ASP B 505 -13.54 34.53 2.84
N ILE B 506 -14.47 33.59 2.88
CA ILE B 506 -14.22 32.18 2.54
C ILE B 506 -14.71 31.84 1.14
N ASN B 507 -14.24 30.71 0.62
CA ASN B 507 -14.68 30.17 -0.67
C ASN B 507 -15.90 29.29 -0.42
N SER B 508 -17.09 29.80 -0.78
CA SER B 508 -18.36 29.08 -0.63
C SER B 508 -18.56 28.00 -1.70
N PHE B 509 -17.54 27.76 -2.54
CA PHE B 509 -17.74 26.90 -3.71
C PHE B 509 -16.74 25.77 -3.86
N ASP B 510 -15.82 25.67 -2.90
CA ASP B 510 -14.90 24.49 -2.83
C ASP B 510 -15.45 23.46 -1.81
N GLN B 511 -14.97 22.23 -1.89
CA GLN B 511 -15.41 21.18 -0.98
C GLN B 511 -14.30 20.19 -0.64
N TRP B 512 -13.13 20.69 -0.24
CA TRP B 512 -12.09 19.88 0.37
C TRP B 512 -12.70 19.50 1.71
N GLY B 513 -12.84 18.22 1.88
CA GLY B 513 -13.67 17.64 2.98
C GLY B 513 -14.32 16.47 2.30
N VAL B 514 -15.17 16.78 1.31
CA VAL B 514 -15.85 15.75 0.52
C VAL B 514 -14.89 15.18 -0.52
N GLU B 515 -13.96 16.03 -0.98
CA GLU B 515 -12.94 15.60 -1.94
C GLU B 515 -11.95 14.66 -1.25
N LEU B 516 -11.68 14.92 0.04
CA LEU B 516 -10.87 14.05 0.90
C LEU B 516 -11.54 12.70 1.13
N GLY B 517 -12.84 12.72 1.40
CA GLY B 517 -13.66 11.51 1.63
C GLY B 517 -13.66 10.52 0.48
N LYS B 518 -13.56 11.03 -0.75
CA LYS B 518 -13.53 10.20 -1.95
C LYS B 518 -12.20 9.44 -2.18
N GLN B 519 -11.17 9.81 -1.41
CA GLN B 519 -9.86 9.15 -1.48
C GLN B 519 -9.53 8.25 -0.27
N LEU B 520 -10.16 8.51 0.88
CA LEU B 520 -9.83 7.87 2.18
C LEU B 520 -10.03 6.34 2.27
N ALA B 521 -11.13 5.85 1.68
CA ALA B 521 -11.50 4.44 1.73
C ALA B 521 -10.52 3.48 1.06
N LYS B 522 -9.64 4.02 0.22
CA LYS B 522 -8.71 3.21 -0.61
C LYS B 522 -7.68 2.44 0.23
N LYS B 523 -7.27 3.07 1.34
CA LYS B 523 -6.25 2.48 2.22
C LYS B 523 -6.80 1.33 3.08
N ILE B 524 -8.01 1.49 3.61
CA ILE B 524 -8.70 0.50 4.47
C ILE B 524 -9.34 -0.66 3.68
N GLU B 525 -9.79 -0.39 2.46
CA GLU B 525 -10.49 -1.38 1.61
C GLU B 525 -9.81 -2.77 1.45
N PRO B 526 -8.48 -2.83 1.14
CA PRO B 526 -7.88 -4.16 1.01
C PRO B 526 -7.61 -4.87 2.35
N GLU B 527 -7.43 -4.09 3.41
CA GLU B 527 -7.16 -4.61 4.76
C GLU B 527 -8.37 -5.29 5.41
N LEU B 528 -9.54 -5.17 4.80
CA LEU B 528 -10.77 -5.79 5.27
C LEU B 528 -10.95 -7.25 4.85
N ASP B 529 -10.38 -7.60 3.69
CA ASP B 529 -10.42 -8.98 3.17
C ASP B 529 -9.58 -9.92 4.03
N GLY B 530 -10.13 -11.11 4.28
CA GLY B 530 -9.48 -12.15 5.08
C GLY B 530 -9.90 -12.18 6.52
N SER B 531 -9.18 -12.98 7.30
CA SER B 531 -9.43 -13.12 8.75
C SER B 531 -8.21 -12.72 9.59
N ALA B 532 -7.12 -12.32 8.91
CA ALA B 532 -5.88 -11.87 9.56
C ALA B 532 -6.03 -10.55 10.31
N GLN B 533 -5.38 -10.44 11.48
CA GLN B 533 -5.43 -9.22 12.31
C GLN B 533 -4.71 -8.05 11.62
N VAL B 534 -5.24 -6.84 11.82
CA VAL B 534 -4.70 -5.63 11.19
C VAL B 534 -4.00 -4.78 12.26
N THR B 535 -2.78 -4.31 11.96
CA THR B 535 -1.99 -3.45 12.86
C THR B 535 -1.35 -2.25 12.15
N SER B 536 -1.64 -2.14 10.85
CA SER B 536 -1.13 -1.07 9.97
C SER B 536 -1.64 0.35 10.29
N HIS B 537 -2.77 0.44 11.00
CA HIS B 537 -3.36 1.72 11.42
C HIS B 537 -3.13 2.02 12.92
N ASP B 538 -3.84 3.02 13.45
CA ASP B 538 -3.83 3.37 14.88
C ASP B 538 -4.60 2.34 15.71
N ALA B 539 -4.47 2.41 17.05
CA ALA B 539 -5.14 1.46 17.98
C ALA B 539 -6.65 1.33 17.79
N SER B 540 -7.33 2.46 17.61
CA SER B 540 -8.79 2.50 17.41
C SER B 540 -9.22 1.81 16.10
N THR B 541 -8.66 2.26 14.97
CA THR B 541 -8.97 1.72 13.64
C THR B 541 -8.68 0.22 13.59
N ASN B 542 -7.49 -0.19 14.05
CA ASN B 542 -7.08 -1.61 14.14
C ASN B 542 -8.10 -2.47 14.89
N GLY B 543 -8.48 -2.03 16.08
CA GLY B 543 -9.42 -2.71 16.94
C GLY B 543 -10.79 -2.86 16.31
N LEU B 544 -11.22 -1.80 15.60
CA LEU B 544 -12.50 -1.76 14.91
C LEU B 544 -12.58 -2.78 13.79
N ILE B 545 -11.53 -2.83 12.97
CA ILE B 545 -11.40 -3.80 11.86
C ILE B 545 -11.42 -5.24 12.37
N ASN B 546 -10.64 -5.52 13.42
CA ASN B 546 -10.57 -6.85 14.04
C ASN B 546 -11.90 -7.30 14.65
N PHE B 547 -12.69 -6.35 15.16
CA PHE B 547 -14.04 -6.63 15.62
C PHE B 547 -14.97 -7.01 14.47
N ILE B 548 -14.91 -6.24 13.37
CA ILE B 548 -15.63 -6.47 12.13
C ILE B 548 -15.31 -7.86 11.56
N LYS B 549 -14.02 -8.17 11.46
CA LYS B 549 -13.53 -9.47 10.96
C LYS B 549 -14.01 -10.65 11.80
N GLN B 550 -14.10 -10.42 13.11
CA GLN B 550 -14.60 -11.40 14.10
C GLN B 550 -16.09 -11.66 13.93
N GLN B 551 -16.87 -10.57 13.90
CA GLN B 551 -18.35 -10.65 13.83
C GLN B 551 -18.91 -10.98 12.44
N ARG B 552 -18.03 -10.99 11.45
CA ARG B 552 -18.27 -11.41 10.07
C ARG B 552 -18.83 -12.85 9.96
N GLU B 553 -18.31 -13.76 10.78
CA GLU B 553 -18.61 -15.18 10.75
C GLU B 553 -19.50 -15.66 11.91
N ALA B 554 -19.96 -14.72 12.77
CA ALA B 554 -21.03 -14.97 13.75
C ALA B 554 -22.35 -15.19 13.06
N ARG B 555 -23.22 -15.96 13.70
CA ARG B 555 -24.56 -16.30 13.13
C ARG B 555 -25.66 -15.83 14.09
N VAL B 556 -26.53 -14.94 13.62
CA VAL B 556 -27.73 -14.48 14.38
C VAL B 556 -28.96 -14.35 13.48
N ALA C 1 0.71 -11.18 -4.20
CA ALA C 1 1.53 -10.13 -4.87
C ALA C 1 0.77 -9.43 -6.00
N ALA C 2 1.08 -8.15 -6.21
CA ALA C 2 0.46 -7.33 -7.27
C ALA C 2 0.78 -7.76 -8.71
N LEU C 3 1.96 -8.36 -8.91
CA LEU C 3 2.39 -8.80 -10.26
C LEU C 3 1.58 -9.96 -10.83
N THR C 4 1.30 -10.97 -9.99
CA THR C 4 0.49 -12.11 -10.39
C THR C 4 -0.94 -11.74 -10.78
N ARG C 5 -1.43 -10.65 -10.17
CA ARG C 5 -2.78 -10.09 -10.39
C ARG C 5 -2.91 -9.26 -11.69
N ASP C 6 -1.77 -8.76 -12.20
CA ASP C 6 -1.71 -7.91 -13.41
C ASP C 6 -2.25 -8.61 -14.68
N PRO C 7 -3.07 -7.88 -15.49
CA PRO C 7 -3.68 -8.49 -16.68
C PRO C 7 -2.69 -8.78 -17.81
N GLN C 8 -1.68 -7.93 -17.95
CA GLN C 8 -0.66 -8.09 -19.01
C GLN C 8 0.33 -9.22 -18.73
N PHE C 9 0.58 -9.45 -17.44
CA PHE C 9 1.42 -10.57 -16.96
C PHE C 9 0.75 -11.90 -17.31
N GLN C 10 -0.55 -11.99 -17.02
CA GLN C 10 -1.35 -13.19 -17.27
C GLN C 10 -1.51 -13.47 -18.77
N LYS C 11 -1.56 -12.39 -19.56
CA LYS C 11 -1.59 -12.47 -21.03
C LYS C 11 -0.27 -13.05 -21.57
N LEU C 12 0.84 -12.65 -20.95
CA LEU C 12 2.18 -13.12 -21.30
C LEU C 12 2.39 -14.60 -20.92
N GLN C 13 1.87 -14.98 -19.74
CA GLN C 13 1.91 -16.36 -19.24
C GLN C 13 1.10 -17.32 -20.10
N GLN C 14 -0.02 -16.81 -20.60
CA GLN C 14 -0.91 -17.57 -21.47
C GLN C 14 -0.33 -17.82 -22.87
N TRP C 15 0.36 -16.82 -23.42
CA TRP C 15 1.05 -16.93 -24.70
C TRP C 15 2.19 -17.94 -24.65
N TYR C 16 2.97 -17.86 -23.56
CA TYR C 16 4.10 -18.75 -23.29
C TYR C 16 3.67 -20.21 -23.19
N ARG C 17 2.55 -20.44 -22.50
CA ARG C 17 2.00 -21.79 -22.34
C ARG C 17 1.45 -22.42 -23.62
N GLU C 18 1.09 -21.58 -24.60
CA GLU C 18 0.53 -22.02 -25.88
C GLU C 18 1.55 -22.09 -27.04
N HIS C 19 2.47 -21.12 -27.10
CA HIS C 19 3.41 -21.01 -28.22
C HIS C 19 4.90 -21.16 -27.83
N ARG C 20 5.17 -21.92 -26.77
CA ARG C 20 6.54 -22.23 -26.32
C ARG C 20 7.32 -23.04 -27.37
N SER C 21 6.68 -24.08 -27.89
CA SER C 21 7.25 -24.99 -28.89
C SER C 21 7.56 -24.33 -30.24
N GLU C 22 6.82 -23.28 -30.59
CA GLU C 22 7.03 -22.52 -31.84
C GLU C 22 8.19 -21.50 -31.77
N LEU C 23 8.81 -21.35 -30.59
CA LEU C 23 9.96 -20.45 -30.42
C LEU C 23 11.29 -21.18 -30.68
N ASN C 24 11.69 -21.23 -31.94
CA ASN C 24 12.96 -21.86 -32.34
C ASN C 24 13.79 -20.83 -33.10
N LEU C 25 14.99 -20.58 -32.59
CA LEU C 25 15.89 -19.57 -33.14
C LEU C 25 16.33 -19.78 -34.58
N ARG C 26 16.70 -21.01 -34.93
CA ARG C 26 17.09 -21.35 -36.32
C ARG C 26 15.92 -21.15 -37.29
N ARG C 27 14.73 -21.58 -36.87
CA ARG C 27 13.49 -21.41 -37.63
C ARG C 27 13.09 -19.94 -37.83
N LEU C 28 13.37 -19.10 -36.82
CA LEU C 28 13.02 -17.68 -36.84
C LEU C 28 13.95 -16.81 -37.68
N PHE C 29 15.25 -17.12 -37.66
CA PHE C 29 16.25 -16.34 -38.41
C PHE C 29 16.19 -16.50 -39.94
N ASP C 30 15.77 -17.67 -40.41
CA ASP C 30 15.56 -17.87 -41.86
C ASP C 30 14.12 -17.56 -42.32
N ALA C 31 13.27 -17.18 -41.36
CA ALA C 31 11.89 -16.74 -41.61
C ALA C 31 11.82 -15.22 -41.72
N ASN C 32 12.44 -14.53 -40.76
CA ASN C 32 12.56 -13.08 -40.75
C ASN C 32 14.00 -12.72 -41.10
N LYS C 33 14.21 -12.29 -42.35
CA LYS C 33 15.52 -11.92 -42.88
C LYS C 33 16.14 -10.69 -42.20
N ASP C 34 15.28 -9.80 -41.72
CA ASP C 34 15.67 -8.58 -41.02
C ASP C 34 15.38 -8.65 -39.51
N ARG C 35 15.60 -9.84 -38.92
CA ARG C 35 15.37 -10.07 -37.48
C ARG C 35 16.33 -9.27 -36.59
N PHE C 36 17.58 -9.13 -37.05
CA PHE C 36 18.60 -8.33 -36.36
C PHE C 36 18.13 -6.89 -36.24
N ASN C 37 17.71 -6.30 -37.36
CA ASN C 37 17.20 -4.93 -37.38
C ASN C 37 15.98 -4.73 -36.49
N HIS C 38 15.07 -5.71 -36.52
CA HIS C 38 13.85 -5.70 -35.72
C HIS C 38 14.11 -5.94 -34.22
N PHE C 39 15.25 -6.57 -33.89
CA PHE C 39 15.60 -6.84 -32.49
C PHE C 39 17.04 -6.45 -32.12
N SER C 40 17.35 -5.15 -32.25
CA SER C 40 18.66 -4.57 -31.87
C SER C 40 18.58 -3.06 -31.69
N LEU C 41 19.45 -2.53 -30.82
CA LEU C 41 19.50 -1.10 -30.52
C LEU C 41 20.88 -0.54 -30.74
N THR C 42 20.98 0.45 -31.61
CA THR C 42 22.23 1.17 -31.81
C THR C 42 22.13 2.50 -31.04
N LEU C 43 23.01 2.67 -30.07
CA LEU C 43 23.07 3.86 -29.23
C LEU C 43 24.35 4.62 -29.55
N ASN C 44 24.22 5.89 -29.92
CA ASN C 44 25.38 6.75 -30.15
C ASN C 44 25.53 7.75 -29.00
N THR C 45 26.58 7.57 -28.22
CA THR C 45 26.84 8.39 -27.04
C THR C 45 27.69 9.62 -27.37
N ASN C 46 28.20 9.67 -28.61
CA ASN C 46 29.18 10.66 -29.12
C ASN C 46 30.58 10.50 -28.56
N HIS C 47 30.74 9.46 -27.73
CA HIS C 47 32.02 9.05 -27.15
C HIS C 47 32.26 7.56 -27.42
N GLY C 48 31.43 7.02 -28.33
CA GLY C 48 31.48 5.66 -28.82
C GLY C 48 30.07 5.09 -28.94
N HIS C 49 29.94 4.04 -29.75
CA HIS C 49 28.64 3.40 -29.97
C HIS C 49 28.42 2.15 -29.13
N ILE C 50 27.16 1.88 -28.78
CA ILE C 50 26.75 0.62 -28.13
C ILE C 50 25.66 -0.07 -28.96
N LEU C 51 25.98 -1.26 -29.45
CA LEU C 51 25.01 -2.13 -30.11
C LEU C 51 24.51 -3.17 -29.11
N VAL C 52 23.21 -3.12 -28.81
CA VAL C 52 22.58 -4.09 -27.94
C VAL C 52 21.76 -5.01 -28.84
N ASP C 53 22.39 -6.11 -29.26
CA ASP C 53 21.80 -7.13 -30.14
C ASP C 53 21.10 -8.19 -29.28
N TYR C 54 19.79 -8.08 -29.21
CA TYR C 54 18.97 -9.02 -28.46
C TYR C 54 18.18 -9.97 -29.38
N SER C 55 18.65 -10.12 -30.61
CA SER C 55 17.94 -10.94 -31.61
C SER C 55 18.14 -12.44 -31.42
N LYS C 56 19.22 -12.84 -30.74
CA LYS C 56 19.45 -14.27 -30.45
C LYS C 56 18.68 -14.74 -29.20
N ASN C 57 17.62 -14.02 -28.83
CA ASN C 57 16.74 -14.35 -27.70
C ASN C 57 15.45 -14.99 -28.12
N LEU C 58 14.77 -15.65 -27.18
CA LEU C 58 13.55 -16.41 -27.48
C LEU C 58 12.29 -15.55 -27.42
N VAL C 59 12.25 -14.57 -28.32
CA VAL C 59 11.14 -13.61 -28.45
C VAL C 59 10.78 -13.36 -29.93
N THR C 60 9.49 -13.10 -30.17
CA THR C 60 8.98 -12.64 -31.47
C THR C 60 8.45 -11.21 -31.34
N GLU C 61 7.79 -10.71 -32.38
CA GLU C 61 7.19 -9.36 -32.37
C GLU C 61 6.13 -9.22 -31.27
N ASP C 62 5.29 -10.25 -31.12
CA ASP C 62 4.20 -10.28 -30.14
C ASP C 62 4.68 -10.28 -28.69
N VAL C 63 5.74 -11.06 -28.41
CA VAL C 63 6.31 -11.19 -27.04
C VAL C 63 6.85 -9.84 -26.55
N MET C 64 7.62 -9.13 -27.38
CA MET C 64 8.16 -7.81 -27.03
C MET C 64 7.07 -6.77 -26.78
N ARG C 65 5.99 -6.85 -27.58
CA ARG C 65 4.79 -6.01 -27.42
C ARG C 65 4.15 -6.20 -26.04
N MET C 66 3.93 -7.46 -25.64
CA MET C 66 3.37 -7.82 -24.33
C MET C 66 4.28 -7.47 -23.16
N LEU C 67 5.58 -7.59 -23.35
CA LEU C 67 6.56 -7.23 -22.33
C LEU C 67 6.60 -5.71 -22.10
N VAL C 68 6.57 -4.93 -23.19
CA VAL C 68 6.41 -3.46 -23.13
C VAL C 68 5.09 -3.08 -22.42
N ASP C 69 4.01 -3.80 -22.74
CA ASP C 69 2.70 -3.61 -22.11
C ASP C 69 2.72 -3.83 -20.59
N LEU C 70 3.49 -4.83 -20.15
CA LEU C 70 3.70 -5.11 -18.72
C LEU C 70 4.46 -3.98 -18.01
N ALA C 71 5.47 -3.42 -18.68
CA ALA C 71 6.22 -2.27 -18.17
C ALA C 71 5.32 -1.05 -17.91
N LYS C 72 4.39 -0.80 -18.82
CA LYS C 72 3.40 0.27 -18.69
C LYS C 72 2.41 -0.06 -17.57
N SER C 73 1.88 -1.28 -17.59
CA SER C 73 0.93 -1.82 -16.61
C SER C 73 1.43 -1.81 -15.17
N ARG C 74 2.73 -2.03 -14.98
CA ARG C 74 3.35 -2.02 -13.65
C ARG C 74 3.81 -0.63 -13.21
N GLY C 75 3.78 0.32 -14.15
CA GLY C 75 4.08 1.73 -13.89
C GLY C 75 5.56 2.00 -13.74
N VAL C 76 6.33 1.57 -14.73
CA VAL C 76 7.80 1.71 -14.76
C VAL C 76 8.21 3.18 -14.96
N GLU C 77 7.57 3.86 -15.92
CA GLU C 77 7.87 5.27 -16.22
C GLU C 77 7.58 6.21 -15.04
N ALA C 78 6.45 5.96 -14.36
CA ALA C 78 6.07 6.71 -13.17
C ALA C 78 7.08 6.52 -12.02
N ALA C 79 7.47 5.27 -11.79
CA ALA C 79 8.47 4.89 -10.77
C ALA C 79 9.85 5.46 -11.06
N ARG C 80 10.23 5.46 -12.33
CA ARG C 80 11.48 6.07 -12.81
C ARG C 80 11.55 7.54 -12.42
N GLU C 81 10.48 8.28 -12.71
CA GLU C 81 10.38 9.70 -12.40
C GLU C 81 10.52 9.95 -10.91
N ARG C 82 9.83 9.15 -10.10
CA ARG C 82 9.95 9.20 -8.64
C ARG C 82 11.40 9.07 -8.13
N MET C 83 12.20 8.22 -8.78
CA MET C 83 13.63 8.06 -8.47
C MET C 83 14.45 9.30 -8.83
N PHE C 84 14.35 9.74 -10.09
CA PHE C 84 15.10 10.91 -10.60
C PHE C 84 14.66 12.25 -9.96
N ASN C 85 13.41 12.32 -9.51
CA ASN C 85 12.88 13.53 -8.84
C ASN C 85 13.34 13.65 -7.37
N GLY C 86 13.79 12.56 -6.77
CA GLY C 86 14.30 12.56 -5.39
C GLY C 86 13.31 12.10 -4.35
N GLU C 87 12.22 11.46 -4.79
CA GLU C 87 11.24 10.90 -3.88
C GLU C 87 11.75 9.67 -3.12
N LYS C 88 11.19 9.45 -1.92
CA LYS C 88 11.64 8.39 -1.01
C LYS C 88 11.13 7.00 -1.38
N ILE C 89 11.67 6.47 -2.48
CA ILE C 89 11.27 5.15 -3.03
C ILE C 89 11.86 3.95 -2.28
N ASN C 90 12.87 4.21 -1.45
CA ASN C 90 13.37 3.24 -0.47
C ASN C 90 12.51 3.45 0.78
N TYR C 91 11.29 2.93 0.71
CA TYR C 91 10.25 3.14 1.71
C TYR C 91 10.56 2.53 3.07
N THR C 92 11.18 1.35 3.04
CA THR C 92 11.53 0.60 4.25
C THR C 92 12.53 1.32 5.17
N GLU C 93 13.44 2.11 4.58
CA GLU C 93 14.48 2.84 5.31
C GLU C 93 14.16 4.33 5.42
N GLY C 94 13.20 4.78 4.61
CA GLY C 94 12.79 6.18 4.52
C GLY C 94 13.86 7.04 3.89
N ARG C 95 14.32 6.61 2.72
CA ARG C 95 15.44 7.26 2.01
C ARG C 95 15.10 7.48 0.55
N ALA C 96 15.68 8.51 -0.05
CA ALA C 96 15.67 8.67 -1.51
C ALA C 96 16.67 7.68 -2.15
N VAL C 97 16.66 7.57 -3.47
CA VAL C 97 17.58 6.69 -4.20
C VAL C 97 18.21 7.50 -5.32
N LEU C 98 19.36 8.08 -5.05
CA LEU C 98 19.93 9.08 -5.97
C LEU C 98 21.39 8.87 -6.32
N HIS C 99 21.68 7.72 -6.90
CA HIS C 99 23.00 7.51 -7.46
C HIS C 99 23.13 8.34 -8.74
N VAL C 100 21.99 8.50 -9.42
CA VAL C 100 21.88 9.36 -10.64
C VAL C 100 22.29 10.82 -10.41
N ALA C 101 22.00 11.35 -9.21
CA ALA C 101 22.41 12.70 -8.78
C ALA C 101 23.90 12.88 -8.68
N LEU C 102 24.61 11.83 -8.24
CA LEU C 102 26.07 11.87 -8.04
C LEU C 102 26.85 12.12 -9.33
N ARG C 103 26.24 11.75 -10.46
CA ARG C 103 26.84 11.88 -11.79
C ARG C 103 26.08 12.90 -12.69
N ASN C 104 25.21 13.72 -12.08
CA ASN C 104 24.37 14.68 -12.83
C ASN C 104 25.22 15.87 -13.29
N ARG C 105 25.74 15.76 -14.52
CA ARG C 105 26.65 16.74 -15.12
C ARG C 105 25.93 18.02 -15.56
N SER C 106 24.65 17.89 -15.90
CA SER C 106 23.75 19.01 -16.27
C SER C 106 23.58 19.99 -15.12
N ASN C 107 23.72 19.47 -13.90
CA ASN C 107 23.53 20.19 -12.63
C ASN C 107 22.09 20.65 -12.37
N THR C 108 21.15 20.06 -13.12
CA THR C 108 19.71 20.27 -12.95
C THR C 108 19.31 19.87 -11.52
N PRO C 109 18.50 20.70 -10.84
CA PRO C 109 18.24 20.46 -9.40
C PRO C 109 17.43 19.20 -9.10
N ILE C 110 17.88 18.49 -8.07
CA ILE C 110 17.20 17.30 -7.52
C ILE C 110 16.94 17.60 -6.03
N LEU C 111 15.67 17.54 -5.64
CA LEU C 111 15.24 18.03 -4.33
C LEU C 111 14.90 16.92 -3.34
N VAL C 112 15.66 16.89 -2.24
CA VAL C 112 15.47 15.98 -1.12
C VAL C 112 15.19 16.85 0.09
N ASP C 113 14.01 16.65 0.69
CA ASP C 113 13.49 17.44 1.82
C ASP C 113 13.52 18.95 1.53
N GLY C 114 13.03 19.30 0.33
CA GLY C 114 12.93 20.67 -0.16
C GLY C 114 14.24 21.39 -0.46
N LYS C 115 15.35 20.64 -0.48
CA LYS C 115 16.68 21.24 -0.67
C LYS C 115 17.44 20.52 -1.79
N ASP C 116 18.11 21.31 -2.63
CA ASP C 116 18.89 20.78 -3.75
C ASP C 116 20.15 20.12 -3.22
N VAL C 117 20.32 18.85 -3.60
CA VAL C 117 21.45 18.03 -3.16
C VAL C 117 22.70 18.31 -3.99
N MET C 118 22.48 18.82 -5.20
CA MET C 118 23.53 19.08 -6.18
C MET C 118 24.73 19.94 -5.72
N PRO C 119 24.48 21.04 -4.98
CA PRO C 119 25.64 21.84 -4.53
C PRO C 119 26.58 21.07 -3.59
N GLU C 120 26.00 20.20 -2.76
CA GLU C 120 26.80 19.35 -1.86
C GLU C 120 27.51 18.22 -2.60
N VAL C 121 26.86 17.66 -3.63
CA VAL C 121 27.44 16.65 -4.51
C VAL C 121 28.69 17.20 -5.21
N ASN C 122 28.55 18.38 -5.83
CA ASN C 122 29.64 19.06 -6.55
C ASN C 122 30.76 19.55 -5.64
N LYS C 123 30.43 19.86 -4.39
CA LYS C 123 31.42 20.28 -3.39
C LYS C 123 32.36 19.14 -3.00
N VAL C 124 31.81 17.94 -2.77
CA VAL C 124 32.62 16.73 -2.47
C VAL C 124 33.52 16.40 -3.67
N LEU C 125 32.96 16.46 -4.89
CA LEU C 125 33.74 16.27 -6.12
C LEU C 125 34.91 17.24 -6.28
N ASP C 126 34.69 18.52 -5.93
CA ASP C 126 35.75 19.55 -5.93
C ASP C 126 36.84 19.22 -4.93
N LYS C 127 36.42 18.78 -3.73
CA LYS C 127 37.35 18.31 -2.69
C LYS C 127 38.13 17.08 -3.15
N MET C 128 37.44 16.18 -3.85
CA MET C 128 38.05 14.99 -4.46
C MET C 128 39.13 15.39 -5.49
N LYS C 129 38.75 16.25 -6.43
CA LYS C 129 39.62 16.77 -7.50
C LYS C 129 40.91 17.37 -6.98
N SER C 130 40.76 18.26 -5.99
CA SER C 130 41.88 18.96 -5.37
C SER C 130 42.80 17.97 -4.69
N PHE C 131 42.22 17.08 -3.88
CA PHE C 131 42.96 16.02 -3.17
C PHE C 131 43.75 15.13 -4.14
N CYS C 132 43.09 14.63 -5.20
CA CYS C 132 43.73 13.83 -6.23
C CYS C 132 44.91 14.53 -6.91
N GLN C 133 44.68 15.76 -7.38
CA GLN C 133 45.71 16.61 -7.99
C GLN C 133 46.89 16.83 -7.06
N ARG C 134 46.61 17.08 -5.78
CA ARG C 134 47.63 17.20 -4.74
C ARG C 134 48.45 15.92 -4.50
N VAL C 135 47.77 14.77 -4.38
CA VAL C 135 48.41 13.46 -4.16
C VAL C 135 49.19 12.96 -5.41
N ARG C 136 48.53 12.98 -6.58
CA ARG C 136 49.10 12.49 -7.85
C ARG C 136 50.32 13.24 -8.35
N SER C 137 50.36 14.55 -8.12
CA SER C 137 51.51 15.38 -8.50
C SER C 137 52.73 15.18 -7.57
N GLY C 138 52.49 15.31 -6.26
CA GLY C 138 53.53 15.21 -5.25
C GLY C 138 53.42 16.32 -4.21
N ASP C 139 52.39 17.15 -4.35
CA ASP C 139 52.10 18.27 -3.45
C ASP C 139 51.77 17.79 -2.04
N TRP C 140 50.94 16.74 -1.94
CA TRP C 140 50.62 16.07 -0.68
C TRP C 140 51.77 15.10 -0.38
N LYS C 141 52.51 15.41 0.69
CA LYS C 141 53.67 14.61 1.08
C LYS C 141 53.36 13.75 2.32
N GLY C 142 54.15 12.70 2.50
CA GLY C 142 54.08 11.84 3.67
C GLY C 142 54.73 12.45 4.90
N TYR C 143 54.76 11.68 5.99
CA TYR C 143 55.34 12.15 7.25
C TYR C 143 56.86 12.37 7.18
N THR C 144 57.52 11.68 6.25
CA THR C 144 58.95 11.83 5.98
C THR C 144 59.19 12.73 4.76
N GLY C 145 58.10 13.29 4.25
CA GLY C 145 58.12 14.17 3.08
C GLY C 145 58.21 13.44 1.75
N LYS C 146 57.75 12.20 1.70
CA LYS C 146 57.80 11.37 0.49
C LYS C 146 56.46 11.34 -0.23
N THR C 147 56.52 11.32 -1.56
CA THR C 147 55.34 11.28 -2.44
C THR C 147 54.64 9.92 -2.37
N ILE C 148 53.30 9.95 -2.32
CA ILE C 148 52.44 8.76 -2.23
C ILE C 148 52.57 7.87 -3.48
N THR C 149 53.05 6.64 -3.29
CA THR C 149 53.21 5.65 -4.36
C THR C 149 52.14 4.56 -4.29
N ASP C 150 51.54 4.44 -3.10
CA ASP C 150 50.54 3.41 -2.82
C ASP C 150 49.29 3.97 -2.17
N VAL C 151 48.14 3.63 -2.76
CA VAL C 151 46.81 3.98 -2.24
C VAL C 151 46.10 2.67 -1.82
N ILE C 152 45.56 2.65 -0.60
CA ILE C 152 44.96 1.45 -0.03
C ILE C 152 43.54 1.75 0.42
N ASN C 153 42.57 1.05 -0.17
CA ASN C 153 41.17 1.19 0.22
C ASN C 153 40.81 0.08 1.19
N ILE C 154 40.32 0.49 2.36
CA ILE C 154 39.81 -0.40 3.40
C ILE C 154 38.31 -0.21 3.48
N GLY C 155 37.59 -1.25 3.05
CA GLY C 155 36.13 -1.22 3.02
C GLY C 155 35.66 -2.57 2.52
N ILE C 156 34.39 -2.88 2.75
CA ILE C 156 33.81 -4.17 2.37
C ILE C 156 32.49 -3.96 1.65
N GLY C 157 32.13 -4.87 0.73
CA GLY C 157 30.86 -4.81 -0.02
C GLY C 157 30.81 -3.65 -1.02
N GLY C 158 29.82 -2.77 -0.80
CA GLY C 158 29.63 -1.57 -1.61
C GLY C 158 30.74 -0.56 -1.42
N SER C 159 31.35 -0.58 -0.23
CA SER C 159 32.53 0.27 0.05
C SER C 159 33.83 -0.35 -0.47
N ASP C 160 33.73 -1.32 -1.40
CA ASP C 160 34.87 -2.05 -1.93
C ASP C 160 34.75 -2.42 -3.42
N LEU C 161 33.67 -3.12 -3.78
CA LEU C 161 33.58 -3.85 -5.06
C LEU C 161 33.49 -2.91 -6.27
N GLY C 162 32.79 -1.79 -6.12
CA GLY C 162 32.71 -0.74 -7.12
C GLY C 162 34.08 -0.22 -7.55
N PRO C 163 34.84 0.38 -6.62
CA PRO C 163 36.15 0.92 -7.00
C PRO C 163 37.16 -0.13 -7.46
N LEU C 164 37.06 -1.34 -6.89
CA LEU C 164 37.90 -2.47 -7.26
C LEU C 164 37.70 -2.80 -8.73
N MET C 165 36.45 -3.12 -9.10
CA MET C 165 36.07 -3.42 -10.47
C MET C 165 36.48 -2.32 -11.46
N VAL C 166 36.24 -1.04 -11.10
CA VAL C 166 36.52 0.09 -11.99
C VAL C 166 38.03 0.33 -12.19
N THR C 167 38.81 0.27 -11.10
CA THR C 167 40.27 0.41 -11.21
C THR C 167 40.92 -0.72 -12.00
N GLU C 168 40.35 -1.92 -11.88
CA GLU C 168 40.79 -3.07 -12.68
C GLU C 168 40.43 -2.91 -14.15
N ALA C 169 39.20 -2.42 -14.40
CA ALA C 169 38.72 -2.15 -15.75
C ALA C 169 39.45 -1.01 -16.50
N LEU C 170 39.83 0.04 -15.76
CA LEU C 170 40.48 1.19 -16.36
C LEU C 170 41.99 1.26 -16.11
N LYS C 171 42.59 0.10 -15.83
CA LYS C 171 44.02 -0.04 -15.57
C LYS C 171 44.96 0.66 -16.57
N PRO C 172 44.70 0.61 -17.90
CA PRO C 172 45.69 1.31 -18.79
C PRO C 172 45.64 2.85 -18.74
N TYR C 173 44.66 3.40 -18.02
CA TYR C 173 44.52 4.85 -17.82
C TYR C 173 45.15 5.34 -16.49
N SER C 174 45.84 4.43 -15.80
CA SER C 174 46.44 4.69 -14.49
C SER C 174 47.90 5.11 -14.54
N SER C 175 48.39 5.48 -15.73
CA SER C 175 49.77 5.95 -15.90
C SER C 175 49.98 7.25 -15.11
N GLY C 176 51.02 7.25 -14.28
CA GLY C 176 51.34 8.38 -13.38
C GLY C 176 50.43 8.51 -12.17
N GLY C 177 49.67 7.45 -11.89
CA GLY C 177 48.87 7.34 -10.68
C GLY C 177 49.51 6.32 -9.74
N PRO C 178 49.19 6.42 -8.42
CA PRO C 178 49.70 5.43 -7.48
C PRO C 178 49.03 4.06 -7.67
N ARG C 179 49.69 2.99 -7.22
CA ARG C 179 49.12 1.64 -7.23
C ARG C 179 47.90 1.62 -6.29
N VAL C 180 46.86 0.90 -6.67
CA VAL C 180 45.68 0.72 -5.81
C VAL C 180 45.59 -0.68 -5.20
N TRP C 181 45.31 -0.72 -3.90
CA TRP C 181 45.16 -1.96 -3.13
C TRP C 181 43.81 -1.97 -2.46
N TYR C 182 43.20 -3.15 -2.39
CA TYR C 182 41.85 -3.27 -1.84
C TYR C 182 41.78 -4.34 -0.74
N VAL C 183 41.68 -3.86 0.50
CA VAL C 183 41.53 -4.70 1.69
C VAL C 183 40.05 -4.67 2.09
N SER C 184 39.44 -5.84 2.16
CA SER C 184 38.02 -5.94 2.44
C SER C 184 37.65 -6.96 3.54
N ASN C 185 38.09 -8.20 3.34
CA ASN C 185 37.83 -9.33 4.26
C ASN C 185 38.33 -9.07 5.69
N ILE C 186 37.59 -9.58 6.68
CA ILE C 186 38.09 -9.54 8.06
C ILE C 186 39.33 -10.43 8.21
N ASP C 187 39.35 -11.54 7.45
CA ASP C 187 40.47 -12.47 7.37
C ASP C 187 41.77 -11.70 7.32
N GLY C 188 42.57 -11.88 8.36
CA GLY C 188 43.84 -11.17 8.56
C GLY C 188 44.85 -11.34 7.45
N THR C 189 44.65 -12.39 6.61
CA THR C 189 45.40 -12.62 5.37
C THR C 189 45.41 -11.36 4.51
N HIS C 190 44.20 -10.81 4.25
CA HIS C 190 44.00 -9.69 3.33
C HIS C 190 44.81 -8.46 3.71
N ILE C 191 44.64 -8.02 4.97
CA ILE C 191 45.34 -6.87 5.50
C ILE C 191 46.85 -7.15 5.68
N ALA C 192 47.20 -8.35 6.18
CA ALA C 192 48.60 -8.72 6.42
C ALA C 192 49.47 -8.84 5.16
N LYS C 193 48.95 -9.53 4.14
CA LYS C 193 49.70 -9.71 2.89
C LYS C 193 49.87 -8.40 2.10
N THR C 194 48.94 -7.47 2.31
CA THR C 194 49.01 -6.12 1.73
C THR C 194 50.11 -5.29 2.41
N LEU C 195 50.02 -5.13 3.74
CA LEU C 195 50.94 -4.30 4.52
C LEU C 195 52.40 -4.71 4.39
N ALA C 196 52.61 -6.01 4.16
CA ALA C 196 53.93 -6.59 3.92
C ALA C 196 54.58 -6.09 2.61
N GLN C 197 53.76 -5.55 1.71
CA GLN C 197 54.23 -5.03 0.42
C GLN C 197 54.36 -3.50 0.38
N LEU C 198 53.81 -2.81 1.37
CA LEU C 198 53.80 -1.35 1.42
C LEU C 198 54.85 -0.78 2.37
N ASN C 199 55.27 0.45 2.07
CA ASN C 199 56.13 1.28 2.92
C ASN C 199 55.25 2.39 3.53
N PRO C 200 55.22 2.50 4.89
CA PRO C 200 54.31 3.48 5.52
C PRO C 200 54.60 4.97 5.23
N GLU C 201 55.82 5.26 4.76
CA GLU C 201 56.26 6.61 4.37
C GLU C 201 55.55 7.15 3.13
N SER C 202 55.23 6.23 2.21
CA SER C 202 54.60 6.55 0.93
C SER C 202 53.25 5.85 0.69
N SER C 203 52.49 5.62 1.75
CA SER C 203 51.19 4.93 1.67
C SER C 203 50.01 5.75 2.21
N LEU C 204 48.93 5.82 1.43
CA LEU C 204 47.71 6.51 1.82
C LEU C 204 46.58 5.51 2.01
N PHE C 205 45.94 5.58 3.19
CA PHE C 205 44.86 4.68 3.56
C PHE C 205 43.53 5.39 3.47
N ILE C 206 42.57 4.73 2.83
CA ILE C 206 41.23 5.25 2.65
C ILE C 206 40.24 4.34 3.40
N ILE C 207 39.55 4.90 4.39
CA ILE C 207 38.60 4.10 5.19
C ILE C 207 37.21 4.36 4.66
N ALA C 208 36.83 3.53 3.69
CA ALA C 208 35.54 3.59 3.03
C ALA C 208 34.52 2.84 3.86
N SER C 209 33.60 3.61 4.45
CA SER C 209 32.48 3.07 5.23
C SER C 209 31.38 4.09 5.42
N LYS C 210 30.21 3.80 4.86
CA LYS C 210 28.99 4.64 4.95
C LYS C 210 28.60 4.93 6.41
N THR C 211 28.45 3.86 7.19
CA THR C 211 28.08 3.93 8.61
C THR C 211 29.26 4.21 9.54
N PHE C 212 30.46 3.81 9.09
CA PHE C 212 31.71 3.88 9.90
C PHE C 212 31.62 3.08 11.23
N THR C 213 30.84 1.99 11.21
CA THR C 213 30.65 1.09 12.36
C THR C 213 30.96 -0.37 12.05
N THR C 214 30.92 -0.73 10.75
CA THR C 214 31.12 -2.09 10.24
C THR C 214 32.42 -2.73 10.78
N GLN C 215 32.24 -3.89 11.42
CA GLN C 215 33.29 -4.63 12.12
C GLN C 215 34.55 -4.87 11.27
N GLU C 216 34.36 -5.49 10.09
CA GLU C 216 35.43 -5.78 9.12
C GLU C 216 36.31 -4.56 8.82
N THR C 217 35.67 -3.47 8.38
CA THR C 217 36.33 -2.24 7.95
C THR C 217 37.06 -1.57 9.12
N ILE C 218 36.36 -1.39 10.25
CA ILE C 218 36.92 -0.74 11.44
C ILE C 218 38.12 -1.50 12.01
N THR C 219 37.99 -2.83 12.14
CA THR C 219 39.08 -3.68 12.62
C THR C 219 40.31 -3.62 11.68
N ASN C 220 40.06 -3.74 10.37
CA ASN C 220 41.12 -3.59 9.33
C ASN C 220 41.78 -2.21 9.34
N ALA C 221 40.97 -1.19 9.60
CA ALA C 221 41.42 0.20 9.72
C ALA C 221 42.29 0.43 10.96
N GLU C 222 41.89 -0.19 12.07
CA GLU C 222 42.65 -0.12 13.31
C GLU C 222 43.99 -0.84 13.23
N THR C 223 44.02 -1.97 12.51
CA THR C 223 45.24 -2.75 12.28
C THR C 223 46.26 -1.97 11.44
N ALA C 224 45.78 -1.35 10.37
CA ALA C 224 46.60 -0.53 9.48
C ALA C 224 47.17 0.68 10.22
N LYS C 225 46.33 1.33 11.05
CA LYS C 225 46.70 2.48 11.88
C LYS C 225 47.79 2.09 12.90
N GLU C 226 47.63 0.90 13.50
CA GLU C 226 48.60 0.33 14.43
C GLU C 226 49.92 -0.02 13.72
N TRP C 227 49.82 -0.57 12.51
CA TRP C 227 50.96 -0.90 11.65
C TRP C 227 51.74 0.37 11.23
N PHE C 228 50.99 1.42 10.89
CA PHE C 228 51.56 2.71 10.50
C PHE C 228 52.29 3.42 11.66
N LEU C 229 51.64 3.49 12.82
CA LEU C 229 52.17 4.12 14.03
C LEU C 229 53.35 3.35 14.66
N GLN C 230 53.50 2.08 14.29
CA GLN C 230 54.66 1.24 14.70
C GLN C 230 55.97 1.69 14.04
N ALA C 231 55.87 2.38 12.91
CA ALA C 231 57.02 2.88 12.17
C ALA C 231 57.17 4.41 12.29
N ALA C 232 56.03 5.11 12.35
CA ALA C 232 55.98 6.57 12.44
C ALA C 232 56.18 7.11 13.85
N LYS C 233 55.49 6.50 14.82
CA LYS C 233 55.54 6.87 16.25
C LYS C 233 54.96 8.26 16.61
N ASP C 234 54.25 8.88 15.65
CA ASP C 234 53.70 10.21 15.81
C ASP C 234 52.20 10.20 15.44
N PRO C 235 51.28 10.53 16.42
CA PRO C 235 49.83 10.53 16.13
C PRO C 235 49.38 11.60 15.14
N SER C 236 50.21 12.63 14.99
CA SER C 236 49.97 13.76 14.05
C SER C 236 50.13 13.39 12.58
N ALA C 237 50.93 12.35 12.32
CA ALA C 237 51.20 11.82 10.97
C ALA C 237 50.00 11.09 10.36
N VAL C 238 49.06 10.65 11.19
CA VAL C 238 47.80 9.99 10.76
C VAL C 238 46.97 10.89 9.81
N ALA C 239 47.02 12.20 10.01
CA ALA C 239 46.36 13.18 9.15
C ALA C 239 46.99 13.32 7.74
N LYS C 240 48.21 12.77 7.60
CA LYS C 240 48.93 12.73 6.32
C LYS C 240 48.74 11.42 5.54
N HIS C 241 48.38 10.33 6.23
CA HIS C 241 48.28 8.99 5.61
C HIS C 241 46.91 8.30 5.73
N PHE C 242 45.93 8.97 6.34
CA PHE C 242 44.60 8.39 6.54
C PHE C 242 43.49 9.37 6.18
N VAL C 243 42.57 8.93 5.32
CA VAL C 243 41.38 9.67 4.93
C VAL C 243 40.14 8.78 5.09
N ALA C 244 38.97 9.40 5.23
CA ALA C 244 37.72 8.64 5.40
C ALA C 244 36.63 9.05 4.41
N LEU C 245 35.84 8.06 3.99
CA LEU C 245 34.68 8.27 3.16
C LEU C 245 33.48 7.76 3.94
N SER C 246 32.67 8.69 4.47
CA SER C 246 31.56 8.35 5.34
C SER C 246 30.40 9.36 5.31
N THR C 247 29.28 8.94 5.90
CA THR C 247 28.12 9.80 6.19
C THR C 247 28.13 10.27 7.66
N ASN C 248 28.75 9.46 8.52
CA ASN C 248 28.85 9.72 9.95
C ASN C 248 30.11 10.53 10.31
N THR C 249 29.91 11.80 10.60
CA THR C 249 30.99 12.74 10.95
C THR C 249 31.58 12.47 12.34
N THR C 250 30.72 12.11 13.30
CA THR C 250 31.13 11.85 14.69
C THR C 250 32.06 10.64 14.78
N LYS C 251 31.66 9.53 14.15
CA LYS C 251 32.46 8.28 14.13
C LYS C 251 33.85 8.43 13.48
N VAL C 252 33.93 9.25 12.43
CA VAL C 252 35.20 9.54 11.72
C VAL C 252 36.21 10.27 12.62
N LYS C 253 35.76 11.34 13.27
CA LYS C 253 36.60 12.11 14.22
C LYS C 253 37.00 11.27 15.44
N GLU C 254 36.07 10.44 15.93
CA GLU C 254 36.31 9.49 17.02
C GLU C 254 37.42 8.48 16.74
N PHE C 255 37.52 8.06 15.47
CA PHE C 255 38.56 7.12 15.02
C PHE C 255 39.97 7.72 15.05
N GLY C 256 40.07 9.04 14.88
CA GLY C 256 41.37 9.75 14.90
C GLY C 256 41.71 10.43 13.59
N ILE C 257 40.75 10.40 12.68
CA ILE C 257 40.88 11.01 11.36
C ILE C 257 40.51 12.48 11.46
N ASP C 258 41.40 13.33 10.95
CA ASP C 258 41.22 14.78 10.81
C ASP C 258 39.88 15.09 10.10
N PRO C 259 39.06 16.02 10.66
CA PRO C 259 37.75 16.31 10.03
C PRO C 259 37.81 16.87 8.61
N GLN C 260 38.97 17.40 8.21
CA GLN C 260 39.23 17.92 6.85
C GLN C 260 39.73 16.83 5.89
N ASN C 261 39.93 15.63 6.42
CA ASN C 261 40.32 14.44 5.65
C ASN C 261 39.12 13.52 5.39
N MET C 262 37.90 14.06 5.56
CA MET C 262 36.69 13.29 5.30
C MET C 262 35.95 13.73 4.05
N PHE C 263 35.58 12.75 3.24
CA PHE C 263 34.89 12.97 1.99
C PHE C 263 33.50 12.40 2.15
N GLU C 264 32.54 13.31 2.25
CA GLU C 264 31.15 13.02 2.61
C GLU C 264 30.36 12.39 1.45
N PHE C 265 29.40 11.56 1.84
CA PHE C 265 28.29 11.13 0.98
C PHE C 265 27.02 11.00 1.85
N TRP C 266 25.91 10.51 1.29
CA TRP C 266 24.59 10.63 1.94
C TRP C 266 23.87 9.29 1.99
N ASP C 267 22.80 9.21 2.79
CA ASP C 267 22.04 7.96 2.95
C ASP C 267 21.30 7.49 1.70
N TRP C 268 21.05 8.41 0.76
CA TRP C 268 20.45 8.06 -0.53
C TRP C 268 21.47 7.52 -1.55
N VAL C 269 22.71 7.33 -1.07
CA VAL C 269 23.77 6.64 -1.81
C VAL C 269 23.89 5.24 -1.20
N GLY C 270 23.18 4.26 -1.79
CA GLY C 270 23.34 2.84 -1.43
C GLY C 270 24.75 2.33 -1.78
N GLY C 271 25.27 1.42 -0.93
CA GLY C 271 26.59 0.84 -1.12
C GLY C 271 26.83 0.31 -2.53
N ARG C 272 25.92 -0.56 -2.99
CA ARG C 272 26.02 -1.15 -4.33
C ARG C 272 25.77 -0.18 -5.49
N TYR C 273 25.66 1.11 -5.16
CA TYR C 273 25.54 2.21 -6.13
C TYR C 273 26.44 3.39 -5.73
N SER C 274 27.45 3.13 -4.91
CA SER C 274 28.26 4.19 -4.31
C SER C 274 29.57 4.55 -5.02
N LEU C 275 30.01 3.74 -5.98
CA LEU C 275 31.28 3.99 -6.68
C LEU C 275 31.37 5.41 -7.25
N TRP C 276 30.21 5.94 -7.66
CA TRP C 276 30.06 7.29 -8.26
C TRP C 276 30.32 8.42 -7.27
N SER C 277 30.02 8.17 -5.98
CA SER C 277 30.18 9.12 -4.86
C SER C 277 31.63 9.28 -4.41
N ALA C 278 31.82 9.59 -3.13
CA ALA C 278 33.15 9.73 -2.54
C ALA C 278 33.87 8.38 -2.44
N ILE C 279 33.09 7.30 -2.45
CA ILE C 279 33.59 5.91 -2.46
C ILE C 279 34.58 5.67 -3.62
N GLY C 280 34.39 6.42 -4.71
CA GLY C 280 35.23 6.31 -5.90
C GLY C 280 36.49 7.13 -5.86
N LEU C 281 36.90 7.56 -4.65
CA LEU C 281 38.12 8.34 -4.49
C LEU C 281 39.37 7.57 -4.93
N SER C 282 39.37 6.26 -4.66
CA SER C 282 40.42 5.34 -5.11
C SER C 282 40.56 5.29 -6.63
N ILE C 283 39.41 5.32 -7.33
CA ILE C 283 39.35 5.36 -8.81
C ILE C 283 39.98 6.65 -9.32
N ALA C 284 39.49 7.77 -8.77
CA ALA C 284 39.98 9.12 -9.11
C ALA C 284 41.46 9.32 -8.79
N LEU C 285 41.97 8.64 -7.75
CA LEU C 285 43.39 8.70 -7.44
C LEU C 285 44.24 7.90 -8.43
N HIS C 286 43.67 6.79 -8.93
CA HIS C 286 44.39 5.84 -9.77
C HIS C 286 44.51 6.34 -11.22
N VAL C 287 43.37 6.70 -11.81
CA VAL C 287 43.33 7.12 -13.20
C VAL C 287 43.17 8.66 -13.39
N GLY C 288 43.04 9.40 -12.29
CA GLY C 288 42.88 10.85 -12.33
C GLY C 288 41.42 11.29 -12.27
N PHE C 289 41.21 12.54 -11.82
CA PHE C 289 39.85 13.07 -11.73
C PHE C 289 39.18 13.33 -13.08
N ASP C 290 39.99 13.60 -14.11
CA ASP C 290 39.49 13.80 -15.47
C ASP C 290 38.79 12.55 -16.00
N ASN C 291 39.43 11.39 -15.80
CA ASN C 291 38.86 10.09 -16.18
C ASN C 291 37.70 9.71 -15.30
N PHE C 292 37.75 10.10 -14.02
CA PHE C 292 36.61 9.89 -13.12
C PHE C 292 35.40 10.74 -13.52
N GLU C 293 35.64 11.97 -14.00
CA GLU C 293 34.58 12.81 -14.57
C GLU C 293 33.95 12.17 -15.79
N GLN C 294 34.81 11.62 -16.66
CA GLN C 294 34.38 10.89 -17.86
C GLN C 294 33.52 9.68 -17.52
N LEU C 295 33.89 8.96 -16.46
CA LEU C 295 33.11 7.84 -15.91
C LEU C 295 31.71 8.26 -15.51
N LEU C 296 31.61 9.38 -14.79
CA LEU C 296 30.31 9.92 -14.35
C LEU C 296 29.49 10.46 -15.50
N SER C 297 30.18 11.05 -16.48
CA SER C 297 29.55 11.60 -17.69
C SER C 297 28.92 10.52 -18.55
N GLY C 298 29.58 9.36 -18.61
CA GLY C 298 29.08 8.19 -19.33
C GLY C 298 27.83 7.63 -18.68
N ALA C 299 27.82 7.58 -17.35
CA ALA C 299 26.65 7.14 -16.59
C ALA C 299 25.51 8.12 -16.81
N HIS C 300 25.83 9.41 -16.73
CA HIS C 300 24.88 10.49 -17.00
C HIS C 300 24.18 10.36 -18.34
N TRP C 301 24.96 10.13 -19.42
CA TRP C 301 24.39 9.83 -20.74
C TRP C 301 23.37 8.70 -20.70
N MET C 302 23.72 7.60 -20.01
CA MET C 302 22.84 6.44 -19.87
C MET C 302 21.59 6.72 -19.03
N ASP C 303 21.73 7.50 -17.96
CA ASP C 303 20.60 7.96 -17.15
C ASP C 303 19.62 8.76 -18.01
N GLN C 304 20.17 9.67 -18.81
CA GLN C 304 19.40 10.51 -19.72
C GLN C 304 18.72 9.66 -20.81
N HIS C 305 19.43 8.66 -21.30
CA HIS C 305 18.89 7.72 -22.28
C HIS C 305 17.72 6.94 -21.70
N PHE C 306 17.90 6.44 -20.47
CA PHE C 306 16.86 5.70 -19.73
C PHE C 306 15.61 6.56 -19.48
N ARG C 307 15.82 7.81 -19.08
CA ARG C 307 14.73 8.74 -18.74
C ARG C 307 13.90 9.24 -19.93
N THR C 308 14.56 9.48 -21.08
CA THR C 308 13.92 10.14 -22.23
C THR C 308 13.47 9.20 -23.37
N THR C 309 14.05 8.00 -23.46
CA THR C 309 13.74 7.05 -24.56
C THR C 309 12.42 6.27 -24.31
N PRO C 310 11.51 6.19 -25.33
CA PRO C 310 10.33 5.31 -25.22
C PRO C 310 10.71 3.86 -24.90
N LEU C 311 9.92 3.24 -24.02
CA LEU C 311 10.15 1.90 -23.47
C LEU C 311 10.54 0.80 -24.47
N GLU C 312 9.91 0.79 -25.64
CA GLU C 312 10.20 -0.22 -26.68
C GLU C 312 11.58 -0.08 -27.37
N LYS C 313 12.23 1.07 -27.18
CA LYS C 313 13.58 1.34 -27.73
C LYS C 313 14.61 1.68 -26.63
N ASN C 314 14.20 1.56 -25.37
CA ASN C 314 15.01 1.90 -24.20
C ASN C 314 15.92 0.70 -23.81
N ALA C 315 17.23 0.95 -23.69
CA ALA C 315 18.21 -0.13 -23.46
C ALA C 315 18.05 -0.89 -22.12
N PRO C 316 18.15 -0.20 -20.95
CA PRO C 316 17.98 -0.95 -19.68
C PRO C 316 16.59 -1.56 -19.54
N VAL C 317 15.60 -0.90 -20.13
CA VAL C 317 14.20 -1.38 -20.10
C VAL C 317 14.06 -2.72 -20.84
N LEU C 318 14.55 -2.78 -22.08
CA LEU C 318 14.49 -4.01 -22.86
C LEU C 318 15.26 -5.19 -22.25
N LEU C 319 16.45 -4.91 -21.71
CA LEU C 319 17.29 -5.92 -21.05
C LEU C 319 16.64 -6.48 -19.80
N ALA C 320 15.97 -5.60 -19.06
CA ALA C 320 15.22 -5.96 -17.85
C ALA C 320 14.02 -6.85 -18.18
N LEU C 321 13.34 -6.52 -19.28
CA LEU C 321 12.12 -7.20 -19.66
C LEU C 321 12.39 -8.60 -20.20
N LEU C 322 13.53 -8.77 -20.89
CA LEU C 322 13.98 -10.09 -21.33
C LEU C 322 14.26 -10.99 -20.12
N GLY C 323 14.84 -10.39 -19.07
CA GLY C 323 15.04 -11.06 -17.78
C GLY C 323 13.77 -11.60 -17.14
N ILE C 324 12.73 -10.75 -17.07
CA ILE C 324 11.39 -11.09 -16.55
C ILE C 324 10.79 -12.27 -17.32
N TRP C 325 10.95 -12.23 -18.64
CA TRP C 325 10.48 -13.26 -19.57
C TRP C 325 11.09 -14.66 -19.33
N TYR C 326 12.35 -14.71 -18.89
CA TYR C 326 13.04 -15.97 -18.62
C TYR C 326 12.87 -16.47 -17.18
N ILE C 327 12.82 -15.53 -16.23
CA ILE C 327 12.64 -15.81 -14.81
C ILE C 327 11.20 -16.23 -14.49
N ASN C 328 10.23 -15.39 -14.86
CA ASN C 328 8.82 -15.61 -14.49
C ASN C 328 8.01 -16.49 -15.45
N CYS C 329 8.57 -16.79 -16.63
CA CYS C 329 7.93 -17.72 -17.57
C CYS C 329 8.74 -19.01 -17.78
N PHE C 330 9.98 -18.88 -18.28
CA PHE C 330 10.88 -20.03 -18.49
C PHE C 330 11.38 -20.71 -17.20
N GLY C 331 11.41 -19.95 -16.10
CA GLY C 331 11.80 -20.46 -14.78
C GLY C 331 13.28 -20.41 -14.44
N CYS C 332 14.08 -19.73 -15.29
CA CYS C 332 15.52 -19.61 -15.13
C CYS C 332 15.91 -18.97 -13.80
N GLU C 333 16.67 -19.75 -13.03
CA GLU C 333 17.21 -19.33 -11.73
C GLU C 333 18.42 -18.43 -11.87
N THR C 334 19.15 -18.55 -12.99
CA THR C 334 20.42 -17.86 -13.17
C THR C 334 20.46 -16.91 -14.36
N HIS C 335 21.47 -16.03 -14.34
CA HIS C 335 21.74 -15.10 -15.44
C HIS C 335 23.25 -14.88 -15.49
N ALA C 336 23.84 -15.18 -16.64
CA ALA C 336 25.29 -15.15 -16.80
C ALA C 336 25.73 -13.89 -17.51
N MET C 337 26.76 -13.27 -16.94
CA MET C 337 27.38 -12.10 -17.53
C MET C 337 28.81 -12.47 -17.92
N LEU C 338 29.06 -12.47 -19.22
CA LEU C 338 30.31 -12.97 -19.81
C LEU C 338 31.05 -11.90 -20.64
N PRO C 339 31.88 -11.08 -19.98
CA PRO C 339 32.61 -10.06 -20.75
C PRO C 339 33.85 -10.64 -21.42
N TYR C 340 34.00 -10.33 -22.71
CA TYR C 340 35.16 -10.79 -23.46
C TYR C 340 36.25 -9.75 -23.38
N ASP C 341 36.70 -9.55 -22.13
CA ASP C 341 37.63 -8.49 -21.80
C ASP C 341 38.27 -8.82 -20.44
N GLN C 342 39.60 -8.86 -20.42
CA GLN C 342 40.39 -9.21 -19.23
C GLN C 342 40.42 -8.08 -18.18
N TYR C 343 40.18 -6.85 -18.61
CA TYR C 343 40.07 -5.74 -17.68
C TYR C 343 38.76 -5.82 -16.90
N LEU C 344 37.74 -6.42 -17.53
CA LEU C 344 36.45 -6.65 -16.90
C LEU C 344 36.31 -7.99 -16.14
N HIS C 345 37.40 -8.48 -15.54
CA HIS C 345 37.32 -9.75 -14.76
C HIS C 345 36.42 -9.70 -13.52
N ARG C 346 36.31 -8.51 -12.91
CA ARG C 346 35.43 -8.35 -11.75
C ARG C 346 34.02 -7.78 -12.07
N PHE C 347 33.73 -7.57 -13.35
CA PHE C 347 32.44 -7.02 -13.81
C PHE C 347 31.24 -7.89 -13.41
N ALA C 348 31.34 -9.18 -13.69
CA ALA C 348 30.30 -10.16 -13.31
C ALA C 348 30.08 -10.24 -11.79
N ALA C 349 31.18 -10.16 -11.05
CA ALA C 349 31.18 -10.16 -9.59
C ALA C 349 30.53 -8.90 -9.01
N TYR C 350 30.75 -7.76 -9.66
CA TYR C 350 30.16 -6.50 -9.19
C TYR C 350 28.64 -6.58 -9.31
N PHE C 351 28.16 -7.08 -10.45
CA PHE C 351 26.72 -7.18 -10.63
C PHE C 351 26.09 -8.39 -9.96
N GLN C 352 26.94 -9.27 -9.43
CA GLN C 352 26.49 -10.32 -8.54
C GLN C 352 26.03 -9.69 -7.24
N GLN C 353 26.76 -8.66 -6.79
CA GLN C 353 26.34 -7.84 -5.66
C GLN C 353 25.18 -6.93 -6.07
N GLY C 354 25.41 -6.11 -7.10
CA GLY C 354 24.41 -5.16 -7.61
C GLY C 354 22.99 -5.70 -7.83
N ASP C 355 22.87 -6.80 -8.56
CA ASP C 355 21.59 -7.41 -8.91
C ASP C 355 21.02 -8.19 -7.70
N MET C 356 21.76 -9.21 -7.23
CA MET C 356 21.33 -10.09 -6.13
C MET C 356 21.03 -9.39 -4.80
N GLU C 357 21.82 -8.38 -4.45
CA GLU C 357 21.56 -7.62 -3.21
C GLU C 357 20.33 -6.70 -3.31
N SER C 358 19.95 -6.35 -4.53
CA SER C 358 18.80 -5.50 -4.85
C SER C 358 17.49 -6.29 -5.01
N ASN C 359 17.51 -7.28 -5.90
CA ASN C 359 16.31 -8.03 -6.30
C ASN C 359 16.14 -9.38 -5.60
N GLY C 360 17.05 -9.71 -4.69
CA GLY C 360 16.92 -10.90 -3.83
C GLY C 360 16.00 -10.63 -2.67
N LYS C 361 14.70 -10.56 -2.98
CA LYS C 361 13.64 -10.15 -2.03
C LYS C 361 12.42 -11.05 -2.20
N TYR C 362 11.54 -11.04 -1.18
CA TYR C 362 10.29 -11.83 -1.22
C TYR C 362 9.03 -11.10 -0.72
N ILE C 363 9.21 -9.90 -0.18
CA ILE C 363 8.13 -9.06 0.36
C ILE C 363 7.86 -7.85 -0.56
N THR C 364 6.59 -7.62 -0.91
CA THR C 364 6.16 -6.48 -1.78
C THR C 364 6.17 -5.12 -1.08
N LYS C 365 5.77 -4.08 -1.83
CA LYS C 365 5.64 -2.69 -1.34
C LYS C 365 4.58 -2.58 -0.24
N SER C 366 3.51 -3.35 -0.37
CA SER C 366 2.43 -3.45 0.64
C SER C 366 2.85 -4.18 1.91
N GLY C 367 3.58 -5.30 1.74
CA GLY C 367 4.01 -6.14 2.86
C GLY C 367 3.70 -7.61 2.70
N THR C 368 2.95 -7.94 1.65
CA THR C 368 2.58 -9.34 1.34
C THR C 368 3.73 -10.09 0.65
N ARG C 369 3.82 -11.39 0.94
CA ARG C 369 4.78 -12.29 0.30
C ARG C 369 4.50 -12.47 -1.18
N VAL C 370 5.55 -12.61 -1.98
CA VAL C 370 5.41 -12.84 -3.43
C VAL C 370 5.05 -14.30 -3.72
N ASP C 371 4.18 -14.47 -4.71
CA ASP C 371 3.81 -15.79 -5.21
C ASP C 371 4.39 -16.05 -6.60
N HIS C 372 5.53 -15.42 -6.87
CA HIS C 372 6.27 -15.49 -8.15
C HIS C 372 7.78 -15.40 -7.88
N GLN C 373 8.59 -15.69 -8.89
CA GLN C 373 10.06 -15.60 -8.78
C GLN C 373 10.56 -14.15 -8.87
N THR C 374 11.52 -13.79 -8.00
CA THR C 374 12.19 -12.48 -8.05
C THR C 374 13.57 -12.57 -8.72
N GLY C 375 14.57 -11.89 -8.18
CA GLY C 375 15.91 -11.77 -8.79
C GLY C 375 16.66 -13.08 -8.98
N PRO C 376 17.46 -13.17 -10.07
CA PRO C 376 18.20 -14.41 -10.34
C PRO C 376 19.55 -14.47 -9.63
N ILE C 377 20.23 -15.62 -9.78
CA ILE C 377 21.60 -15.76 -9.32
C ILE C 377 22.48 -15.29 -10.47
N VAL C 378 23.26 -14.25 -10.20
CA VAL C 378 24.11 -13.65 -11.24
C VAL C 378 25.55 -14.13 -11.04
N TRP C 379 26.15 -14.60 -12.13
CA TRP C 379 27.51 -15.16 -12.10
C TRP C 379 28.15 -15.03 -13.47
N GLY C 380 29.45 -15.29 -13.56
CA GLY C 380 30.17 -15.29 -14.82
C GLY C 380 31.66 -15.08 -14.63
N GLU C 381 32.42 -15.34 -15.69
CA GLU C 381 33.86 -15.10 -15.78
C GLU C 381 34.15 -14.58 -17.20
N PRO C 382 35.26 -13.86 -17.39
CA PRO C 382 35.53 -13.37 -18.73
C PRO C 382 35.82 -14.44 -19.80
N GLY C 383 35.47 -14.13 -21.05
CA GLY C 383 35.87 -14.92 -22.22
C GLY C 383 37.30 -14.58 -22.61
N THR C 384 38.00 -15.50 -23.29
CA THR C 384 37.50 -16.80 -23.76
C THR C 384 37.58 -17.94 -22.74
N ASN C 385 38.30 -17.73 -21.63
CA ASN C 385 38.50 -18.72 -20.56
C ASN C 385 37.30 -19.64 -20.27
N GLY C 386 36.11 -19.05 -20.17
CA GLY C 386 34.89 -19.78 -19.87
C GLY C 386 34.52 -20.88 -20.86
N GLN C 387 34.89 -20.68 -22.14
CA GLN C 387 34.65 -21.66 -23.23
C GLN C 387 35.28 -23.03 -22.97
N HIS C 388 36.42 -23.01 -22.28
CA HIS C 388 37.18 -24.20 -21.90
C HIS C 388 36.73 -24.80 -20.56
N ALA C 389 35.60 -24.32 -20.01
CA ALA C 389 35.16 -24.66 -18.66
C ALA C 389 33.64 -24.80 -18.54
N PHE C 390 32.99 -23.90 -17.79
CA PHE C 390 31.53 -23.92 -17.54
C PHE C 390 30.60 -23.81 -18.75
N TYR C 391 31.12 -23.40 -19.91
CA TYR C 391 30.33 -23.33 -21.14
C TYR C 391 29.80 -24.70 -21.57
N GLN C 392 30.46 -25.77 -21.08
CA GLN C 392 30.03 -27.17 -21.21
C GLN C 392 28.61 -27.38 -20.69
N LEU C 393 28.31 -26.84 -19.50
CA LEU C 393 26.97 -26.92 -18.94
C LEU C 393 25.98 -25.98 -19.65
N ILE C 394 26.50 -24.92 -20.28
CA ILE C 394 25.66 -23.98 -21.04
C ILE C 394 25.22 -24.64 -22.37
N HIS C 395 26.18 -25.29 -23.05
CA HIS C 395 25.97 -25.99 -24.31
C HIS C 395 25.27 -27.35 -24.21
N GLN C 396 25.59 -28.13 -23.17
CA GLN C 396 25.13 -29.53 -23.06
C GLN C 396 24.55 -29.94 -21.70
N GLY C 397 24.39 -28.99 -20.78
CA GLY C 397 23.78 -29.25 -19.47
C GLY C 397 22.27 -29.43 -19.55
N THR C 398 21.62 -29.44 -18.40
CA THR C 398 20.16 -29.61 -18.34
C THR C 398 19.44 -28.37 -17.78
N LYS C 399 20.17 -27.26 -17.72
CA LYS C 399 19.65 -26.00 -17.21
C LYS C 399 19.74 -24.90 -18.25
N MET C 400 18.71 -24.07 -18.30
CA MET C 400 18.66 -22.91 -19.19
C MET C 400 19.31 -21.71 -18.49
N ILE C 401 20.32 -21.13 -19.16
CA ILE C 401 21.06 -19.96 -18.66
C ILE C 401 21.10 -18.87 -19.75
N PRO C 402 20.34 -17.77 -19.56
CA PRO C 402 20.45 -16.65 -20.50
C PRO C 402 21.75 -15.95 -20.26
N CYS C 403 22.52 -15.71 -21.33
CA CYS C 403 23.86 -15.14 -21.21
C CYS C 403 23.94 -13.77 -21.84
N ASP C 404 24.72 -12.90 -21.20
CA ASP C 404 25.01 -11.55 -21.71
C ASP C 404 26.51 -11.51 -22.10
N PHE C 405 26.77 -11.54 -23.40
CA PHE C 405 28.10 -11.46 -23.97
C PHE C 405 28.40 -9.98 -24.24
N LEU C 406 29.57 -9.50 -23.77
CA LEU C 406 30.00 -8.12 -23.93
C LEU C 406 31.43 -8.03 -24.49
N ILE C 407 31.72 -7.09 -25.41
CA ILE C 407 33.08 -6.95 -25.98
C ILE C 407 33.35 -5.56 -26.58
N PRO C 408 34.52 -4.94 -26.26
CA PRO C 408 34.86 -3.73 -27.02
C PRO C 408 35.38 -4.06 -28.42
N VAL C 409 35.07 -3.22 -29.39
CA VAL C 409 35.53 -3.37 -30.78
C VAL C 409 37.03 -3.05 -30.86
N GLN C 410 37.43 -2.00 -30.16
CA GLN C 410 38.83 -1.56 -30.07
C GLN C 410 39.45 -1.99 -28.74
N THR C 411 40.68 -2.49 -28.83
CA THR C 411 41.40 -3.03 -27.68
C THR C 411 42.44 -2.03 -27.19
N GLN C 412 42.71 -2.07 -25.89
CA GLN C 412 43.70 -1.18 -25.27
C GLN C 412 45.11 -1.62 -25.64
N HIS C 413 45.26 -2.88 -26.05
CA HIS C 413 46.54 -3.47 -26.44
C HIS C 413 46.43 -4.20 -27.79
N PRO C 414 46.60 -3.43 -28.91
CA PRO C 414 46.49 -4.03 -30.25
C PRO C 414 47.82 -4.64 -30.70
N ILE C 415 48.38 -5.51 -29.86
CA ILE C 415 49.64 -6.20 -30.12
C ILE C 415 49.49 -7.18 -31.30
N ARG C 416 50.63 -7.48 -31.93
CA ARG C 416 50.75 -8.33 -33.12
C ARG C 416 49.84 -7.87 -34.27
N LYS C 417 49.80 -6.54 -34.47
CA LYS C 417 48.95 -5.86 -35.47
C LYS C 417 47.46 -6.27 -35.38
N GLY C 418 46.95 -6.33 -34.14
CA GLY C 418 45.56 -6.68 -33.86
C GLY C 418 45.18 -8.15 -33.97
N LEU C 419 46.18 -9.05 -33.92
CA LEU C 419 45.92 -10.48 -34.06
C LEU C 419 45.12 -11.08 -32.89
N HIS C 420 45.51 -10.72 -31.66
CA HIS C 420 44.87 -11.24 -30.45
C HIS C 420 43.39 -10.83 -30.36
N HIS C 421 43.10 -9.56 -30.67
CA HIS C 421 41.75 -9.05 -30.60
C HIS C 421 40.83 -9.62 -31.71
N LYS C 422 41.43 -9.87 -32.88
CA LYS C 422 40.73 -10.51 -33.99
C LYS C 422 40.21 -11.90 -33.61
N ILE C 423 41.05 -12.70 -32.94
CA ILE C 423 40.65 -14.02 -32.44
C ILE C 423 39.57 -13.90 -31.35
N LEU C 424 39.77 -12.95 -30.44
CA LEU C 424 38.82 -12.67 -29.34
C LEU C 424 37.44 -12.30 -29.88
N LEU C 425 37.42 -11.45 -30.89
CA LEU C 425 36.19 -11.07 -31.58
C LEU C 425 35.54 -12.24 -32.28
N ALA C 426 36.37 -13.04 -32.98
CA ALA C 426 35.90 -14.24 -33.69
C ALA C 426 35.24 -15.24 -32.74
N ASN C 427 35.87 -15.44 -31.58
CA ASN C 427 35.36 -16.34 -30.56
C ASN C 427 34.05 -15.85 -29.96
N PHE C 428 33.98 -14.54 -29.69
CA PHE C 428 32.79 -13.84 -29.18
C PHE C 428 31.57 -14.12 -30.06
N LEU C 429 31.78 -13.97 -31.37
CA LEU C 429 30.74 -14.13 -32.38
C LEU C 429 30.32 -15.59 -32.53
N ALA C 430 31.31 -16.47 -32.71
CA ALA C 430 31.09 -17.90 -32.93
C ALA C 430 30.33 -18.60 -31.80
N GLN C 431 30.58 -18.18 -30.56
CA GLN C 431 29.97 -18.81 -29.39
C GLN C 431 28.48 -18.52 -29.25
N THR C 432 28.09 -17.26 -29.44
CA THR C 432 26.67 -16.83 -29.37
C THR C 432 25.85 -17.51 -30.48
N GLU C 433 26.48 -17.63 -31.65
CA GLU C 433 25.95 -18.35 -32.81
C GLU C 433 25.73 -19.85 -32.55
N ALA C 434 26.75 -20.52 -32.05
CA ALA C 434 26.69 -21.96 -31.69
C ALA C 434 25.60 -22.29 -30.66
N LEU C 435 25.41 -21.41 -29.69
CA LEU C 435 24.37 -21.55 -28.67
C LEU C 435 22.98 -21.47 -29.29
N MET C 436 22.86 -20.65 -30.33
CA MET C 436 21.64 -20.44 -31.08
C MET C 436 21.31 -21.64 -31.96
N ARG C 437 22.20 -21.94 -32.92
CA ARG C 437 21.97 -23.03 -33.88
C ARG C 437 22.19 -24.45 -33.34
N GLY C 438 23.37 -24.73 -32.79
CA GLY C 438 23.71 -26.05 -32.26
C GLY C 438 24.26 -26.99 -33.33
N LYS C 439 24.11 -28.29 -33.07
CA LYS C 439 24.53 -29.35 -33.99
C LYS C 439 23.56 -30.52 -33.89
N SER C 440 22.83 -30.78 -34.98
CA SER C 440 21.81 -31.84 -35.05
C SER C 440 22.43 -33.24 -35.12
N THR C 441 21.56 -34.25 -35.02
CA THR C 441 21.97 -35.66 -35.11
C THR C 441 22.59 -35.98 -36.47
N GLU C 442 22.03 -35.39 -37.54
CA GLU C 442 22.53 -35.55 -38.91
C GLU C 442 23.85 -34.81 -39.17
N GLU C 443 23.97 -33.59 -38.63
CA GLU C 443 25.18 -32.76 -38.77
C GLU C 443 26.40 -33.39 -38.08
N ALA C 444 26.16 -34.03 -36.93
CA ALA C 444 27.19 -34.75 -36.17
C ALA C 444 27.64 -36.04 -36.86
N ARG C 445 26.69 -36.72 -37.51
CA ARG C 445 26.94 -37.97 -38.23
C ARG C 445 27.83 -37.78 -39.47
N LYS C 446 27.55 -36.70 -40.21
CA LYS C 446 28.31 -36.31 -41.41
C LYS C 446 29.76 -35.93 -41.07
N GLU C 447 29.97 -35.29 -39.92
CA GLU C 447 31.31 -34.87 -39.48
C GLU C 447 32.19 -36.05 -39.04
N LEU C 448 31.58 -37.04 -38.38
CA LEU C 448 32.28 -38.24 -37.91
C LEU C 448 32.66 -39.19 -39.06
N GLN C 449 31.88 -39.16 -40.13
CA GLN C 449 32.11 -39.98 -41.33
C GLN C 449 33.31 -39.47 -42.16
N ALA C 450 33.44 -38.14 -42.27
CA ALA C 450 34.53 -37.50 -43.01
C ALA C 450 35.90 -37.63 -42.32
N ALA C 451 35.89 -37.73 -40.99
CA ALA C 451 37.11 -37.93 -40.19
C ALA C 451 37.62 -39.37 -40.25
N GLY C 452 36.69 -40.33 -40.25
CA GLY C 452 37.01 -41.76 -40.35
C GLY C 452 36.60 -42.54 -39.12
N LYS C 453 35.38 -43.08 -39.14
CA LYS C 453 34.81 -43.89 -38.06
C LYS C 453 33.90 -45.02 -38.56
N SER C 454 34.08 -46.22 -37.99
CA SER C 454 33.29 -47.42 -38.27
C SER C 454 31.82 -47.27 -37.80
N PRO C 455 30.85 -47.90 -38.51
CA PRO C 455 29.41 -47.76 -38.15
C PRO C 455 29.02 -48.16 -36.71
N GLU C 456 29.83 -49.02 -36.08
CA GLU C 456 29.63 -49.48 -34.70
C GLU C 456 30.15 -48.52 -33.64
N ASP C 457 31.27 -47.84 -33.92
CA ASP C 457 31.90 -46.85 -33.04
C ASP C 457 31.27 -45.46 -33.21
N LEU C 458 30.90 -45.13 -34.45
CA LEU C 458 30.25 -43.86 -34.82
C LEU C 458 28.89 -43.66 -34.14
N GLU C 459 28.07 -44.71 -34.11
CA GLU C 459 26.72 -44.64 -33.56
C GLU C 459 26.69 -44.53 -32.03
N ARG C 460 27.66 -45.15 -31.37
CA ARG C 460 27.81 -45.06 -29.90
C ARG C 460 28.27 -43.67 -29.44
N LEU C 461 29.14 -43.06 -30.24
CA LEU C 461 29.71 -41.72 -29.99
C LEU C 461 28.81 -40.55 -30.45
N LEU C 462 27.93 -40.83 -31.43
CA LEU C 462 27.01 -39.85 -32.03
C LEU C 462 26.18 -38.96 -31.07
N PRO C 463 25.41 -39.54 -30.11
CA PRO C 463 24.59 -38.63 -29.27
C PRO C 463 25.41 -37.70 -28.34
N HIS C 464 26.62 -38.13 -27.99
CA HIS C 464 27.52 -37.35 -27.13
C HIS C 464 28.09 -36.08 -27.79
N LYS C 465 28.17 -36.09 -29.13
CA LYS C 465 28.66 -34.92 -29.90
C LYS C 465 27.54 -34.03 -30.51
N VAL C 466 26.30 -34.22 -30.01
CA VAL C 466 25.10 -33.51 -30.47
C VAL C 466 24.74 -32.36 -29.53
N PHE C 467 24.55 -31.18 -30.11
CA PHE C 467 24.23 -29.95 -29.39
C PHE C 467 22.82 -29.49 -29.74
N GLU C 468 21.95 -29.50 -28.73
CA GLU C 468 20.54 -29.17 -28.90
C GLU C 468 20.30 -27.74 -29.41
N GLY C 469 21.16 -26.79 -29.00
CA GLY C 469 21.05 -25.38 -29.43
C GLY C 469 19.91 -24.69 -28.72
N ASN C 470 19.42 -23.61 -29.35
CA ASN C 470 18.24 -22.83 -28.91
C ASN C 470 18.43 -22.22 -27.52
N ARG C 471 19.64 -21.70 -27.29
CA ARG C 471 20.03 -21.07 -26.03
C ARG C 471 20.21 -19.55 -26.25
N PRO C 472 19.49 -18.71 -25.46
CA PRO C 472 19.49 -17.25 -25.72
C PRO C 472 20.73 -16.49 -25.30
N THR C 473 21.20 -15.60 -26.19
CA THR C 473 22.49 -14.91 -26.05
C THR C 473 22.31 -13.45 -26.48
N ASN C 474 22.71 -12.53 -25.60
CA ASN C 474 22.55 -11.07 -25.88
C ASN C 474 23.96 -10.56 -26.09
N SER C 475 24.18 -9.87 -27.21
CA SER C 475 25.51 -9.40 -27.57
C SER C 475 25.57 -7.88 -27.48
N ILE C 476 26.25 -7.41 -26.44
CA ILE C 476 26.47 -5.98 -26.20
C ILE C 476 27.89 -5.59 -26.65
N VAL C 477 27.96 -4.93 -27.81
CA VAL C 477 29.23 -4.53 -28.41
C VAL C 477 29.35 -3.00 -28.32
N PHE C 478 30.52 -2.56 -27.85
CA PHE C 478 30.80 -1.14 -27.66
C PHE C 478 32.13 -0.78 -28.34
N THR C 479 32.33 0.50 -28.63
CA THR C 479 33.45 0.90 -29.48
C THR C 479 34.79 0.62 -28.81
N LYS C 480 34.93 1.09 -27.58
CA LYS C 480 36.15 0.92 -26.79
C LYS C 480 35.77 0.97 -25.33
N LEU C 481 36.49 0.25 -24.48
CA LEU C 481 36.27 0.36 -23.04
C LEU C 481 37.13 1.51 -22.47
N THR C 482 36.50 2.69 -22.45
CA THR C 482 37.07 3.95 -21.99
C THR C 482 36.35 4.30 -20.68
N PRO C 483 36.87 5.28 -19.88
CA PRO C 483 36.14 5.62 -18.66
C PRO C 483 34.66 5.92 -18.90
N PHE C 484 34.38 6.69 -19.95
CA PHE C 484 33.01 7.09 -20.34
C PHE C 484 32.13 5.87 -20.64
N MET C 485 32.62 5.01 -21.53
CA MET C 485 31.86 3.82 -21.95
C MET C 485 31.54 2.89 -20.76
N LEU C 486 32.51 2.71 -19.85
CA LEU C 486 32.30 1.89 -18.66
C LEU C 486 31.17 2.46 -17.79
N GLY C 487 31.22 3.78 -17.57
CA GLY C 487 30.15 4.51 -16.87
C GLY C 487 28.76 4.25 -17.43
N ALA C 488 28.65 4.30 -18.77
CA ALA C 488 27.40 4.02 -19.48
C ALA C 488 26.94 2.58 -19.32
N LEU C 489 27.90 1.64 -19.42
CA LEU C 489 27.64 0.21 -19.26
C LEU C 489 27.19 -0.16 -17.83
N VAL C 490 27.89 0.34 -16.82
CA VAL C 490 27.50 0.10 -15.41
C VAL C 490 26.10 0.67 -15.11
N ALA C 491 25.86 1.93 -15.54
CA ALA C 491 24.58 2.59 -15.34
C ALA C 491 23.42 1.89 -16.07
N MET C 492 23.71 1.35 -17.26
CA MET C 492 22.75 0.56 -18.04
C MET C 492 22.22 -0.62 -17.22
N TYR C 493 23.13 -1.35 -16.57
CA TYR C 493 22.72 -2.48 -15.74
C TYR C 493 22.06 -2.04 -14.43
N GLU C 494 22.55 -0.93 -13.85
CA GLU C 494 21.89 -0.34 -12.68
C GLU C 494 20.39 -0.12 -12.86
N HIS C 495 20.00 0.46 -14.00
CA HIS C 495 18.59 0.70 -14.31
C HIS C 495 17.86 -0.55 -14.75
N LYS C 496 18.60 -1.49 -15.36
CA LYS C 496 18.06 -2.83 -15.70
C LYS C 496 17.51 -3.50 -14.44
N ILE C 497 18.33 -3.46 -13.36
CA ILE C 497 17.96 -3.95 -12.03
C ILE C 497 16.72 -3.21 -11.50
N PHE C 498 16.76 -1.87 -11.58
CA PHE C 498 15.67 -0.98 -11.13
C PHE C 498 14.32 -1.33 -11.76
N VAL C 499 14.29 -1.49 -13.09
CA VAL C 499 13.07 -1.80 -13.83
C VAL C 499 12.48 -3.15 -13.38
N GLN C 500 13.36 -4.15 -13.24
CA GLN C 500 12.97 -5.48 -12.76
C GLN C 500 12.28 -5.47 -11.39
N GLY C 501 12.84 -4.72 -10.46
CA GLY C 501 12.30 -4.61 -9.10
C GLY C 501 10.96 -3.91 -8.99
N ILE C 502 10.70 -3.00 -9.95
CA ILE C 502 9.44 -2.28 -10.02
C ILE C 502 8.33 -3.22 -10.51
N ILE C 503 8.62 -4.01 -11.55
CA ILE C 503 7.72 -5.06 -12.07
C ILE C 503 7.39 -6.10 -10.98
N TRP C 504 8.39 -6.48 -10.18
CA TRP C 504 8.22 -7.45 -9.08
C TRP C 504 7.58 -6.84 -7.82
N ASP C 505 7.44 -5.51 -7.82
CA ASP C 505 6.83 -4.74 -6.71
C ASP C 505 7.65 -4.80 -5.40
N ILE C 506 8.94 -5.07 -5.54
CA ILE C 506 9.86 -5.16 -4.39
C ILE C 506 10.71 -3.90 -4.23
N ASN C 507 11.32 -3.75 -3.05
CA ASN C 507 12.24 -2.65 -2.78
C ASN C 507 13.64 -3.09 -3.20
N SER C 508 14.11 -2.56 -4.33
CA SER C 508 15.44 -2.84 -4.88
C SER C 508 16.57 -2.12 -4.13
N PHE C 509 16.23 -1.43 -3.04
CA PHE C 509 17.20 -0.53 -2.42
C PHE C 509 17.40 -0.75 -0.92
N ASP C 510 16.68 -1.73 -0.35
CA ASP C 510 16.92 -2.19 1.02
C ASP C 510 17.85 -3.41 1.08
N GLN C 511 18.44 -3.67 2.25
CA GLN C 511 19.43 -4.71 2.41
C GLN C 511 19.33 -5.37 3.79
N TRP C 512 18.16 -5.87 4.14
CA TRP C 512 17.89 -6.44 5.46
C TRP C 512 18.68 -7.70 5.85
N GLY C 513 19.13 -8.45 4.82
CA GLY C 513 19.95 -9.63 5.00
C GLY C 513 21.37 -9.29 5.41
N VAL C 514 21.92 -8.24 4.81
CA VAL C 514 23.28 -7.79 5.12
C VAL C 514 23.28 -7.02 6.44
N GLU C 515 22.15 -6.37 6.73
CA GLU C 515 21.97 -5.66 8.01
C GLU C 515 21.86 -6.65 9.16
N LEU C 516 21.25 -7.80 8.89
CA LEU C 516 21.19 -8.94 9.83
C LEU C 516 22.56 -9.55 10.09
N GLY C 517 23.34 -9.71 9.03
CA GLY C 517 24.72 -10.23 9.09
C GLY C 517 25.67 -9.45 9.96
N LYS C 518 25.46 -8.15 10.03
CA LYS C 518 26.29 -7.24 10.84
C LYS C 518 26.04 -7.34 12.35
N GLN C 519 24.96 -8.00 12.73
CA GLN C 519 24.61 -8.21 14.16
C GLN C 519 24.82 -9.64 14.66
N LEU C 520 24.83 -10.62 13.75
CA LEU C 520 24.84 -12.07 14.08
C LEU C 520 26.09 -12.58 14.86
N ALA C 521 27.28 -12.11 14.44
CA ALA C 521 28.55 -12.56 15.00
C ALA C 521 28.75 -12.25 16.48
N LYS C 522 27.96 -11.32 17.01
CA LYS C 522 28.14 -10.80 18.37
C LYS C 522 27.80 -11.82 19.45
N LYS C 523 26.86 -12.73 19.14
CA LYS C 523 26.43 -13.78 20.05
C LYS C 523 27.47 -14.90 20.22
N ILE C 524 28.08 -15.33 19.10
CA ILE C 524 29.09 -16.42 19.06
C ILE C 524 30.49 -15.94 19.47
N GLU C 525 30.81 -14.68 19.19
CA GLU C 525 32.15 -14.10 19.46
C GLU C 525 32.75 -14.32 20.86
N PRO C 526 31.97 -14.09 21.97
CA PRO C 526 32.60 -14.32 23.28
C PRO C 526 32.72 -15.81 23.66
N GLU C 527 31.83 -16.64 23.12
CA GLU C 527 31.82 -18.08 23.38
C GLU C 527 33.00 -18.86 22.76
N LEU C 528 33.77 -18.18 21.90
CA LEU C 528 34.95 -18.77 21.25
C LEU C 528 36.20 -18.71 22.10
N ASP C 529 36.31 -17.72 22.98
CA ASP C 529 37.44 -17.55 23.90
C ASP C 529 37.46 -18.66 24.95
N GLY C 530 38.65 -19.19 25.21
CA GLY C 530 38.86 -20.26 26.19
C GLY C 530 38.92 -21.65 25.58
N SER C 531 38.91 -22.64 26.47
CA SER C 531 38.94 -24.06 26.07
C SER C 531 37.72 -24.84 26.58
N ALA C 532 36.84 -24.14 27.30
CA ALA C 532 35.60 -24.73 27.84
C ALA C 532 34.58 -25.09 26.75
N GLN C 533 33.88 -26.22 26.91
CA GLN C 533 32.86 -26.69 25.97
C GLN C 533 31.64 -25.76 25.93
N VAL C 534 31.07 -25.60 24.75
CA VAL C 534 29.91 -24.71 24.54
C VAL C 534 28.65 -25.56 24.32
N THR C 535 27.56 -25.20 25.02
CA THR C 535 26.26 -25.87 24.88
C THR C 535 25.08 -24.89 24.77
N SER C 536 25.40 -23.60 24.78
CA SER C 536 24.43 -22.49 24.69
C SER C 536 23.67 -22.39 23.35
N HIS C 537 24.21 -22.98 22.30
CA HIS C 537 23.57 -23.02 20.96
C HIS C 537 22.97 -24.38 20.62
N ASP C 538 22.61 -24.58 19.34
CA ASP C 538 22.08 -25.85 18.83
C ASP C 538 23.20 -26.89 18.71
N ALA C 539 22.84 -28.16 18.49
CA ALA C 539 23.81 -29.28 18.40
C ALA C 539 24.93 -29.07 17.35
N SER C 540 24.57 -28.55 16.18
CA SER C 540 25.53 -28.27 15.10
C SER C 540 26.54 -27.19 15.47
N THR C 541 26.05 -26.00 15.84
CA THR C 541 26.87 -24.86 16.24
C THR C 541 27.79 -25.22 17.40
N ASN C 542 27.24 -25.83 18.45
CA ASN C 542 28.01 -26.32 19.62
C ASN C 542 29.18 -27.21 19.23
N GLY C 543 28.88 -28.23 18.42
CA GLY C 543 29.88 -29.19 17.94
C GLY C 543 30.99 -28.54 17.13
N LEU C 544 30.60 -27.57 16.31
CA LEU C 544 31.51 -26.81 15.45
C LEU C 544 32.51 -26.01 16.26
N ILE C 545 32.00 -25.28 17.27
CA ILE C 545 32.82 -24.48 18.20
C ILE C 545 33.81 -25.35 18.97
N ASN C 546 33.33 -26.47 19.50
CA ASN C 546 34.18 -27.44 20.25
C ASN C 546 35.27 -28.06 19.39
N PHE C 547 34.99 -28.26 18.11
CA PHE C 547 36.00 -28.71 17.15
C PHE C 547 37.09 -27.65 16.93
N ILE C 548 36.66 -26.40 16.74
CA ILE C 548 37.51 -25.22 16.59
C ILE C 548 38.43 -25.05 17.82
N LYS C 549 37.83 -25.10 19.01
CA LYS C 549 38.56 -24.99 20.27
C LYS C 549 39.61 -26.08 20.46
N GLN C 550 39.27 -27.29 19.98
CA GLN C 550 40.15 -28.47 20.00
C GLN C 550 41.35 -28.29 19.07
N GLN C 551 41.08 -27.92 17.81
CA GLN C 551 42.09 -27.81 16.77
C GLN C 551 42.96 -26.54 16.85
N ARG C 552 42.56 -25.62 17.73
CA ARG C 552 43.19 -24.32 17.98
C ARG C 552 44.70 -24.33 18.17
N GLU C 553 45.20 -25.25 19.01
CA GLU C 553 46.66 -25.31 19.31
C GLU C 553 47.40 -26.48 18.65
N ALA C 554 46.65 -27.31 17.93
CA ALA C 554 47.15 -28.55 17.33
C ALA C 554 48.31 -28.36 16.32
N ARG C 555 49.44 -29.02 16.57
CA ARG C 555 50.60 -28.91 15.68
C ARG C 555 50.46 -29.87 14.50
N VAL C 556 50.45 -29.31 13.27
CA VAL C 556 50.32 -30.08 12.01
C VAL C 556 51.23 -29.52 10.92
N ALA D 1 16.41 -42.53 -19.39
CA ALA D 1 17.65 -42.67 -18.58
C ALA D 1 17.53 -43.77 -17.53
N ALA D 2 18.66 -44.40 -17.20
CA ALA D 2 18.72 -45.49 -16.21
C ALA D 2 18.41 -45.07 -14.76
N LEU D 3 18.69 -43.81 -14.42
CA LEU D 3 18.45 -43.29 -13.06
C LEU D 3 16.98 -43.21 -12.67
N THR D 4 16.15 -42.68 -13.58
CA THR D 4 14.70 -42.57 -13.35
C THR D 4 14.02 -43.93 -13.20
N ARG D 5 14.61 -44.95 -13.82
CA ARG D 5 14.14 -46.35 -13.78
C ARG D 5 14.51 -47.10 -12.49
N ASP D 6 15.54 -46.63 -11.78
CA ASP D 6 16.05 -47.22 -10.53
C ASP D 6 15.00 -47.28 -9.41
N PRO D 7 14.89 -48.44 -8.69
CA PRO D 7 13.87 -48.58 -7.64
C PRO D 7 14.12 -47.72 -6.40
N GLN D 8 15.40 -47.52 -6.05
CA GLN D 8 15.76 -46.75 -4.86
C GLN D 8 15.58 -45.23 -5.06
N PHE D 9 15.77 -44.79 -6.31
CA PHE D 9 15.54 -43.40 -6.72
C PHE D 9 14.05 -43.06 -6.59
N GLN D 10 13.19 -43.96 -7.07
CA GLN D 10 11.74 -43.79 -7.02
C GLN D 10 11.20 -43.83 -5.58
N LYS D 11 11.87 -44.63 -4.73
CA LYS D 11 11.58 -44.71 -3.29
C LYS D 11 11.90 -43.38 -2.59
N LEU D 12 13.00 -42.76 -3.01
CA LEU D 12 13.46 -41.47 -2.50
C LEU D 12 12.54 -40.32 -2.94
N GLN D 13 12.08 -40.37 -4.20
CA GLN D 13 11.15 -39.39 -4.77
C GLN D 13 9.77 -39.46 -4.10
N GLN D 14 9.37 -40.68 -3.72
CA GLN D 14 8.10 -40.91 -3.05
C GLN D 14 8.10 -40.40 -1.61
N TRP D 15 9.22 -40.58 -0.90
CA TRP D 15 9.40 -40.09 0.47
C TRP D 15 9.38 -38.56 0.52
N TYR D 16 10.09 -37.94 -0.43
CA TYR D 16 10.17 -36.49 -0.59
C TYR D 16 8.80 -35.86 -0.84
N ARG D 17 8.01 -36.50 -1.69
CA ARG D 17 6.66 -36.03 -2.03
C ARG D 17 5.65 -36.12 -0.85
N GLU D 18 5.93 -37.01 0.11
CA GLU D 18 5.06 -37.24 1.27
C GLU D 18 5.49 -36.51 2.55
N HIS D 19 6.81 -36.46 2.80
CA HIS D 19 7.34 -35.89 4.05
C HIS D 19 8.23 -34.64 3.87
N ARG D 20 7.98 -33.87 2.79
CA ARG D 20 8.69 -32.60 2.54
C ARG D 20 8.43 -31.56 3.62
N SER D 21 7.15 -31.41 3.98
CA SER D 21 6.68 -30.43 4.97
C SER D 21 7.18 -30.70 6.40
N GLU D 22 7.45 -31.97 6.71
CA GLU D 22 7.96 -32.38 8.03
C GLU D 22 9.48 -32.19 8.20
N LEU D 23 10.17 -31.74 7.14
CA LEU D 23 11.61 -31.45 7.20
C LEU D 23 11.86 -29.99 7.62
N ASN D 24 11.91 -29.76 8.93
CA ASN D 24 12.20 -28.44 9.48
C ASN D 24 13.39 -28.55 10.42
N LEU D 25 14.43 -27.76 10.13
CA LEU D 25 15.69 -27.81 10.86
C LEU D 25 15.58 -27.46 12.34
N ARG D 26 14.85 -26.40 12.67
CA ARG D 26 14.64 -26.01 14.08
C ARG D 26 13.90 -27.09 14.87
N ARG D 27 12.88 -27.67 14.24
CA ARG D 27 12.09 -28.78 14.80
C ARG D 27 12.92 -30.06 15.01
N LEU D 28 13.88 -30.31 14.11
CA LEU D 28 14.72 -31.51 14.16
C LEU D 28 15.85 -31.45 15.18
N PHE D 29 16.45 -30.27 15.35
CA PHE D 29 17.57 -30.08 16.29
C PHE D 29 17.18 -30.15 17.77
N ASP D 30 15.96 -29.76 18.12
CA ASP D 30 15.46 -29.91 19.50
C ASP D 30 14.71 -31.24 19.73
N ALA D 31 14.59 -32.04 18.67
CA ALA D 31 14.02 -33.39 18.71
C ALA D 31 15.11 -34.44 18.90
N ASN D 32 16.17 -34.34 18.09
CA ASN D 32 17.36 -35.19 18.18
C ASN D 32 18.49 -34.35 18.79
N LYS D 33 18.75 -34.57 20.08
CA LYS D 33 19.78 -33.84 20.84
C LYS D 33 21.21 -34.11 20.34
N ASP D 34 21.42 -35.31 19.79
CA ASP D 34 22.71 -35.75 19.24
C ASP D 34 22.69 -35.79 17.70
N ARG D 35 22.02 -34.82 17.08
CA ARG D 35 21.91 -34.73 15.61
C ARG D 35 23.25 -34.45 14.93
N PHE D 36 24.09 -33.63 15.57
CA PHE D 36 25.43 -33.32 15.09
C PHE D 36 26.26 -34.60 14.99
N ASN D 37 26.27 -35.39 16.07
CA ASN D 37 26.98 -36.67 16.11
C ASN D 37 26.49 -37.65 15.05
N HIS D 38 25.16 -37.71 14.88
CA HIS D 38 24.51 -38.59 13.91
C HIS D 38 24.71 -38.12 12.46
N PHE D 39 24.99 -36.83 12.26
CA PHE D 39 25.19 -36.28 10.91
C PHE D 39 26.47 -35.42 10.77
N SER D 40 27.63 -36.04 11.03
CA SER D 40 28.95 -35.41 10.88
C SER D 40 30.07 -36.45 10.77
N LEU D 41 31.15 -36.05 10.08
CA LEU D 41 32.30 -36.92 9.88
C LEU D 41 33.58 -36.25 10.32
N THR D 42 34.27 -36.89 11.26
CA THR D 42 35.58 -36.44 11.68
C THR D 42 36.63 -37.33 10.98
N LEU D 43 37.45 -36.70 10.15
CA LEU D 43 38.51 -37.35 9.42
C LEU D 43 39.87 -36.90 9.96
N ASN D 44 40.70 -37.85 10.40
CA ASN D 44 42.06 -37.55 10.84
C ASN D 44 43.06 -38.02 9.79
N THR D 45 43.70 -37.06 9.15
CA THR D 45 44.67 -37.33 8.07
C THR D 45 46.08 -37.51 8.62
N ASN D 46 46.27 -37.23 9.91
CA ASN D 46 47.56 -37.18 10.64
C ASN D 46 48.41 -35.96 10.27
N HIS D 47 47.85 -35.11 9.41
CA HIS D 47 48.46 -33.83 9.01
C HIS D 47 47.42 -32.70 9.18
N GLY D 48 46.36 -33.03 9.91
CA GLY D 48 45.26 -32.13 10.23
C GLY D 48 43.96 -32.88 10.22
N HIS D 49 42.97 -32.35 10.93
CA HIS D 49 41.62 -32.93 10.95
C HIS D 49 40.64 -32.20 10.01
N ILE D 50 39.67 -32.95 9.48
CA ILE D 50 38.55 -32.40 8.70
C ILE D 50 37.23 -32.83 9.33
N LEU D 51 36.46 -31.84 9.78
CA LEU D 51 35.08 -32.06 10.23
C LEU D 51 34.13 -31.69 9.08
N VAL D 52 33.38 -32.68 8.61
CA VAL D 52 32.36 -32.46 7.61
C VAL D 52 31.01 -32.54 8.34
N ASP D 53 30.53 -31.38 8.78
CA ASP D 53 29.26 -31.24 9.50
C ASP D 53 28.14 -31.01 8.51
N TYR D 54 27.39 -32.08 8.24
CA TYR D 54 26.27 -32.01 7.31
C TYR D 54 24.92 -32.07 8.04
N SER D 55 24.92 -31.71 9.32
CA SER D 55 23.72 -31.77 10.16
C SER D 55 22.74 -30.63 9.90
N LYS D 56 23.23 -29.51 9.37
CA LYS D 56 22.36 -28.40 8.98
C LYS D 56 21.63 -28.60 7.63
N ASN D 57 21.56 -29.86 7.17
CA ASN D 57 20.89 -30.22 5.91
C ASN D 57 19.48 -30.77 6.13
N LEU D 58 18.68 -30.78 5.06
CA LEU D 58 17.29 -31.23 5.14
C LEU D 58 17.18 -32.76 4.92
N VAL D 59 17.77 -33.48 5.87
CA VAL D 59 17.80 -34.95 5.89
C VAL D 59 17.53 -35.51 7.30
N THR D 60 16.89 -36.67 7.36
CA THR D 60 16.73 -37.46 8.60
C THR D 60 17.50 -38.77 8.47
N GLU D 61 17.32 -39.69 9.43
CA GLU D 61 17.96 -41.01 9.40
C GLU D 61 17.55 -41.81 8.16
N ASP D 62 16.26 -41.76 7.83
CA ASP D 62 15.66 -42.48 6.69
C ASP D 62 16.18 -42.00 5.33
N VAL D 63 16.31 -40.68 5.17
CA VAL D 63 16.77 -40.05 3.91
C VAL D 63 18.19 -40.49 3.56
N MET D 64 19.10 -40.44 4.54
CA MET D 64 20.50 -40.87 4.36
C MET D 64 20.62 -42.35 4.01
N ARG D 65 19.76 -43.17 4.63
CA ARG D 65 19.65 -44.62 4.34
C ARG D 65 19.29 -44.87 2.87
N MET D 66 18.25 -44.17 2.37
CA MET D 66 17.81 -44.27 0.97
C MET D 66 18.82 -43.74 -0.03
N LEU D 67 19.54 -42.67 0.36
CA LEU D 67 20.58 -42.10 -0.49
C LEU D 67 21.78 -43.05 -0.62
N VAL D 68 22.20 -43.66 0.50
CA VAL D 68 23.22 -44.73 0.51
C VAL D 68 22.78 -45.93 -0.37
N ASP D 69 21.49 -46.30 -0.26
CA ASP D 69 20.87 -47.36 -1.07
C ASP D 69 20.95 -47.09 -2.57
N LEU D 70 20.75 -45.83 -2.95
CA LEU D 70 20.88 -45.38 -4.34
C LEU D 70 22.31 -45.50 -4.87
N ALA D 71 23.28 -45.15 -4.02
CA ALA D 71 24.70 -45.29 -4.35
C ALA D 71 25.10 -46.73 -4.68
N LYS D 72 24.55 -47.68 -3.90
CA LYS D 72 24.76 -49.11 -4.11
C LYS D 72 24.04 -49.56 -5.39
N SER D 73 22.77 -49.17 -5.50
CA SER D 73 21.89 -49.47 -6.64
C SER D 73 22.41 -48.98 -7.99
N ARG D 74 23.10 -47.84 -8.00
CA ARG D 74 23.69 -47.29 -9.24
C ARG D 74 25.11 -47.81 -9.51
N GLY D 75 25.67 -48.52 -8.53
CA GLY D 75 26.97 -49.18 -8.67
C GLY D 75 28.14 -48.22 -8.59
N VAL D 76 28.16 -47.43 -7.51
CA VAL D 76 29.20 -46.43 -7.26
C VAL D 76 30.55 -47.10 -6.92
N GLU D 77 30.52 -48.10 -6.04
CA GLU D 77 31.74 -48.82 -5.61
C GLU D 77 32.43 -49.56 -6.76
N ALA D 78 31.62 -50.18 -7.62
CA ALA D 78 32.11 -50.88 -8.80
C ALA D 78 32.78 -49.92 -9.79
N ALA D 79 32.12 -48.79 -10.04
CA ALA D 79 32.62 -47.71 -10.91
C ALA D 79 33.90 -47.07 -10.40
N ARG D 80 33.95 -46.88 -9.08
CA ARG D 80 35.14 -46.37 -8.39
C ARG D 80 36.36 -47.24 -8.66
N GLU D 81 36.18 -48.55 -8.48
CA GLU D 81 37.24 -49.54 -8.72
C GLU D 81 37.74 -49.50 -10.14
N ARG D 82 36.81 -49.42 -11.10
CA ARG D 82 37.14 -49.25 -12.52
C ARG D 82 38.05 -48.06 -12.80
N MET D 83 37.82 -46.93 -12.10
CA MET D 83 38.67 -45.73 -12.20
C MET D 83 40.09 -45.96 -11.64
N PHE D 84 40.16 -46.41 -10.39
CA PHE D 84 41.44 -46.64 -9.69
C PHE D 84 42.27 -47.80 -10.30
N ASN D 85 41.59 -48.77 -10.93
CA ASN D 85 42.26 -49.90 -11.58
C ASN D 85 42.83 -49.58 -12.96
N GLY D 86 42.43 -48.44 -13.54
CA GLY D 86 42.97 -47.97 -14.82
C GLY D 86 42.14 -48.32 -16.04
N GLU D 87 40.90 -48.73 -15.81
CA GLU D 87 39.97 -49.05 -16.89
C GLU D 87 39.50 -47.81 -17.64
N LYS D 88 39.14 -48.00 -18.92
CA LYS D 88 38.75 -46.91 -19.82
C LYS D 88 37.32 -46.40 -19.60
N ILE D 89 37.10 -45.74 -18.47
CA ILE D 89 35.76 -45.23 -18.06
C ILE D 89 35.34 -43.94 -18.78
N ASN D 90 36.30 -43.30 -19.45
CA ASN D 90 36.03 -42.22 -20.39
C ASN D 90 35.82 -42.90 -21.73
N TYR D 91 34.63 -43.49 -21.87
CA TYR D 91 34.27 -44.34 -23.01
C TYR D 91 34.22 -43.60 -24.33
N THR D 92 33.72 -42.37 -24.30
CA THR D 92 33.56 -41.52 -25.49
C THR D 92 34.87 -41.18 -26.20
N GLU D 93 35.96 -41.06 -25.44
CA GLU D 93 37.30 -40.72 -25.97
C GLU D 93 38.24 -41.92 -26.02
N GLY D 94 37.83 -42.99 -25.33
CA GLY D 94 38.61 -44.22 -25.22
C GLY D 94 39.85 -44.01 -24.37
N ARG D 95 39.65 -43.47 -23.17
CA ARG D 95 40.75 -43.11 -22.27
C ARG D 95 40.50 -43.61 -20.86
N ALA D 96 41.57 -43.89 -20.13
CA ALA D 96 41.49 -44.09 -18.69
C ALA D 96 41.29 -42.73 -17.97
N VAL D 97 41.00 -42.78 -16.67
CA VAL D 97 40.82 -41.55 -15.87
C VAL D 97 41.67 -41.70 -14.62
N LEU D 98 42.89 -41.19 -14.68
CA LEU D 98 43.87 -41.49 -13.64
C LEU D 98 44.60 -40.27 -13.09
N HIS D 99 43.83 -39.33 -12.56
CA HIS D 99 44.43 -38.22 -11.82
C HIS D 99 44.95 -38.76 -10.49
N VAL D 100 44.25 -39.79 -9.97
CA VAL D 100 44.63 -40.50 -8.74
C VAL D 100 46.04 -41.14 -8.80
N ALA D 101 46.44 -41.61 -9.99
CA ALA D 101 47.78 -42.16 -10.27
C ALA D 101 48.89 -41.13 -10.12
N LEU D 102 48.61 -39.88 -10.53
CA LEU D 102 49.63 -38.81 -10.50
C LEU D 102 50.11 -38.47 -9.09
N ARG D 103 49.27 -38.76 -8.10
CA ARG D 103 49.53 -38.50 -6.68
C ARG D 103 49.69 -39.80 -5.85
N ASN D 104 49.84 -40.95 -6.52
CA ASN D 104 49.92 -42.26 -5.86
C ASN D 104 51.29 -42.44 -5.19
N ARG D 105 51.34 -42.07 -3.90
CA ARG D 105 52.58 -42.05 -3.11
C ARG D 105 53.03 -43.46 -2.70
N SER D 106 52.06 -44.39 -2.56
CA SER D 106 52.30 -45.81 -2.27
C SER D 106 53.11 -46.49 -3.37
N ASN D 107 52.98 -45.95 -4.59
CA ASN D 107 53.60 -46.46 -5.81
C ASN D 107 53.07 -47.83 -6.26
N THR D 108 51.92 -48.22 -5.69
CA THR D 108 51.19 -49.44 -6.07
C THR D 108 50.83 -49.37 -7.57
N PRO D 109 51.05 -50.48 -8.31
CA PRO D 109 50.91 -50.41 -9.77
C PRO D 109 49.48 -50.17 -10.26
N ILE D 110 49.37 -49.29 -11.27
CA ILE D 110 48.13 -49.00 -11.98
C ILE D 110 48.41 -49.27 -13.46
N LEU D 111 47.62 -50.17 -14.04
CA LEU D 111 47.91 -50.73 -15.36
C LEU D 111 46.98 -50.16 -16.46
N VAL D 112 47.62 -49.50 -17.43
CA VAL D 112 46.98 -48.99 -18.63
C VAL D 112 47.64 -49.70 -19.79
N ASP D 113 46.82 -50.43 -20.56
CA ASP D 113 47.25 -51.28 -21.69
C ASP D 113 48.36 -52.26 -21.29
N GLY D 114 48.14 -52.90 -20.15
CA GLY D 114 49.04 -53.91 -19.58
C GLY D 114 50.37 -53.39 -19.04
N LYS D 115 50.52 -52.07 -18.95
CA LYS D 115 51.78 -51.46 -18.52
C LYS D 115 51.57 -50.49 -17.36
N ASP D 116 52.46 -50.56 -16.37
CA ASP D 116 52.39 -49.70 -15.19
C ASP D 116 52.79 -48.27 -15.57
N VAL D 117 51.89 -47.35 -15.26
CA VAL D 117 52.05 -45.93 -15.58
C VAL D 117 52.96 -45.23 -14.56
N MET D 118 53.01 -45.81 -13.36
CA MET D 118 53.74 -45.26 -12.21
C MET D 118 55.22 -44.89 -12.44
N PRO D 119 56.01 -45.74 -13.14
CA PRO D 119 57.42 -45.36 -13.36
C PRO D 119 57.58 -44.07 -14.18
N GLU D 120 56.68 -43.88 -15.15
CA GLU D 120 56.68 -42.67 -15.96
C GLU D 120 56.17 -41.43 -15.20
N VAL D 121 55.19 -41.64 -14.33
CA VAL D 121 54.66 -40.61 -13.42
C VAL D 121 55.78 -40.07 -12.52
N ASN D 122 56.49 -40.99 -11.85
CA ASN D 122 57.59 -40.66 -10.93
C ASN D 122 58.82 -40.06 -11.64
N LYS D 123 59.03 -40.43 -12.90
CA LYS D 123 60.12 -39.88 -13.72
C LYS D 123 59.91 -38.40 -14.03
N VAL D 124 58.69 -38.02 -14.42
CA VAL D 124 58.34 -36.60 -14.67
C VAL D 124 58.49 -35.78 -13.39
N LEU D 125 58.01 -36.33 -12.27
CA LEU D 125 58.17 -35.70 -10.94
C LEU D 125 59.64 -35.45 -10.55
N ASP D 126 60.51 -36.42 -10.84
CA ASP D 126 61.97 -36.29 -10.63
C ASP D 126 62.55 -35.17 -11.49
N LYS D 127 62.13 -35.11 -12.76
CA LYS D 127 62.53 -34.04 -13.68
C LYS D 127 62.01 -32.68 -13.19
N MET D 128 60.78 -32.67 -12.65
CA MET D 128 60.19 -31.47 -12.05
C MET D 128 61.03 -30.97 -10.85
N LYS D 129 61.29 -31.89 -9.91
CA LYS D 129 62.08 -31.64 -8.69
C LYS D 129 63.45 -31.02 -8.99
N SER D 130 64.17 -31.64 -9.92
CA SER D 130 65.50 -31.20 -10.34
C SER D 130 65.43 -29.81 -10.94
N PHE D 131 64.50 -29.61 -11.87
CA PHE D 131 64.26 -28.32 -12.52
C PHE D 131 63.96 -27.19 -11.50
N CYS D 132 63.02 -27.47 -10.59
CA CYS D 132 62.67 -26.53 -9.50
C CYS D 132 63.86 -26.15 -8.62
N GLN D 133 64.58 -27.16 -8.12
CA GLN D 133 65.80 -26.97 -7.32
C GLN D 133 66.85 -26.14 -8.06
N ARG D 134 67.03 -26.44 -9.35
CA ARG D 134 67.93 -25.65 -10.22
C ARG D 134 67.51 -24.18 -10.40
N VAL D 135 66.21 -23.96 -10.70
CA VAL D 135 65.66 -22.59 -10.89
C VAL D 135 65.60 -21.78 -9.56
N ARG D 136 65.02 -22.37 -8.52
CA ARG D 136 64.83 -21.72 -7.20
C ARG D 136 66.11 -21.33 -6.47
N SER D 137 67.17 -22.13 -6.62
CA SER D 137 68.49 -21.83 -6.03
C SER D 137 69.24 -20.72 -6.77
N GLY D 138 69.37 -20.87 -8.09
CA GLY D 138 70.10 -19.93 -8.95
C GLY D 138 71.02 -20.64 -9.92
N ASP D 139 70.97 -21.99 -9.90
CA ASP D 139 71.77 -22.85 -10.76
C ASP D 139 71.39 -22.67 -12.24
N TRP D 140 70.08 -22.62 -12.51
CA TRP D 140 69.55 -22.30 -13.83
C TRP D 140 69.60 -20.79 -14.03
N LYS D 141 70.44 -20.34 -14.95
CA LYS D 141 70.64 -18.92 -15.22
C LYS D 141 69.97 -18.50 -16.54
N GLY D 142 69.71 -17.21 -16.67
CA GLY D 142 69.18 -16.63 -17.91
C GLY D 142 70.23 -16.45 -18.98
N TYR D 143 69.83 -15.85 -20.10
CA TYR D 143 70.73 -15.64 -21.23
C TYR D 143 71.86 -14.64 -20.94
N THR D 144 71.62 -13.75 -19.98
CA THR D 144 72.61 -12.77 -19.48
C THR D 144 73.26 -13.25 -18.18
N GLY D 145 72.92 -14.48 -17.79
CA GLY D 145 73.43 -15.11 -16.58
C GLY D 145 72.76 -14.67 -15.29
N LYS D 146 71.51 -14.22 -15.40
CA LYS D 146 70.75 -13.71 -14.24
C LYS D 146 69.76 -14.77 -13.74
N THR D 147 69.59 -14.82 -12.42
CA THR D 147 68.69 -15.77 -11.75
C THR D 147 67.22 -15.42 -12.02
N ILE D 148 66.41 -16.44 -12.26
CA ILE D 148 64.97 -16.32 -12.55
C ILE D 148 64.20 -15.73 -11.35
N THR D 149 63.59 -14.56 -11.55
CA THR D 149 62.78 -13.88 -10.53
C THR D 149 61.29 -14.00 -10.83
N ASP D 150 60.98 -14.29 -12.09
CA ASP D 150 59.61 -14.36 -12.57
C ASP D 150 59.33 -15.63 -13.37
N VAL D 151 58.25 -16.33 -12.99
CA VAL D 151 57.73 -17.51 -13.67
C VAL D 151 56.36 -17.18 -14.26
N ILE D 152 56.18 -17.48 -15.55
CA ILE D 152 54.96 -17.12 -16.27
C ILE D 152 54.36 -18.35 -16.91
N ASN D 153 53.14 -18.68 -16.51
CA ASN D 153 52.40 -19.80 -17.07
C ASN D 153 51.47 -19.29 -18.17
N ILE D 154 51.65 -19.85 -19.37
CA ILE D 154 50.79 -19.59 -20.52
C ILE D 154 49.99 -20.85 -20.79
N GLY D 155 48.69 -20.75 -20.55
CA GLY D 155 47.77 -21.89 -20.70
C GLY D 155 46.38 -21.43 -20.36
N ILE D 156 45.36 -22.16 -20.80
CA ILE D 156 43.98 -21.77 -20.59
C ILE D 156 43.18 -22.96 -20.06
N GLY D 157 42.14 -22.69 -19.27
CA GLY D 157 41.26 -23.72 -18.69
C GLY D 157 41.94 -24.60 -17.66
N GLY D 158 41.99 -25.91 -17.94
CA GLY D 158 42.66 -26.90 -17.11
C GLY D 158 44.17 -26.71 -17.08
N SER D 159 44.73 -26.15 -18.15
CA SER D 159 46.15 -25.78 -18.19
C SER D 159 46.45 -24.43 -17.51
N ASP D 160 45.50 -23.95 -16.69
CA ASP D 160 45.60 -22.63 -16.05
C ASP D 160 45.01 -22.56 -14.63
N LEU D 161 43.75 -22.97 -14.48
CA LEU D 161 42.96 -22.65 -13.28
C LEU D 161 43.43 -23.39 -12.03
N GLY D 162 43.85 -24.65 -12.22
CA GLY D 162 44.46 -25.47 -11.18
C GLY D 162 45.67 -24.80 -10.53
N PRO D 163 46.74 -24.54 -11.32
CA PRO D 163 47.94 -23.94 -10.72
C PRO D 163 47.70 -22.52 -10.18
N LEU D 164 46.82 -21.77 -10.83
CA LEU D 164 46.44 -20.42 -10.41
C LEU D 164 45.85 -20.46 -9.02
N MET D 165 44.76 -21.23 -8.86
CA MET D 165 44.10 -21.42 -7.57
C MET D 165 45.06 -21.89 -6.46
N VAL D 166 45.92 -22.87 -6.77
CA VAL D 166 46.84 -23.48 -5.79
C VAL D 166 47.95 -22.51 -5.36
N THR D 167 48.55 -21.80 -6.32
CA THR D 167 49.57 -20.79 -5.99
C THR D 167 49.01 -19.61 -5.18
N GLU D 168 47.76 -19.26 -5.44
CA GLU D 168 47.05 -18.24 -4.67
C GLU D 168 46.73 -18.73 -3.26
N ALA D 169 46.28 -19.99 -3.17
CA ALA D 169 45.97 -20.65 -1.89
C ALA D 169 47.19 -20.89 -0.98
N LEU D 170 48.33 -21.22 -1.58
CA LEU D 170 49.54 -21.53 -0.83
C LEU D 170 50.57 -20.41 -0.85
N LYS D 171 50.12 -19.18 -1.10
CA LYS D 171 50.97 -17.99 -1.15
C LYS D 171 51.96 -17.82 0.02
N PRO D 172 51.55 -18.08 1.30
CA PRO D 172 52.57 -17.87 2.36
C PRO D 172 53.71 -18.91 2.41
N TYR D 173 53.61 -19.94 1.58
CA TYR D 173 54.66 -20.97 1.44
C TYR D 173 55.62 -20.70 0.27
N SER D 174 55.47 -19.54 -0.37
CA SER D 174 56.23 -19.16 -1.56
C SER D 174 57.47 -18.32 -1.28
N SER D 175 57.89 -18.27 -0.01
CA SER D 175 59.10 -17.54 0.37
C SER D 175 60.33 -18.17 -0.28
N GLY D 176 61.12 -17.33 -0.95
CA GLY D 176 62.31 -17.79 -1.70
C GLY D 176 62.01 -18.47 -3.03
N GLY D 177 60.76 -18.32 -3.49
CA GLY D 177 60.34 -18.75 -4.81
C GLY D 177 60.14 -17.55 -5.73
N PRO D 178 60.22 -17.76 -7.06
CA PRO D 178 59.94 -16.66 -7.97
C PRO D 178 58.44 -16.29 -7.97
N ARG D 179 58.12 -15.06 -8.40
CA ARG D 179 56.74 -14.61 -8.57
C ARG D 179 56.08 -15.45 -9.67
N VAL D 180 54.80 -15.79 -9.48
CA VAL D 180 54.04 -16.50 -10.50
C VAL D 180 53.01 -15.62 -11.22
N TRP D 181 52.99 -15.72 -12.54
CA TRP D 181 52.07 -14.97 -13.40
C TRP D 181 51.29 -15.96 -14.25
N TYR D 182 50.02 -15.65 -14.50
CA TYR D 182 49.14 -16.55 -15.23
C TYR D 182 48.43 -15.83 -16.39
N VAL D 183 48.90 -16.15 -17.60
CA VAL D 183 48.34 -15.63 -18.85
C VAL D 183 47.49 -16.75 -19.44
N SER D 184 46.22 -16.45 -19.68
CA SER D 184 45.29 -17.45 -20.18
C SER D 184 44.45 -17.00 -21.37
N ASN D 185 43.74 -15.88 -21.21
CA ASN D 185 42.84 -15.28 -22.23
C ASN D 185 43.56 -14.98 -23.55
N ILE D 186 42.84 -15.13 -24.65
CA ILE D 186 43.38 -14.69 -25.95
C ILE D 186 43.52 -13.16 -25.98
N ASP D 187 42.59 -12.48 -25.29
CA ASP D 187 42.58 -11.03 -25.12
C ASP D 187 43.99 -10.55 -24.84
N GLY D 188 44.51 -9.76 -25.78
CA GLY D 188 45.88 -9.23 -25.74
C GLY D 188 46.23 -8.44 -24.50
N THR D 189 45.20 -7.96 -23.77
CA THR D 189 45.32 -7.33 -22.46
C THR D 189 46.15 -8.20 -21.51
N HIS D 190 45.75 -9.47 -21.39
CA HIS D 190 46.36 -10.42 -20.43
C HIS D 190 47.86 -10.59 -20.63
N ILE D 191 48.26 -10.91 -21.85
CA ILE D 191 49.66 -11.09 -22.22
C ILE D 191 50.43 -9.75 -22.20
N ALA D 192 49.81 -8.68 -22.71
CA ALA D 192 50.44 -7.36 -22.77
C ALA D 192 50.73 -6.71 -21.42
N LYS D 193 49.74 -6.72 -20.52
CA LYS D 193 49.91 -6.15 -19.18
C LYS D 193 50.91 -6.92 -18.30
N THR D 194 51.05 -8.22 -18.59
CA THR D 194 52.05 -9.07 -17.94
C THR D 194 53.48 -8.71 -18.40
N LEU D 195 53.71 -8.79 -19.72
CA LEU D 195 55.04 -8.57 -20.32
C LEU D 195 55.63 -7.19 -20.00
N ALA D 196 54.73 -6.22 -19.83
CA ALA D 196 55.09 -4.85 -19.44
C ALA D 196 55.69 -4.77 -18.03
N GLN D 197 55.46 -5.81 -17.22
CA GLN D 197 55.99 -5.86 -15.85
C GLN D 197 57.23 -6.76 -15.69
N LEU D 198 57.53 -7.55 -16.72
CA LEU D 198 58.64 -8.50 -16.68
C LEU D 198 59.88 -8.00 -17.42
N ASN D 199 61.04 -8.50 -16.97
CA ASN D 199 62.34 -8.32 -17.62
C ASN D 199 62.71 -9.67 -18.28
N PRO D 200 62.98 -9.68 -19.61
CA PRO D 200 63.23 -10.97 -20.29
C PRO D 200 64.52 -11.71 -19.85
N GLU D 201 65.43 -11.00 -19.20
CA GLU D 201 66.68 -11.57 -18.67
C GLU D 201 66.48 -12.52 -17.49
N SER D 202 65.43 -12.24 -16.70
CA SER D 202 65.10 -13.02 -15.49
C SER D 202 63.68 -13.62 -15.50
N SER D 203 63.17 -13.97 -16.67
CA SER D 203 61.81 -14.52 -16.82
C SER D 203 61.77 -15.90 -17.48
N LEU D 204 61.03 -16.83 -16.85
CA LEU D 204 60.83 -18.17 -17.37
C LEU D 204 59.38 -18.38 -17.80
N PHE D 205 59.19 -18.82 -19.04
CA PHE D 205 57.88 -19.03 -19.62
C PHE D 205 57.56 -20.51 -19.69
N ILE D 206 56.35 -20.85 -19.25
CA ILE D 206 55.87 -22.23 -19.23
C ILE D 206 54.67 -22.33 -20.15
N ILE D 207 54.78 -23.15 -21.20
CA ILE D 207 53.69 -23.29 -22.17
C ILE D 207 52.92 -24.56 -21.82
N ALA D 208 51.91 -24.37 -20.97
CA ALA D 208 51.04 -25.43 -20.49
C ALA D 208 49.94 -25.68 -21.50
N SER D 209 50.03 -26.84 -22.17
CA SER D 209 49.03 -27.27 -23.14
C SER D 209 49.13 -28.76 -23.43
N LYS D 210 48.09 -29.49 -23.06
CA LYS D 210 47.97 -30.96 -23.28
C LYS D 210 48.15 -31.33 -24.75
N THR D 211 47.36 -30.69 -25.61
CA THR D 211 47.37 -30.92 -27.07
C THR D 211 48.48 -30.14 -27.78
N PHE D 212 48.87 -29.01 -27.21
CA PHE D 212 49.83 -28.06 -27.82
C PHE D 212 49.37 -27.52 -29.20
N THR D 213 48.04 -27.41 -29.36
CA THR D 213 47.40 -26.91 -30.59
C THR D 213 46.44 -25.74 -30.33
N THR D 214 45.96 -25.63 -29.08
CA THR D 214 44.98 -24.64 -28.62
C THR D 214 45.38 -23.21 -29.00
N GLN D 215 44.46 -22.55 -29.73
CA GLN D 215 44.66 -21.23 -30.32
C GLN D 215 45.16 -20.17 -29.31
N GLU D 216 44.42 -20.00 -28.21
CA GLU D 216 44.75 -19.07 -27.13
C GLU D 216 46.20 -19.21 -26.61
N THR D 217 46.56 -20.43 -26.21
CA THR D 217 47.85 -20.76 -25.63
C THR D 217 48.98 -20.57 -26.64
N ILE D 218 48.83 -21.12 -27.85
CA ILE D 218 49.84 -21.02 -28.92
C ILE D 218 50.10 -19.58 -29.34
N THR D 219 49.02 -18.81 -29.55
CA THR D 219 49.12 -17.39 -29.92
C THR D 219 49.83 -16.58 -28.82
N ASN D 220 49.41 -16.79 -27.57
CA ASN D 220 50.04 -16.15 -26.40
C ASN D 220 51.50 -16.52 -26.23
N ALA D 221 51.81 -17.78 -26.55
CA ALA D 221 53.16 -18.34 -26.49
C ALA D 221 54.06 -17.75 -27.58
N GLU D 222 53.50 -17.58 -28.78
CA GLU D 222 54.21 -16.96 -29.89
C GLU D 222 54.51 -15.48 -29.67
N THR D 223 53.57 -14.78 -29.02
CA THR D 223 53.72 -13.36 -28.68
C THR D 223 54.84 -13.15 -27.66
N ALA D 224 54.85 -13.99 -26.62
CA ALA D 224 55.87 -13.96 -25.58
C ALA D 224 57.26 -14.25 -26.15
N LYS D 225 57.33 -15.26 -27.03
CA LYS D 225 58.56 -15.66 -27.72
C LYS D 225 59.10 -14.54 -28.60
N GLU D 226 58.19 -13.84 -29.30
CA GLU D 226 58.51 -12.69 -30.13
C GLU D 226 58.98 -11.50 -29.27
N TRP D 227 58.32 -11.29 -28.13
CA TRP D 227 58.68 -10.27 -27.14
C TRP D 227 60.07 -10.53 -26.52
N PHE D 228 60.35 -11.80 -26.23
CA PHE D 228 61.64 -12.23 -25.67
C PHE D 228 62.80 -12.05 -26.65
N LEU D 229 62.60 -12.54 -27.89
CA LEU D 229 63.61 -12.46 -28.96
C LEU D 229 63.86 -11.03 -29.47
N GLN D 230 62.94 -10.11 -29.18
CA GLN D 230 63.09 -8.68 -29.47
C GLN D 230 64.16 -7.99 -28.62
N ALA D 231 64.46 -8.59 -27.46
CA ALA D 231 65.47 -8.09 -26.54
C ALA D 231 66.74 -8.95 -26.53
N ALA D 232 66.56 -10.26 -26.69
CA ALA D 232 67.67 -11.24 -26.68
C ALA D 232 68.39 -11.35 -28.02
N LYS D 233 67.63 -11.41 -29.11
CA LYS D 233 68.14 -11.53 -30.50
C LYS D 233 68.88 -12.84 -30.84
N ASP D 234 68.79 -13.83 -29.96
CA ASP D 234 69.50 -15.10 -30.09
C ASP D 234 68.49 -16.27 -29.93
N PRO D 235 68.31 -17.12 -30.99
CA PRO D 235 67.35 -18.24 -30.92
C PRO D 235 67.74 -19.33 -29.91
N SER D 236 69.03 -19.38 -29.55
CA SER D 236 69.59 -20.33 -28.58
C SER D 236 69.18 -20.05 -27.14
N ALA D 237 68.86 -18.78 -26.85
CA ALA D 237 68.42 -18.33 -25.52
C ALA D 237 67.00 -18.81 -25.14
N VAL D 238 66.21 -19.20 -26.15
CA VAL D 238 64.85 -19.75 -25.95
C VAL D 238 64.85 -21.02 -25.06
N ALA D 239 65.92 -21.82 -25.17
CA ALA D 239 66.11 -23.01 -24.35
C ALA D 239 66.40 -22.71 -22.87
N LYS D 240 66.74 -21.45 -22.57
CA LYS D 240 66.97 -20.95 -21.21
C LYS D 240 65.74 -20.30 -20.56
N HIS D 241 64.78 -19.82 -21.38
CA HIS D 241 63.62 -19.07 -20.88
C HIS D 241 62.24 -19.65 -21.23
N PHE D 242 62.21 -20.80 -21.93
CA PHE D 242 60.96 -21.42 -22.36
C PHE D 242 60.95 -22.93 -22.11
N VAL D 243 59.89 -23.40 -21.44
CA VAL D 243 59.65 -24.82 -21.17
C VAL D 243 58.22 -25.17 -21.55
N ALA D 244 57.95 -26.46 -21.82
CA ALA D 244 56.61 -26.89 -22.19
C ALA D 244 56.08 -28.05 -21.35
N LEU D 245 54.78 -28.04 -21.13
CA LEU D 245 54.07 -29.12 -20.45
C LEU D 245 53.03 -29.65 -21.42
N SER D 246 53.30 -30.82 -21.98
CA SER D 246 52.46 -31.39 -23.03
C SER D 246 52.49 -32.92 -23.12
N THR D 247 51.56 -33.45 -23.91
CA THR D 247 51.52 -34.87 -24.32
C THR D 247 52.11 -35.04 -25.74
N ASN D 248 52.01 -33.98 -26.55
CA ASN D 248 52.48 -33.98 -27.93
C ASN D 248 53.95 -33.51 -28.03
N THR D 249 54.83 -34.47 -28.26
CA THR D 249 56.27 -34.24 -28.40
C THR D 249 56.64 -33.52 -29.70
N THR D 250 55.96 -33.87 -30.80
CA THR D 250 56.23 -33.29 -32.12
C THR D 250 55.92 -31.79 -32.14
N LYS D 251 54.73 -31.41 -31.65
CA LYS D 251 54.29 -30.01 -31.61
C LYS D 251 55.19 -29.10 -30.75
N VAL D 252 55.72 -29.64 -29.64
CA VAL D 252 56.64 -28.93 -28.73
C VAL D 252 57.96 -28.56 -29.43
N LYS D 253 58.59 -29.55 -30.07
CA LYS D 253 59.85 -29.35 -30.84
C LYS D 253 59.64 -28.41 -32.03
N GLU D 254 58.49 -28.55 -32.71
CA GLU D 254 58.09 -27.68 -33.82
C GLU D 254 57.98 -26.20 -33.44
N PHE D 255 57.55 -25.94 -32.21
CA PHE D 255 57.43 -24.59 -31.66
C PHE D 255 58.77 -23.89 -31.45
N GLY D 256 59.82 -24.67 -31.18
CA GLY D 256 61.19 -24.14 -30.97
C GLY D 256 61.73 -24.43 -29.58
N ILE D 257 60.96 -25.20 -28.81
CA ILE D 257 61.33 -25.58 -27.46
C ILE D 257 62.20 -26.83 -27.51
N ASP D 258 63.34 -26.74 -26.84
CA ASP D 258 64.31 -27.84 -26.62
C ASP D 258 63.58 -29.10 -26.10
N PRO D 259 63.85 -30.29 -26.70
CA PRO D 259 63.15 -31.52 -26.25
C PRO D 259 63.41 -31.93 -24.79
N GLN D 260 64.49 -31.41 -24.20
CA GLN D 260 64.85 -31.64 -22.79
C GLN D 260 64.19 -30.62 -21.83
N ASN D 261 63.46 -29.65 -22.42
CA ASN D 261 62.69 -28.65 -21.69
C ASN D 261 61.21 -29.00 -21.68
N MET D 262 60.87 -30.25 -21.97
CA MET D 262 59.47 -30.70 -21.94
C MET D 262 59.15 -31.64 -20.77
N PHE D 263 58.05 -31.34 -20.11
CA PHE D 263 57.59 -32.08 -18.96
C PHE D 263 56.30 -32.76 -19.36
N GLU D 264 56.39 -34.07 -19.54
CA GLU D 264 55.34 -34.91 -20.11
C GLU D 264 54.19 -35.20 -19.14
N PHE D 265 53.00 -35.35 -19.72
CA PHE D 265 51.84 -35.98 -19.07
C PHE D 265 51.05 -36.80 -20.12
N TRP D 266 49.89 -37.36 -19.77
CA TRP D 266 49.23 -38.39 -20.60
C TRP D 266 47.76 -38.07 -20.85
N ASP D 267 47.15 -38.79 -21.79
CA ASP D 267 45.74 -38.53 -22.17
C ASP D 267 44.72 -38.88 -21.07
N TRP D 268 45.11 -39.72 -20.13
CA TRP D 268 44.26 -40.05 -18.97
C TRP D 268 44.36 -39.00 -17.84
N VAL D 269 45.06 -37.89 -18.14
CA VAL D 269 45.11 -36.70 -17.30
C VAL D 269 44.21 -35.66 -17.98
N GLY D 270 42.94 -35.60 -17.57
CA GLY D 270 42.01 -34.52 -17.99
C GLY D 270 42.47 -33.16 -17.46
N GLY D 271 42.24 -32.12 -18.27
CA GLY D 271 42.62 -30.74 -17.93
C GLY D 271 42.17 -30.32 -16.55
N ARG D 272 40.88 -30.47 -16.27
CA ARG D 272 40.29 -30.10 -14.97
C ARG D 272 40.71 -30.99 -13.80
N TYR D 273 41.65 -31.90 -14.06
CA TYR D 273 42.26 -32.79 -13.06
C TYR D 273 43.78 -32.86 -13.25
N SER D 274 44.35 -31.86 -13.92
CA SER D 274 45.75 -31.90 -14.33
C SER D 274 46.75 -31.18 -13.41
N LEU D 275 46.27 -30.39 -12.44
CA LEU D 275 47.16 -29.62 -11.55
C LEU D 275 48.22 -30.51 -10.88
N TRP D 276 47.83 -31.76 -10.61
CA TRP D 276 48.66 -32.79 -9.96
C TRP D 276 49.84 -33.27 -10.82
N SER D 277 49.65 -33.24 -12.15
CA SER D 277 50.63 -33.65 -13.17
C SER D 277 51.74 -32.63 -13.39
N ALA D 278 52.28 -32.59 -14.61
CA ALA D 278 53.33 -31.64 -14.99
C ALA D 278 52.79 -30.21 -15.06
N ILE D 279 51.46 -30.10 -15.24
CA ILE D 279 50.73 -28.82 -15.25
C ILE D 279 51.01 -28.01 -13.97
N GLY D 280 51.30 -28.70 -12.87
CA GLY D 280 51.57 -28.07 -11.59
C GLY D 280 53.01 -27.64 -11.39
N LEU D 281 53.77 -27.53 -12.49
CA LEU D 281 55.17 -27.11 -12.41
C LEU D 281 55.32 -25.68 -11.85
N SER D 282 54.37 -24.81 -12.20
CA SER D 282 54.29 -23.44 -11.68
C SER D 282 54.10 -23.41 -10.15
N ILE D 283 53.30 -24.35 -9.63
CA ILE D 283 53.07 -24.53 -8.17
C ILE D 283 54.37 -24.93 -7.50
N ALA D 284 54.98 -25.99 -8.04
CA ALA D 284 56.26 -26.53 -7.54
C ALA D 284 57.42 -25.52 -7.62
N LEU D 285 57.37 -24.62 -8.61
CA LEU D 285 58.37 -23.56 -8.70
C LEU D 285 58.16 -22.47 -7.67
N HIS D 286 56.90 -22.21 -7.33
CA HIS D 286 56.50 -21.11 -6.45
C HIS D 286 56.74 -21.44 -4.97
N VAL D 287 56.20 -22.58 -4.53
CA VAL D 287 56.30 -23.00 -3.13
C VAL D 287 57.33 -24.14 -2.86
N GLY D 288 57.96 -24.64 -3.92
CA GLY D 288 58.96 -25.71 -3.82
C GLY D 288 58.37 -27.09 -4.07
N PHE D 289 59.24 -28.03 -4.45
CA PHE D 289 58.80 -29.40 -4.72
C PHE D 289 58.36 -30.18 -3.48
N ASP D 290 58.91 -29.81 -2.32
CA ASP D 290 58.53 -30.43 -1.03
C ASP D 290 57.06 -30.20 -0.71
N ASN D 291 56.64 -28.94 -0.90
CA ASN D 291 55.24 -28.55 -0.68
C ASN D 291 54.33 -29.11 -1.76
N PHE D 292 54.86 -29.24 -2.98
CA PHE D 292 54.11 -29.88 -4.06
C PHE D 292 53.91 -31.38 -3.81
N GLU D 293 54.92 -32.04 -3.21
CA GLU D 293 54.79 -33.44 -2.76
C GLU D 293 53.71 -33.57 -1.70
N GLN D 294 53.72 -32.64 -0.74
CA GLN D 294 52.72 -32.57 0.32
C GLN D 294 51.30 -32.41 -0.21
N LEU D 295 51.16 -31.59 -1.25
CA LEU D 295 49.89 -31.40 -1.97
C LEU D 295 49.37 -32.71 -2.55
N LEU D 296 50.25 -33.45 -3.20
CA LEU D 296 49.89 -34.75 -3.81
C LEU D 296 49.60 -35.81 -2.75
N SER D 297 50.35 -35.75 -1.65
CA SER D 297 50.19 -36.68 -0.51
C SER D 297 48.84 -36.51 0.17
N GLY D 298 48.38 -35.26 0.26
CA GLY D 298 47.07 -34.92 0.82
C GLY D 298 45.94 -35.47 -0.04
N ALA D 299 46.09 -35.35 -1.35
CA ALA D 299 45.12 -35.88 -2.30
C ALA D 299 45.10 -37.40 -2.21
N HIS D 300 46.29 -37.99 -2.14
CA HIS D 300 46.47 -39.43 -1.97
C HIS D 300 45.71 -39.98 -0.75
N TRP D 301 45.88 -39.32 0.42
CA TRP D 301 45.11 -39.65 1.60
C TRP D 301 43.60 -39.69 1.34
N MET D 302 43.10 -38.67 0.65
CA MET D 302 41.67 -38.57 0.31
C MET D 302 41.20 -39.62 -0.69
N ASP D 303 42.04 -39.93 -1.68
CA ASP D 303 41.77 -41.04 -2.63
C ASP D 303 41.62 -42.34 -1.87
N GLN D 304 42.57 -42.59 -0.95
CA GLN D 304 42.55 -43.79 -0.12
C GLN D 304 41.33 -43.84 0.80
N HIS D 305 40.95 -42.68 1.34
CA HIS D 305 39.77 -42.54 2.17
C HIS D 305 38.52 -42.88 1.37
N PHE D 306 38.41 -42.32 0.17
CA PHE D 306 37.30 -42.56 -0.75
C PHE D 306 37.18 -44.05 -1.14
N ARG D 307 38.32 -44.68 -1.44
CA ARG D 307 38.36 -46.07 -1.88
C ARG D 307 38.05 -47.12 -0.81
N THR D 308 38.48 -46.87 0.43
CA THR D 308 38.40 -47.87 1.51
C THR D 308 37.24 -47.67 2.52
N THR D 309 36.71 -46.46 2.62
CA THR D 309 35.64 -46.17 3.61
C THR D 309 34.24 -46.63 3.13
N PRO D 310 33.46 -47.34 4.00
CA PRO D 310 32.05 -47.65 3.68
C PRO D 310 31.24 -46.40 3.33
N LEU D 311 30.39 -46.53 2.31
CA LEU D 311 29.60 -45.43 1.72
C LEU D 311 28.88 -44.49 2.69
N GLU D 312 28.30 -45.04 3.75
CA GLU D 312 27.57 -44.25 4.77
C GLU D 312 28.47 -43.35 5.66
N LYS D 313 29.78 -43.59 5.63
CA LYS D 313 30.77 -42.78 6.39
C LYS D 313 31.85 -42.16 5.48
N ASN D 314 31.66 -42.30 4.17
CA ASN D 314 32.62 -41.82 3.16
C ASN D 314 32.34 -40.33 2.84
N ALA D 315 33.39 -39.49 2.93
CA ALA D 315 33.22 -38.03 2.79
C ALA D 315 32.74 -37.55 1.41
N PRO D 316 33.50 -37.82 0.31
CA PRO D 316 33.00 -37.38 -1.01
C PRO D 316 31.68 -38.01 -1.39
N VAL D 317 31.44 -39.23 -0.93
CA VAL D 317 30.20 -39.97 -1.19
C VAL D 317 28.99 -39.26 -0.55
N LEU D 318 29.08 -38.93 0.74
CA LEU D 318 28.00 -38.23 1.42
C LEU D 318 27.71 -36.82 0.86
N LEU D 319 28.77 -36.08 0.52
CA LEU D 319 28.63 -34.74 -0.07
C LEU D 319 27.95 -34.78 -1.43
N ALA D 320 28.30 -35.80 -2.20
CA ALA D 320 27.71 -36.05 -3.52
C ALA D 320 26.23 -36.40 -3.41
N LEU D 321 25.89 -37.20 -2.42
CA LEU D 321 24.53 -37.69 -2.25
C LEU D 321 23.58 -36.63 -1.75
N LEU D 322 24.09 -35.70 -0.94
CA LEU D 322 23.32 -34.54 -0.51
C LEU D 322 22.99 -33.65 -1.72
N GLY D 323 23.95 -33.52 -2.65
CA GLY D 323 23.75 -32.84 -3.93
C GLY D 323 22.63 -33.42 -4.78
N ILE D 324 22.62 -34.75 -4.94
CA ILE D 324 21.59 -35.51 -5.68
C ILE D 324 20.20 -35.24 -5.08
N TRP D 325 20.14 -35.24 -3.74
CA TRP D 325 18.92 -34.98 -2.96
C TRP D 325 18.29 -33.60 -3.19
N TYR D 326 19.13 -32.59 -3.45
CA TYR D 326 18.65 -31.22 -3.69
C TYR D 326 18.38 -30.93 -5.17
N ILE D 327 19.19 -31.52 -6.05
CA ILE D 327 19.08 -31.36 -7.51
C ILE D 327 17.87 -32.15 -8.06
N ASN D 328 17.84 -33.45 -7.79
CA ASN D 328 16.82 -34.35 -8.38
C ASN D 328 15.51 -34.46 -7.60
N CYS D 329 15.46 -33.93 -6.38
CA CYS D 329 14.22 -33.87 -5.60
C CYS D 329 13.74 -32.44 -5.36
N PHE D 330 14.55 -31.62 -4.67
CA PHE D 330 14.22 -30.21 -4.39
C PHE D 330 14.22 -29.30 -5.64
N GLY D 331 14.97 -29.68 -6.67
CA GLY D 331 15.03 -28.95 -7.94
C GLY D 331 16.07 -27.84 -8.04
N CYS D 332 16.96 -27.75 -7.05
CA CYS D 332 18.00 -26.72 -6.96
C CYS D 332 18.93 -26.73 -8.17
N GLU D 333 18.96 -25.59 -8.86
CA GLU D 333 19.81 -25.38 -10.03
C GLU D 333 21.26 -25.08 -9.65
N THR D 334 21.46 -24.54 -8.44
CA THR D 334 22.78 -24.03 -8.04
C THR D 334 23.35 -24.73 -6.81
N HIS D 335 24.66 -24.56 -6.64
CA HIS D 335 25.37 -24.99 -5.45
C HIS D 335 26.48 -23.99 -5.16
N ALA D 336 26.43 -23.40 -3.97
CA ALA D 336 27.34 -22.34 -3.57
C ALA D 336 28.49 -22.87 -2.73
N MET D 337 29.70 -22.48 -3.10
CA MET D 337 30.90 -22.85 -2.36
C MET D 337 31.50 -21.58 -1.82
N LEU D 338 31.48 -21.47 -0.48
CA LEU D 338 31.83 -20.22 0.23
C LEU D 338 32.98 -20.43 1.23
N PRO D 339 34.24 -20.30 0.75
CA PRO D 339 35.35 -20.47 1.69
C PRO D 339 35.61 -19.22 2.50
N TYR D 340 35.75 -19.39 3.81
CA TYR D 340 36.05 -18.27 4.72
C TYR D 340 37.55 -18.13 4.84
N ASP D 341 38.17 -17.85 3.70
CA ASP D 341 39.61 -17.79 3.57
C ASP D 341 39.96 -17.01 2.31
N GLN D 342 40.77 -15.99 2.48
CA GLN D 342 41.18 -15.07 1.40
C GLN D 342 42.21 -15.69 0.43
N TYR D 343 42.93 -16.70 0.90
CA TYR D 343 43.84 -17.44 0.02
C TYR D 343 43.05 -18.32 -0.95
N LEU D 344 41.87 -18.74 -0.53
CA LEU D 344 40.96 -19.54 -1.35
C LEU D 344 39.96 -18.69 -2.19
N HIS D 345 40.37 -17.50 -2.65
CA HIS D 345 39.49 -16.69 -3.50
C HIS D 345 39.14 -17.32 -4.87
N ARG D 346 40.06 -18.13 -5.40
CA ARG D 346 39.79 -18.82 -6.66
C ARG D 346 39.27 -20.27 -6.53
N PHE D 347 39.05 -20.72 -5.30
CA PHE D 347 38.57 -22.08 -5.00
C PHE D 347 37.20 -22.38 -5.62
N ALA D 348 36.25 -21.48 -5.41
CA ALA D 348 34.91 -21.59 -6.02
C ALA D 348 34.92 -21.60 -7.55
N ALA D 349 35.79 -20.78 -8.11
CA ALA D 349 35.99 -20.67 -9.55
C ALA D 349 36.61 -21.94 -10.14
N TYR D 350 37.53 -22.56 -9.39
CA TYR D 350 38.16 -23.80 -9.86
C TYR D 350 37.11 -24.91 -9.98
N PHE D 351 36.25 -25.03 -8.95
CA PHE D 351 35.23 -26.05 -8.99
C PHE D 351 34.02 -25.70 -9.82
N GLN D 352 33.98 -24.45 -10.28
CA GLN D 352 33.02 -24.04 -11.28
C GLN D 352 33.40 -24.72 -12.60
N GLN D 353 34.70 -24.80 -12.87
CA GLN D 353 35.23 -25.57 -14.00
C GLN D 353 35.11 -27.07 -13.70
N GLY D 354 35.73 -27.51 -12.60
CA GLY D 354 35.72 -28.92 -12.18
C GLY D 354 34.38 -29.65 -12.22
N ASP D 355 33.37 -29.07 -11.58
CA ASP D 355 32.02 -29.66 -11.48
C ASP D 355 31.25 -29.50 -12.80
N MET D 356 31.03 -28.25 -13.22
CA MET D 356 30.24 -27.93 -14.42
C MET D 356 30.78 -28.50 -15.73
N GLU D 357 32.10 -28.55 -15.89
CA GLU D 357 32.68 -29.14 -17.10
C GLU D 357 32.58 -30.68 -17.14
N SER D 358 32.42 -31.29 -15.96
CA SER D 358 32.28 -32.74 -15.77
C SER D 358 30.82 -33.21 -15.87
N ASN D 359 29.95 -32.61 -15.05
CA ASN D 359 28.56 -33.06 -14.89
C ASN D 359 27.53 -32.22 -15.68
N GLY D 360 28.01 -31.27 -16.48
CA GLY D 360 27.16 -30.53 -17.42
C GLY D 360 26.92 -31.33 -18.69
N LYS D 361 26.10 -32.36 -18.56
CA LYS D 361 25.87 -33.36 -19.63
C LYS D 361 24.38 -33.70 -19.71
N TYR D 362 23.95 -34.30 -20.82
CA TYR D 362 22.54 -34.73 -21.00
C TYR D 362 22.35 -36.13 -21.63
N ILE D 363 23.45 -36.74 -22.07
CA ILE D 363 23.47 -38.07 -22.72
C ILE D 363 24.07 -39.13 -21.77
N THR D 364 23.39 -40.27 -21.60
CA THR D 364 23.85 -41.39 -20.74
C THR D 364 24.99 -42.23 -21.35
N LYS D 365 25.43 -43.25 -20.60
CA LYS D 365 26.46 -44.21 -21.03
C LYS D 365 26.02 -45.01 -22.27
N SER D 366 24.72 -45.33 -22.34
CA SER D 366 24.11 -46.00 -23.49
C SER D 366 24.01 -45.10 -24.73
N GLY D 367 23.60 -43.85 -24.53
CA GLY D 367 23.40 -42.90 -25.61
C GLY D 367 22.06 -42.18 -25.58
N THR D 368 21.17 -42.61 -24.67
CA THR D 368 19.84 -42.01 -24.49
C THR D 368 19.91 -40.70 -23.70
N ARG D 369 19.02 -39.76 -24.06
CA ARG D 369 18.88 -38.48 -23.34
C ARG D 369 18.34 -38.68 -21.94
N VAL D 370 18.79 -37.85 -21.00
CA VAL D 370 18.33 -37.91 -19.62
C VAL D 370 16.96 -37.24 -19.45
N ASP D 371 16.13 -37.87 -18.63
CA ASP D 371 14.82 -37.32 -18.27
C ASP D 371 14.79 -36.81 -16.82
N HIS D 372 15.97 -36.38 -16.35
CA HIS D 372 16.20 -35.86 -14.99
C HIS D 372 17.29 -34.76 -15.03
N GLN D 373 17.45 -34.03 -13.93
CA GLN D 373 18.47 -32.98 -13.83
C GLN D 373 19.89 -33.56 -13.59
N THR D 374 20.89 -33.00 -14.29
CA THR D 374 22.30 -33.36 -14.05
C THR D 374 23.01 -32.30 -13.18
N GLY D 375 24.26 -31.95 -13.52
CA GLY D 375 25.11 -31.07 -12.70
C GLY D 375 24.58 -29.67 -12.45
N PRO D 376 24.86 -29.09 -11.26
CA PRO D 376 24.37 -27.75 -10.95
C PRO D 376 25.28 -26.64 -11.46
N ILE D 377 24.83 -25.40 -11.28
CA ILE D 377 25.66 -24.23 -11.53
C ILE D 377 26.43 -23.96 -10.25
N VAL D 378 27.76 -24.02 -10.33
CA VAL D 378 28.59 -23.85 -9.15
C VAL D 378 29.19 -22.44 -9.16
N TRP D 379 29.06 -21.75 -8.04
CA TRP D 379 29.51 -20.36 -7.91
C TRP D 379 29.82 -20.06 -6.45
N GLY D 380 30.43 -18.91 -6.20
CA GLY D 380 30.72 -18.45 -4.85
C GLY D 380 31.86 -17.46 -4.80
N GLU D 381 31.99 -16.80 -3.65
CA GLU D 381 33.07 -15.87 -3.33
C GLU D 381 33.43 -16.08 -1.86
N PRO D 382 34.67 -15.74 -1.46
CA PRO D 382 35.03 -15.97 -0.06
C PRO D 382 34.25 -15.12 0.96
N GLY D 383 34.07 -15.68 2.16
CA GLY D 383 33.56 -14.95 3.32
C GLY D 383 34.69 -14.12 3.96
N THR D 384 34.35 -13.02 4.65
CA THR D 384 32.97 -12.59 4.97
C THR D 384 32.30 -11.74 3.89
N ASN D 385 33.08 -11.25 2.93
CA ASN D 385 32.60 -10.34 1.85
C ASN D 385 31.20 -10.64 1.32
N GLY D 386 30.91 -11.92 1.06
CA GLY D 386 29.60 -12.33 0.54
C GLY D 386 28.40 -11.96 1.41
N GLN D 387 28.60 -11.92 2.74
CA GLN D 387 27.57 -11.53 3.71
C GLN D 387 26.95 -10.15 3.47
N HIS D 388 27.79 -9.25 2.96
CA HIS D 388 27.46 -7.88 2.63
C HIS D 388 26.90 -7.71 1.20
N ALA D 389 26.63 -8.84 0.53
CA ALA D 389 26.27 -8.85 -0.90
C ALA D 389 25.19 -9.89 -1.24
N PHE D 390 25.56 -10.91 -2.02
CA PHE D 390 24.65 -11.97 -2.48
C PHE D 390 23.96 -12.84 -1.41
N TYR D 391 24.46 -12.80 -0.16
CA TYR D 391 23.84 -13.54 0.95
C TYR D 391 22.40 -13.07 1.22
N GLN D 392 22.09 -11.84 0.78
CA GLN D 392 20.74 -11.26 0.79
C GLN D 392 19.73 -12.15 0.04
N LEU D 393 20.11 -12.64 -1.14
CA LEU D 393 19.27 -13.57 -1.91
C LEU D 393 19.26 -14.98 -1.29
N ILE D 394 20.30 -15.32 -0.54
CA ILE D 394 20.38 -16.62 0.15
C ILE D 394 19.42 -16.62 1.35
N HIS D 395 19.45 -15.53 2.12
CA HIS D 395 18.60 -15.34 3.31
C HIS D 395 17.14 -14.98 3.02
N GLN D 396 16.89 -14.15 2.00
CA GLN D 396 15.57 -13.57 1.75
C GLN D 396 15.07 -13.61 0.30
N GLY D 397 15.81 -14.31 -0.58
CA GLY D 397 15.39 -14.51 -1.97
C GLY D 397 14.27 -15.54 -2.10
N THR D 398 13.99 -15.95 -3.33
CA THR D 398 12.91 -16.92 -3.59
C THR D 398 13.42 -18.26 -4.12
N LYS D 399 14.74 -18.45 -4.05
CA LYS D 399 15.42 -19.62 -4.59
C LYS D 399 16.20 -20.35 -3.51
N MET D 400 16.16 -21.68 -3.56
CA MET D 400 16.91 -22.52 -2.64
C MET D 400 18.32 -22.76 -3.18
N ILE D 401 19.31 -22.41 -2.35
CA ILE D 401 20.74 -22.56 -2.68
C ILE D 401 21.45 -23.33 -1.52
N PRO D 402 21.81 -24.61 -1.76
CA PRO D 402 22.57 -25.34 -0.74
C PRO D 402 23.99 -24.80 -0.75
N CYS D 403 24.50 -24.47 0.44
CA CYS D 403 25.82 -23.85 0.55
C CYS D 403 26.82 -24.77 1.23
N ASP D 404 28.08 -24.70 0.77
CA ASP D 404 29.23 -25.29 1.45
C ASP D 404 30.11 -24.18 2.04
N PHE D 405 30.06 -24.08 3.36
CA PHE D 405 30.90 -23.17 4.13
C PHE D 405 32.16 -23.92 4.55
N LEU D 406 33.33 -23.32 4.30
CA LEU D 406 34.65 -23.92 4.58
C LEU D 406 35.56 -22.95 5.34
N ILE D 407 36.31 -23.42 6.34
CA ILE D 407 37.21 -22.54 7.13
C ILE D 407 38.35 -23.28 7.83
N PRO D 408 39.61 -22.79 7.72
CA PRO D 408 40.63 -23.40 8.58
C PRO D 408 40.52 -22.88 10.02
N VAL D 409 40.83 -23.75 10.98
CA VAL D 409 40.82 -23.41 12.41
C VAL D 409 42.01 -22.50 12.73
N GLN D 410 43.16 -22.83 12.15
CA GLN D 410 44.40 -22.06 12.31
C GLN D 410 44.65 -21.19 11.08
N THR D 411 45.06 -19.94 11.33
CA THR D 411 45.26 -18.97 10.28
C THR D 411 46.75 -18.80 9.98
N GLN D 412 47.06 -18.47 8.73
CA GLN D 412 48.44 -18.25 8.31
C GLN D 412 48.98 -16.93 8.87
N HIS D 413 48.05 -16.03 9.20
CA HIS D 413 48.37 -14.70 9.73
C HIS D 413 47.55 -14.40 11.00
N PRO D 414 48.07 -14.84 12.18
CA PRO D 414 47.35 -14.61 13.44
C PRO D 414 47.70 -13.24 14.03
N ILE D 415 47.49 -12.20 13.22
CA ILE D 415 47.73 -10.80 13.59
C ILE D 415 46.77 -10.36 14.68
N ARG D 416 47.19 -9.34 15.44
CA ARG D 416 46.44 -8.75 16.57
C ARG D 416 46.08 -9.83 17.63
N LYS D 417 47.03 -10.72 17.89
CA LYS D 417 46.87 -11.87 18.82
C LYS D 417 45.64 -12.74 18.52
N GLY D 418 45.44 -13.01 17.23
CA GLY D 418 44.32 -13.83 16.75
C GLY D 418 42.94 -13.17 16.72
N LEU D 419 42.91 -11.84 16.74
CA LEU D 419 41.63 -11.10 16.75
C LEU D 419 40.84 -11.24 15.44
N HIS D 420 41.53 -11.10 14.31
CA HIS D 420 40.90 -11.20 12.99
C HIS D 420 40.29 -12.57 12.71
N HIS D 421 41.03 -13.63 13.07
CA HIS D 421 40.54 -14.99 12.85
C HIS D 421 39.36 -15.37 13.77
N LYS D 422 39.38 -14.82 14.99
CA LYS D 422 38.30 -14.98 15.96
C LYS D 422 36.96 -14.45 15.40
N ILE D 423 37.01 -13.26 14.80
CA ILE D 423 35.83 -12.66 14.15
C ILE D 423 35.39 -13.49 12.94
N LEU D 424 36.37 -13.91 12.12
CA LEU D 424 36.14 -14.73 10.93
C LEU D 424 35.44 -16.04 11.28
N LEU D 425 35.91 -16.68 12.34
CA LEU D 425 35.32 -17.90 12.85
C LEU D 425 33.92 -17.66 13.38
N ALA D 426 33.75 -16.56 14.13
CA ALA D 426 32.44 -16.18 14.70
C ALA D 426 31.40 -15.95 13.60
N ASN D 427 31.83 -15.26 12.54
CA ASN D 427 30.96 -14.99 11.39
C ASN D 427 30.57 -16.25 10.65
N PHE D 428 31.56 -17.14 10.45
CA PHE D 428 31.38 -18.46 9.81
C PHE D 428 30.27 -19.26 10.50
N LEU D 429 30.33 -19.29 11.83
CA LEU D 429 29.39 -20.03 12.67
C LEU D 429 28.01 -19.40 12.68
N ALA D 430 27.96 -18.09 12.95
CA ALA D 430 26.70 -17.34 13.05
C ALA D 430 25.85 -17.35 11.77
N GLN D 431 26.50 -17.37 10.61
CA GLN D 431 25.80 -17.34 9.33
C GLN D 431 25.08 -18.63 9.01
N THR D 432 25.74 -19.77 9.20
CA THR D 432 25.16 -21.11 8.96
C THR D 432 23.98 -21.35 9.90
N GLU D 433 24.12 -20.88 11.14
CA GLU D 433 23.08 -20.91 12.17
C GLU D 433 21.85 -20.07 11.80
N ALA D 434 22.06 -18.80 11.39
CA ALA D 434 21.00 -17.89 10.95
C ALA D 434 20.17 -18.44 9.77
N LEU D 435 20.85 -19.08 8.82
CA LEU D 435 20.21 -19.70 7.66
C LEU D 435 19.32 -20.85 8.07
N MET D 436 19.73 -21.55 9.13
CA MET D 436 19.00 -22.69 9.70
C MET D 436 17.76 -22.21 10.46
N ARG D 437 17.97 -21.43 11.52
CA ARG D 437 16.86 -20.99 12.40
C ARG D 437 16.00 -19.84 11.83
N GLY D 438 16.64 -18.72 11.45
CA GLY D 438 15.92 -17.56 10.93
C GLY D 438 15.41 -16.62 12.02
N LYS D 439 14.38 -15.85 11.66
CA LYS D 439 13.75 -14.88 12.57
C LYS D 439 12.26 -14.78 12.25
N SER D 440 11.43 -15.20 13.21
CA SER D 440 9.96 -15.22 13.06
C SER D 440 9.35 -13.81 13.13
N THR D 441 8.04 -13.74 12.86
CA THR D 441 7.27 -12.49 12.93
C THR D 441 7.28 -11.91 14.34
N GLU D 442 7.17 -12.79 15.35
CA GLU D 442 7.20 -12.40 16.76
C GLU D 442 8.59 -11.97 17.26
N GLU D 443 9.62 -12.69 16.82
CA GLU D 443 11.02 -12.40 17.17
C GLU D 443 11.49 -11.04 16.63
N ALA D 444 11.03 -10.70 15.43
CA ALA D 444 11.31 -9.42 14.78
C ALA D 444 10.58 -8.23 15.44
N ARG D 445 9.36 -8.50 15.91
CA ARG D 445 8.51 -7.51 16.59
C ARG D 445 9.10 -7.07 17.94
N LYS D 446 9.57 -8.05 18.71
CA LYS D 446 10.20 -7.86 20.02
C LYS D 446 11.51 -7.05 19.94
N GLU D 447 12.28 -7.27 18.86
CA GLU D 447 13.55 -6.57 18.64
C GLU D 447 13.37 -5.10 18.28
N LEU D 448 12.35 -4.81 17.46
CA LEU D 448 12.02 -3.44 17.03
C LEU D 448 11.43 -2.58 18.15
N GLN D 449 10.76 -3.23 19.10
CA GLN D 449 10.16 -2.58 20.26
C GLN D 449 11.21 -2.11 21.29
N ALA D 450 12.22 -2.94 21.52
CA ALA D 450 13.33 -2.65 22.44
C ALA D 450 14.26 -1.54 21.96
N ALA D 451 14.39 -1.40 20.63
CA ALA D 451 15.19 -0.33 20.01
C ALA D 451 14.50 1.03 20.05
N GLY D 452 13.17 1.03 19.86
CA GLY D 452 12.36 2.24 19.89
C GLY D 452 11.70 2.57 18.57
N LYS D 453 10.49 2.07 18.38
CA LYS D 453 9.68 2.29 17.16
C LYS D 453 8.17 2.40 17.45
N SER D 454 7.53 3.40 16.82
CA SER D 454 6.08 3.65 16.93
C SER D 454 5.25 2.54 16.26
N PRO D 455 4.03 2.22 16.78
CA PRO D 455 3.19 1.14 16.21
C PRO D 455 2.86 1.25 14.71
N GLU D 456 2.90 2.46 14.17
CA GLU D 456 2.63 2.72 12.74
C GLU D 456 3.84 2.45 11.82
N ASP D 457 5.04 2.77 12.32
CA ASP D 457 6.31 2.57 11.60
C ASP D 457 6.84 1.13 11.77
N LEU D 458 6.63 0.56 12.96
CA LEU D 458 7.05 -0.80 13.32
C LEU D 458 6.36 -1.87 12.47
N GLU D 459 5.05 -1.72 12.27
CA GLU D 459 4.24 -2.71 11.54
C GLU D 459 4.52 -2.71 10.03
N ARG D 460 4.83 -1.55 9.47
CA ARG D 460 5.20 -1.42 8.05
C ARG D 460 6.56 -2.05 7.74
N LEU D 461 7.50 -1.88 8.68
CA LEU D 461 8.87 -2.41 8.60
C LEU D 461 9.01 -3.90 9.00
N LEU D 462 8.08 -4.38 9.84
CA LEU D 462 8.06 -5.76 10.36
C LEU D 462 8.27 -6.92 9.35
N PRO D 463 7.45 -7.01 8.26
CA PRO D 463 7.66 -8.19 7.37
C PRO D 463 8.99 -8.19 6.62
N HIS D 464 9.55 -7.01 6.39
CA HIS D 464 10.83 -6.83 5.69
C HIS D 464 12.05 -7.31 6.48
N LYS D 465 11.94 -7.34 7.81
CA LYS D 465 13.01 -7.81 8.72
C LYS D 465 12.83 -9.27 9.22
N VAL D 466 11.93 -10.00 8.56
CA VAL D 466 11.59 -11.39 8.90
C VAL D 466 12.32 -12.39 7.98
N PHE D 467 12.97 -13.37 8.62
CA PHE D 467 13.76 -14.38 7.95
C PHE D 467 13.12 -15.76 8.10
N GLU D 468 12.70 -16.32 6.98
CA GLU D 468 12.03 -17.63 6.95
C GLU D 468 12.88 -18.79 7.50
N GLY D 469 14.19 -18.72 7.30
CA GLY D 469 15.13 -19.77 7.76
C GLY D 469 15.01 -21.03 6.92
N ASN D 470 15.42 -22.16 7.51
CA ASN D 470 15.32 -23.51 6.93
C ASN D 470 16.10 -23.65 5.60
N ARG D 471 17.30 -23.07 5.59
CA ARG D 471 18.19 -23.09 4.43
C ARG D 471 19.43 -23.95 4.74
N PRO D 472 19.70 -24.99 3.89
CA PRO D 472 20.72 -25.99 4.25
C PRO D 472 22.17 -25.56 4.05
N THR D 473 23.02 -25.95 4.99
CA THR D 473 24.47 -25.75 4.87
C THR D 473 25.31 -26.99 5.23
N ASN D 474 26.49 -27.08 4.61
CA ASN D 474 27.56 -27.96 5.01
C ASN D 474 28.63 -27.07 5.61
N SER D 475 29.12 -27.44 6.78
CA SER D 475 30.24 -26.75 7.40
C SER D 475 31.47 -27.68 7.42
N ILE D 476 32.40 -27.40 6.51
CA ILE D 476 33.66 -28.13 6.38
C ILE D 476 34.80 -27.36 7.08
N VAL D 477 35.18 -27.83 8.26
CA VAL D 477 36.22 -27.21 9.07
C VAL D 477 37.47 -28.10 9.07
N PHE D 478 38.62 -27.48 8.81
CA PHE D 478 39.90 -28.17 8.74
C PHE D 478 40.93 -27.47 9.64
N THR D 479 41.99 -28.18 10.02
CA THR D 479 42.89 -27.66 11.06
C THR D 479 43.62 -26.42 10.57
N LYS D 480 44.25 -26.53 9.40
CA LYS D 480 45.01 -25.43 8.80
C LYS D 480 45.01 -25.64 7.30
N LEU D 481 45.04 -24.57 6.52
CA LEU D 481 45.21 -24.68 5.08
C LEU D 481 46.71 -24.74 4.73
N THR D 482 47.20 -25.98 4.68
CA THR D 482 48.59 -26.33 4.36
C THR D 482 48.58 -26.99 2.98
N PRO D 483 49.77 -27.18 2.33
CA PRO D 483 49.73 -27.87 1.04
C PRO D 483 48.99 -29.20 1.07
N PHE D 484 49.23 -30.00 2.12
CA PHE D 484 48.61 -31.31 2.32
C PHE D 484 47.08 -31.20 2.42
N MET D 485 46.61 -30.35 3.31
CA MET D 485 45.18 -30.18 3.54
C MET D 485 44.43 -29.72 2.27
N LEU D 486 45.03 -28.80 1.53
CA LEU D 486 44.44 -28.34 0.25
C LEU D 486 44.28 -29.51 -0.72
N GLY D 487 45.35 -30.32 -0.87
CA GLY D 487 45.32 -31.55 -1.66
C GLY D 487 44.15 -32.47 -1.32
N ALA D 488 43.94 -32.68 -0.02
CA ALA D 488 42.82 -33.51 0.48
C ALA D 488 41.47 -32.90 0.17
N LEU D 489 41.36 -31.58 0.35
CA LEU D 489 40.13 -30.83 0.07
C LEU D 489 39.76 -30.82 -1.42
N VAL D 490 40.73 -30.53 -2.30
CA VAL D 490 40.51 -30.58 -3.74
C VAL D 490 40.09 -31.98 -4.21
N ALA D 491 40.82 -33.00 -3.76
CA ALA D 491 40.52 -34.41 -4.10
C ALA D 491 39.16 -34.87 -3.59
N MET D 492 38.77 -34.39 -2.41
CA MET D 492 37.43 -34.64 -1.83
C MET D 492 36.33 -34.23 -2.79
N TYR D 493 36.45 -33.01 -3.33
CA TYR D 493 35.45 -32.52 -4.29
C TYR D 493 35.55 -33.22 -5.65
N GLU D 494 36.78 -33.53 -6.08
CA GLU D 494 36.99 -34.32 -7.30
C GLU D 494 36.16 -35.61 -7.33
N HIS D 495 36.19 -36.36 -6.22
CA HIS D 495 35.42 -37.61 -6.11
C HIS D 495 33.95 -37.38 -5.86
N LYS D 496 33.63 -36.25 -5.21
CA LYS D 496 32.22 -35.82 -5.03
C LYS D 496 31.55 -35.69 -6.41
N ILE D 497 32.25 -35.03 -7.34
CA ILE D 497 31.84 -34.89 -8.74
C ILE D 497 31.68 -36.27 -9.40
N PHE D 498 32.71 -37.12 -9.23
CA PHE D 498 32.74 -38.48 -9.77
C PHE D 498 31.52 -39.33 -9.39
N VAL D 499 31.20 -39.35 -8.09
CA VAL D 499 30.07 -40.12 -7.56
C VAL D 499 28.75 -39.63 -8.18
N GLN D 500 28.57 -38.32 -8.25
CA GLN D 500 27.37 -37.70 -8.85
C GLN D 500 27.14 -38.11 -10.30
N GLY D 501 28.21 -38.11 -11.09
CA GLY D 501 28.15 -38.49 -12.50
C GLY D 501 27.83 -39.96 -12.76
N ILE D 502 28.20 -40.82 -11.82
CA ILE D 502 27.93 -42.25 -11.87
C ILE D 502 26.43 -42.51 -11.62
N ILE D 503 25.88 -41.85 -10.60
CA ILE D 503 24.44 -41.87 -10.28
C ILE D 503 23.60 -41.36 -11.47
N TRP D 504 24.07 -40.30 -12.15
CA TRP D 504 23.39 -39.72 -13.31
C TRP D 504 23.62 -40.50 -14.61
N ASP D 505 24.53 -41.48 -14.55
CA ASP D 505 24.90 -42.35 -15.68
C ASP D 505 25.57 -41.62 -16.85
N ILE D 506 26.17 -40.47 -16.55
CA ILE D 506 26.87 -39.65 -17.55
C ILE D 506 28.38 -39.83 -17.50
N ASN D 507 29.07 -39.39 -18.56
CA ASN D 507 30.52 -39.39 -18.63
C ASN D 507 31.04 -38.08 -18.03
N SER D 508 31.58 -38.15 -16.80
CA SER D 508 32.13 -37.00 -16.09
C SER D 508 33.50 -36.58 -16.61
N PHE D 509 33.97 -37.20 -17.69
CA PHE D 509 35.36 -37.00 -18.13
C PHE D 509 35.52 -36.62 -19.58
N ASP D 510 34.40 -36.47 -20.29
CA ASP D 510 34.43 -35.89 -21.66
C ASP D 510 34.11 -34.38 -21.63
N GLN D 511 34.48 -33.68 -22.70
CA GLN D 511 34.29 -32.24 -22.78
C GLN D 511 33.95 -31.79 -24.21
N TRP D 512 32.87 -32.32 -24.75
CA TRP D 512 32.46 -32.04 -26.14
C TRP D 512 32.10 -30.59 -26.48
N GLY D 513 31.70 -29.82 -25.47
CA GLY D 513 31.39 -28.41 -25.61
C GLY D 513 32.62 -27.56 -25.79
N VAL D 514 33.68 -27.88 -25.05
CA VAL D 514 34.95 -27.16 -25.14
C VAL D 514 35.72 -27.60 -26.38
N GLU D 515 35.51 -28.86 -26.77
CA GLU D 515 36.10 -29.41 -28.01
C GLU D 515 35.47 -28.78 -29.23
N LEU D 516 34.16 -28.46 -29.14
CA LEU D 516 33.42 -27.71 -30.16
C LEU D 516 33.94 -26.27 -30.28
N GLY D 517 34.18 -25.63 -29.13
CA GLY D 517 34.70 -24.27 -29.05
C GLY D 517 36.05 -24.05 -29.73
N LYS D 518 36.89 -25.10 -29.72
CA LYS D 518 38.21 -25.06 -30.34
C LYS D 518 38.20 -25.09 -31.88
N GLN D 519 37.05 -25.42 -32.47
CA GLN D 519 36.87 -25.45 -33.93
C GLN D 519 36.04 -24.29 -34.51
N LEU D 520 35.17 -23.68 -33.67
CA LEU D 520 34.19 -22.68 -34.09
C LEU D 520 34.70 -21.38 -34.70
N ALA D 521 35.77 -20.83 -34.13
CA ALA D 521 36.33 -19.53 -34.55
C ALA D 521 36.84 -19.48 -35.99
N LYS D 522 37.09 -20.67 -36.57
CA LYS D 522 37.73 -20.79 -37.88
C LYS D 522 36.86 -20.30 -39.04
N LYS D 523 35.55 -20.43 -38.87
CA LYS D 523 34.57 -20.02 -39.87
C LYS D 523 34.41 -18.48 -39.98
N ILE D 524 34.35 -17.81 -38.82
CA ILE D 524 34.18 -16.36 -38.72
C ILE D 524 35.49 -15.57 -38.92
N GLU D 525 36.62 -16.17 -38.55
CA GLU D 525 37.96 -15.55 -38.64
C GLU D 525 38.34 -14.87 -39.97
N PRO D 526 38.12 -15.53 -41.14
CA PRO D 526 38.51 -14.83 -42.38
C PRO D 526 37.51 -13.73 -42.82
N GLU D 527 36.25 -13.88 -42.41
CA GLU D 527 35.19 -12.93 -42.74
C GLU D 527 35.30 -11.58 -42.03
N LEU D 528 36.20 -11.49 -41.06
CA LEU D 528 36.44 -10.25 -40.30
C LEU D 528 37.41 -9.29 -41.00
N ASP D 529 38.33 -9.84 -41.80
CA ASP D 529 39.29 -9.03 -42.56
C ASP D 529 38.62 -8.23 -43.66
N GLY D 530 39.03 -6.97 -43.80
CA GLY D 530 38.50 -6.05 -44.81
C GLY D 530 37.40 -5.13 -44.32
N SER D 531 36.77 -4.45 -45.26
CA SER D 531 35.67 -3.51 -44.97
C SER D 531 34.36 -3.90 -45.67
N ALA D 532 34.41 -5.00 -46.43
CA ALA D 532 33.24 -5.53 -47.15
C ALA D 532 32.16 -6.10 -46.21
N GLN D 533 30.89 -5.88 -46.56
CA GLN D 533 29.75 -6.39 -45.78
C GLN D 533 29.66 -7.91 -45.81
N VAL D 534 29.24 -8.52 -44.70
CA VAL D 534 29.13 -9.97 -44.57
C VAL D 534 27.66 -10.38 -44.56
N THR D 535 27.31 -11.39 -45.36
CA THR D 535 25.95 -11.94 -45.42
C THR D 535 25.91 -13.48 -45.40
N SER D 536 27.09 -14.08 -45.27
CA SER D 536 27.27 -15.55 -45.22
C SER D 536 26.68 -16.25 -43.98
N HIS D 537 26.44 -15.50 -42.91
CA HIS D 537 25.84 -16.01 -41.68
C HIS D 537 24.37 -15.59 -41.50
N ASP D 538 23.83 -15.80 -40.30
CA ASP D 538 22.46 -15.38 -39.94
C ASP D 538 22.39 -13.85 -39.75
N ALA D 539 21.17 -13.30 -39.66
CA ALA D 539 20.94 -11.84 -39.52
C ALA D 539 21.69 -11.18 -38.35
N SER D 540 21.70 -11.85 -37.19
CA SER D 540 22.38 -11.36 -36.00
C SER D 540 23.91 -11.28 -36.17
N THR D 541 24.52 -12.42 -36.51
CA THR D 541 25.97 -12.53 -36.72
C THR D 541 26.46 -11.53 -37.79
N ASN D 542 25.77 -11.51 -38.95
CA ASN D 542 26.05 -10.57 -40.05
C ASN D 542 26.09 -9.11 -39.58
N GLY D 543 25.03 -8.70 -38.88
CA GLY D 543 24.88 -7.35 -38.37
C GLY D 543 25.97 -6.97 -37.38
N LEU D 544 26.34 -7.93 -36.54
CA LEU D 544 27.38 -7.77 -35.52
C LEU D 544 28.76 -7.51 -36.15
N ILE D 545 29.10 -8.32 -37.16
CA ILE D 545 30.36 -8.20 -37.91
C ILE D 545 30.46 -6.84 -38.62
N ASN D 546 29.37 -6.44 -39.30
CA ASN D 546 29.30 -5.15 -40.00
C ASN D 546 29.42 -3.94 -39.07
N PHE D 547 28.91 -4.09 -37.85
CA PHE D 547 29.08 -3.07 -36.81
C PHE D 547 30.56 -2.95 -36.37
N ILE D 548 31.19 -4.10 -36.14
CA ILE D 548 32.61 -4.23 -35.80
C ILE D 548 33.50 -3.59 -36.89
N LYS D 549 33.24 -3.96 -38.14
CA LYS D 549 33.97 -3.44 -39.30
C LYS D 549 33.84 -1.91 -39.44
N GLN D 550 32.65 -1.40 -39.10
CA GLN D 550 32.34 0.03 -39.09
C GLN D 550 33.10 0.79 -38.01
N GLN D 551 33.04 0.28 -36.77
CA GLN D 551 33.63 0.93 -35.59
C GLN D 551 35.15 0.76 -35.47
N ARG D 552 35.70 -0.10 -36.33
CA ARG D 552 37.13 -0.46 -36.38
C ARG D 552 38.13 0.71 -36.37
N GLU D 553 37.86 1.75 -37.16
CA GLU D 553 38.78 2.91 -37.27
C GLU D 553 38.31 4.18 -36.56
N ALA D 554 37.13 4.11 -35.94
CA ALA D 554 36.50 5.25 -35.25
C ALA D 554 37.34 5.81 -34.08
N ARG D 555 37.58 7.13 -34.12
CA ARG D 555 38.23 7.85 -33.05
C ARG D 555 37.31 8.07 -31.83
N VAL D 556 37.76 7.56 -30.69
CA VAL D 556 37.06 7.70 -29.38
C VAL D 556 38.04 7.95 -28.23
#